data_7KLK
#
_entry.id   7KLK
#
_cell.length_a   53.157
_cell.length_b   281.463
_cell.length_c   67.078
_cell.angle_alpha   90.000
_cell.angle_beta   90.060
_cell.angle_gamma   90.000
#
_symmetry.space_group_name_H-M   'P 1 21 1'
#
loop_
_entity.id
_entity.type
_entity.pdbx_description
1 polymer Arginase-1
2 non-polymer 'MANGANESE (II) ION'
3 non-polymer 3-[(2~{S},3~{R})-2-carboxypiperidin-3-yl]propyl-$l^{3}-oxidanyl-bis(oxidanyl)boranuide
4 non-polymer 1,2-ETHANEDIOL
5 water water
#
_entity_poly.entity_id   1
_entity_poly.type   'polypeptide(L)'
_entity_poly.pdbx_seq_one_letter_code
;MSAKSRTIGIIGAPFSKGQPRGGVEEGPTVLRKAGLLEKLKEQECDVKDYGDLPFADIPNDSPFQIVKNPRSVGKASEQL
AGKVAEVKKNGRISLVLGGDHSLAIGSISGHARVHPDLGVIWVDAHTDINTPLTTTSGNLHGQPVSFLLKELKGKIPDVP
GFSWVTPCISAKDIVYIGLRDVDPGEHYILKTLGIKYFSMTEVDRLGIGKVMEETLSYLLGRKKRPIHLSFDVDGLDPSF
TPATGTPVVGGLTYREGLYITEEIYKTGLLSGLDIMEVNPSLGKTPEEVTRTVNTAVAITLACFGLAREGNHKPIDYLNP
PK
;
_entity_poly.pdbx_strand_id   A,B,C,D,E,F
#
# COMPACT_ATOMS: atom_id res chain seq x y z
N ALA A 3 28.62 39.48 4.74
CA ALA A 3 28.14 38.13 4.48
C ALA A 3 26.89 38.13 3.60
N LYS A 4 26.81 37.19 2.65
CA LYS A 4 25.65 37.11 1.77
C LYS A 4 24.36 36.80 2.55
N SER A 5 24.46 36.11 3.70
CA SER A 5 23.26 35.83 4.51
C SER A 5 22.70 37.07 5.26
N ARG A 6 23.43 38.19 5.24
CA ARG A 6 23.05 39.45 5.84
C ARG A 6 23.12 40.60 4.82
N THR A 7 22.98 40.32 3.51
CA THR A 7 23.05 41.36 2.48
C THR A 7 21.67 41.44 1.92
N ILE A 8 20.98 42.54 2.20
CA ILE A 8 19.54 42.67 2.00
C ILE A 8 19.10 43.81 1.07
N GLY A 9 18.02 43.54 0.34
CA GLY A 9 17.33 44.53 -0.48
C GLY A 9 15.90 44.66 0.02
N ILE A 10 15.57 45.81 0.66
CA ILE A 10 14.23 46.10 1.20
C ILE A 10 13.29 46.53 0.10
N ILE A 11 12.09 45.97 0.08
CA ILE A 11 11.08 46.36 -0.88
C ILE A 11 9.79 46.56 -0.11
N GLY A 12 9.27 47.78 -0.13
CA GLY A 12 7.99 48.06 0.49
C GLY A 12 6.90 47.73 -0.49
N ALA A 13 5.85 47.01 -0.06
CA ALA A 13 4.76 46.66 -0.95
C ALA A 13 3.44 47.10 -0.30
N PRO A 14 3.13 48.40 -0.31
CA PRO A 14 1.90 48.87 0.33
C PRO A 14 0.65 48.54 -0.50
N PHE A 15 0.17 47.30 -0.43
CA PHE A 15 -0.97 46.86 -1.21
C PHE A 15 -1.97 46.11 -0.35
N SER A 16 -3.28 46.38 -0.55
CA SER A 16 -4.36 45.81 0.24
C SER A 16 -5.49 45.17 -0.55
N LYS A 17 -5.47 45.31 -1.88
CA LYS A 17 -6.60 44.86 -2.70
C LYS A 17 -6.70 43.35 -2.92
N GLY A 18 -5.82 42.56 -2.32
CA GLY A 18 -5.99 41.12 -2.29
C GLY A 18 -6.98 40.69 -1.21
N GLN A 19 -7.43 41.63 -0.34
CA GLN A 19 -8.34 41.31 0.77
C GLN A 19 -9.26 42.51 1.09
N PRO A 20 -10.35 42.31 1.86
CA PRO A 20 -11.29 43.43 2.08
C PRO A 20 -11.02 44.37 3.26
N ARG A 21 -10.18 44.02 4.25
CA ARG A 21 -9.97 44.91 5.41
C ARG A 21 -8.88 45.97 5.19
N GLY A 22 -9.28 47.24 5.13
CA GLY A 22 -8.38 48.36 4.93
C GLY A 22 -7.34 48.47 6.04
N GLY A 23 -6.16 48.90 5.67
CA GLY A 23 -5.06 49.14 6.61
C GLY A 23 -3.78 48.35 6.38
N VAL A 24 -3.86 47.20 5.71
CA VAL A 24 -2.69 46.36 5.47
C VAL A 24 -1.66 47.03 4.54
N GLU A 25 -2.07 48.01 3.74
CA GLU A 25 -1.17 48.77 2.90
C GLU A 25 -0.21 49.64 3.78
N GLU A 26 -0.55 49.86 5.08
CA GLU A 26 0.30 50.60 6.02
C GLU A 26 1.38 49.73 6.68
N GLY A 27 1.40 48.43 6.39
CA GLY A 27 2.38 47.47 6.89
C GLY A 27 3.81 47.96 6.72
N PRO A 28 4.23 48.36 5.49
CA PRO A 28 5.60 48.87 5.33
C PRO A 28 5.87 50.13 6.15
N THR A 29 4.90 51.06 6.23
CA THR A 29 5.07 52.29 7.01
C THR A 29 5.37 52.01 8.49
N VAL A 30 4.53 51.18 9.13
CA VAL A 30 4.69 50.92 10.56
C VAL A 30 5.92 50.04 10.81
N LEU A 31 6.29 49.16 9.86
CA LEU A 31 7.51 48.36 10.01
C LEU A 31 8.77 49.24 9.91
N ARG A 32 8.77 50.23 9.01
CA ARG A 32 9.89 51.16 8.89
C ARG A 32 9.93 52.10 10.12
N LYS A 33 8.75 52.54 10.58
CA LYS A 33 8.62 53.43 11.73
C LYS A 33 9.20 52.79 13.00
N ALA A 34 9.05 51.46 13.13
CA ALA A 34 9.59 50.71 14.26
C ALA A 34 11.13 50.52 14.23
N GLY A 35 11.79 51.06 13.23
CA GLY A 35 13.25 51.03 13.16
C GLY A 35 13.87 49.81 12.52
N LEU A 36 13.11 49.06 11.71
CA LEU A 36 13.60 47.85 11.06
C LEU A 36 14.94 47.99 10.32
N LEU A 37 15.04 48.98 9.43
CA LEU A 37 16.27 49.14 8.64
C LEU A 37 17.47 49.49 9.52
N GLU A 38 17.30 50.44 10.45
CA GLU A 38 18.35 50.83 11.40
C GLU A 38 18.76 49.63 12.28
N LYS A 39 17.79 48.85 12.78
CA LYS A 39 18.08 47.66 13.61
C LYS A 39 18.86 46.62 12.82
N LEU A 40 18.54 46.44 11.52
CA LEU A 40 19.28 45.50 10.68
C LEU A 40 20.71 45.97 10.51
N LYS A 41 20.93 47.28 10.28
CA LYS A 41 22.30 47.80 10.13
C LYS A 41 23.14 47.58 11.40
N GLU A 42 22.54 47.78 12.59
CA GLU A 42 23.20 47.54 13.89
C GLU A 42 23.66 46.09 14.10
N GLN A 43 23.06 45.18 13.35
CA GLN A 43 23.27 43.75 13.38
C GLN A 43 24.26 43.28 12.28
N GLU A 44 25.09 44.20 11.76
CA GLU A 44 26.08 43.94 10.71
C GLU A 44 25.48 43.54 9.37
N CYS A 45 24.30 44.11 9.02
CA CYS A 45 23.68 43.83 7.71
C CYS A 45 24.03 44.92 6.69
N ASP A 46 24.07 44.55 5.42
CA ASP A 46 24.32 45.46 4.30
C ASP A 46 22.94 45.68 3.71
N VAL A 47 22.33 46.80 4.06
CA VAL A 47 20.97 47.09 3.68
C VAL A 47 20.86 48.11 2.54
N LYS A 48 20.19 47.73 1.46
CA LYS A 48 19.88 48.64 0.35
C LYS A 48 18.35 48.75 0.32
N ASP A 49 17.82 49.97 0.38
CA ASP A 49 16.39 50.19 0.41
C ASP A 49 15.88 50.55 -0.97
N TYR A 50 15.20 49.60 -1.62
CA TYR A 50 14.65 49.82 -2.95
C TYR A 50 13.38 50.69 -2.96
N GLY A 51 12.93 51.13 -1.79
CA GLY A 51 11.78 52.02 -1.62
C GLY A 51 10.46 51.29 -1.54
N ASP A 52 9.38 52.05 -1.51
CA ASP A 52 8.02 51.54 -1.51
C ASP A 52 7.47 51.58 -2.92
N LEU A 53 6.98 50.43 -3.40
CA LEU A 53 6.44 50.37 -4.76
C LEU A 53 5.23 51.26 -4.93
N PRO A 54 5.19 52.05 -6.00
CA PRO A 54 4.01 52.87 -6.27
C PRO A 54 2.97 52.00 -6.97
N PHE A 55 1.89 51.65 -6.28
CA PHE A 55 0.84 50.84 -6.89
C PHE A 55 -0.22 51.78 -7.44
N ALA A 56 -0.20 52.00 -8.75
CA ALA A 56 -1.15 52.92 -9.37
C ALA A 56 -2.55 52.33 -9.39
N ASP A 57 -3.56 53.15 -9.10
CA ASP A 57 -4.94 52.67 -9.05
C ASP A 57 -5.47 52.31 -10.42
N ILE A 58 -6.27 51.26 -10.50
CA ILE A 58 -6.85 50.83 -11.76
C ILE A 58 -8.34 51.08 -11.78
N PRO A 59 -8.79 52.02 -12.64
CA PRO A 59 -10.23 52.30 -12.70
C PRO A 59 -11.01 51.16 -13.35
N ASN A 60 -12.21 50.87 -12.85
CA ASN A 60 -13.08 49.85 -13.44
C ASN A 60 -12.48 48.45 -13.34
N ASP A 61 -11.86 48.13 -12.19
CA ASP A 61 -11.30 46.79 -12.01
C ASP A 61 -12.44 45.86 -11.58
N SER A 62 -13.20 45.46 -12.57
CA SER A 62 -14.36 44.60 -12.43
C SER A 62 -13.92 43.23 -11.97
N PRO A 63 -14.75 42.58 -11.17
CA PRO A 63 -14.38 41.25 -10.68
C PRO A 63 -14.39 40.17 -11.76
N PHE A 64 -13.60 39.14 -11.54
CA PHE A 64 -13.57 37.97 -12.42
C PHE A 64 -14.44 37.00 -11.65
N GLN A 65 -15.71 36.81 -12.08
CA GLN A 65 -16.70 36.02 -11.35
C GLN A 65 -16.89 36.73 -9.97
N ILE A 66 -16.53 36.04 -8.85
CA ILE A 66 -16.55 36.52 -7.48
C ILE A 66 -15.18 37.12 -7.04
N VAL A 67 -14.09 36.84 -7.80
CA VAL A 67 -12.73 37.26 -7.48
C VAL A 67 -12.57 38.79 -7.60
N LYS A 68 -12.24 39.45 -6.48
CA LYS A 68 -12.15 40.90 -6.38
C LYS A 68 -10.81 41.50 -6.77
N ASN A 69 -10.88 42.69 -7.37
CA ASN A 69 -9.72 43.47 -7.82
C ASN A 69 -8.68 42.63 -8.57
N PRO A 70 -9.07 41.80 -9.57
CA PRO A 70 -8.05 40.97 -10.24
C PRO A 70 -6.94 41.77 -10.93
N ARG A 71 -7.29 42.82 -11.69
CA ARG A 71 -6.25 43.60 -12.39
C ARG A 71 -5.26 44.25 -11.45
N SER A 72 -5.76 44.82 -10.35
CA SER A 72 -4.97 45.52 -9.33
C SER A 72 -3.99 44.52 -8.67
N VAL A 73 -4.51 43.35 -8.23
CA VAL A 73 -3.70 42.31 -7.60
C VAL A 73 -2.67 41.76 -8.56
N GLY A 74 -3.09 41.52 -9.79
CA GLY A 74 -2.18 41.00 -10.81
C GLY A 74 -1.08 41.97 -11.15
N LYS A 75 -1.42 43.24 -11.30
CA LYS A 75 -0.42 44.27 -11.59
C LYS A 75 0.54 44.49 -10.44
N ALA A 76 0.02 44.52 -9.18
CA ALA A 76 0.93 44.75 -8.04
C ALA A 76 1.95 43.60 -7.92
N SER A 77 1.51 42.36 -8.17
CA SER A 77 2.41 41.22 -8.15
C SER A 77 3.35 41.27 -9.35
N GLU A 78 2.89 41.75 -10.51
CA GLU A 78 3.76 41.85 -11.69
C GLU A 78 4.93 42.81 -11.43
N GLN A 79 4.63 43.97 -10.85
CA GLN A 79 5.63 44.99 -10.49
C GLN A 79 6.58 44.45 -9.45
N LEU A 80 6.04 43.75 -8.44
CA LEU A 80 6.83 43.18 -7.38
C LEU A 80 7.77 42.12 -7.92
N ALA A 81 7.31 41.26 -8.85
CA ALA A 81 8.15 40.21 -9.43
C ALA A 81 9.40 40.82 -10.08
N GLY A 82 9.21 41.92 -10.84
CA GLY A 82 10.26 42.65 -11.53
C GLY A 82 11.23 43.28 -10.55
N LYS A 83 10.71 43.81 -9.45
CA LYS A 83 11.55 44.42 -8.42
C LYS A 83 12.34 43.35 -7.65
N VAL A 84 11.72 42.22 -7.35
CA VAL A 84 12.41 41.14 -6.62
C VAL A 84 13.52 40.53 -7.47
N ALA A 85 13.27 40.36 -8.77
CA ALA A 85 14.27 39.85 -9.70
C ALA A 85 15.48 40.80 -9.76
N GLU A 86 15.20 42.10 -9.75
CA GLU A 86 16.21 43.15 -9.70
C GLU A 86 17.08 42.99 -8.41
N VAL A 87 16.45 42.80 -7.23
CA VAL A 87 17.19 42.62 -5.97
C VAL A 87 18.08 41.39 -6.05
N LYS A 88 17.52 40.27 -6.53
CA LYS A 88 18.24 39.00 -6.66
C LYS A 88 19.40 39.08 -7.63
N LYS A 89 19.26 39.87 -8.69
CA LYS A 89 20.36 40.05 -9.66
C LYS A 89 21.53 40.85 -9.06
N ASN A 90 21.23 41.74 -8.11
CA ASN A 90 22.21 42.54 -7.40
C ASN A 90 22.90 41.75 -6.23
N GLY A 91 22.60 40.46 -6.10
CA GLY A 91 23.19 39.60 -5.08
C GLY A 91 22.68 39.85 -3.67
N ARG A 92 21.43 40.31 -3.55
CA ARG A 92 20.84 40.57 -2.23
C ARG A 92 19.70 39.64 -1.92
N ILE A 93 19.45 39.41 -0.62
CA ILE A 93 18.27 38.69 -0.19
C ILE A 93 17.11 39.70 -0.30
N SER A 94 16.01 39.35 -1.00
CA SER A 94 14.86 40.27 -1.10
C SER A 94 14.05 40.20 0.19
N LEU A 95 13.70 41.37 0.77
CA LEU A 95 12.88 41.45 1.98
C LEU A 95 11.68 42.31 1.58
N VAL A 96 10.55 41.63 1.37
CA VAL A 96 9.29 42.23 1.00
C VAL A 96 8.45 42.55 2.24
N LEU A 97 8.14 43.84 2.43
CA LEU A 97 7.30 44.27 3.53
C LEU A 97 5.88 44.48 3.01
N GLY A 98 5.00 43.56 3.37
CA GLY A 98 3.61 43.65 2.93
C GLY A 98 2.79 44.57 3.81
N GLY A 99 1.56 44.87 3.41
CA GLY A 99 0.95 44.32 2.21
C GLY A 99 0.29 42.97 2.46
N ASP A 100 -0.80 42.67 1.71
CA ASP A 100 -1.50 41.38 1.85
C ASP A 100 -0.75 40.23 1.15
N HIS A 101 -1.10 38.98 1.46
CA HIS A 101 -0.36 37.82 0.96
C HIS A 101 -0.53 37.49 -0.51
N SER A 102 -1.43 38.18 -1.24
CA SER A 102 -1.52 37.96 -2.71
C SER A 102 -0.18 38.32 -3.39
N LEU A 103 0.59 39.24 -2.77
CA LEU A 103 1.90 39.68 -3.24
C LEU A 103 2.93 38.55 -3.30
N ALA A 104 2.68 37.42 -2.61
CA ALA A 104 3.59 36.28 -2.69
C ALA A 104 3.66 35.74 -4.14
N ILE A 105 2.60 35.97 -4.98
CA ILE A 105 2.66 35.60 -6.40
C ILE A 105 3.87 36.30 -7.08
N GLY A 106 3.97 37.62 -6.87
CA GLY A 106 5.04 38.44 -7.41
C GLY A 106 6.36 38.14 -6.75
N SER A 107 6.42 38.05 -5.40
CA SER A 107 7.68 37.78 -4.70
C SER A 107 8.35 36.45 -5.11
N ILE A 108 7.59 35.35 -5.12
CA ILE A 108 8.12 34.02 -5.45
C ILE A 108 8.45 33.90 -6.94
N SER A 109 7.60 34.49 -7.80
CA SER A 109 7.82 34.50 -9.24
C SER A 109 9.11 35.24 -9.60
N GLY A 110 9.34 36.42 -9.01
CA GLY A 110 10.54 37.20 -9.28
C GLY A 110 11.79 36.53 -8.75
N HIS A 111 11.66 35.87 -7.61
CA HIS A 111 12.79 35.15 -7.00
C HIS A 111 13.17 33.93 -7.87
N ALA A 112 12.15 33.25 -8.42
CA ALA A 112 12.34 32.07 -9.27
C ALA A 112 12.92 32.42 -10.65
N ARG A 113 12.69 33.65 -11.14
CA ARG A 113 13.31 34.08 -12.39
C ARG A 113 14.85 34.08 -12.27
N VAL A 114 15.40 34.36 -11.06
CA VAL A 114 16.83 34.35 -10.85
C VAL A 114 17.31 33.00 -10.29
N HIS A 115 16.56 32.39 -9.37
CA HIS A 115 16.90 31.10 -8.76
C HIS A 115 15.73 30.13 -8.92
N PRO A 116 15.66 29.43 -10.07
CA PRO A 116 14.53 28.53 -10.32
C PRO A 116 14.45 27.30 -9.40
N ASP A 117 15.56 26.92 -8.80
CA ASP A 117 15.65 25.79 -7.90
C ASP A 117 15.27 26.11 -6.46
N LEU A 118 14.65 27.27 -6.17
CA LEU A 118 14.31 27.62 -4.78
C LEU A 118 13.25 26.69 -4.13
N GLY A 119 13.26 26.68 -2.80
CA GLY A 119 12.32 25.93 -1.97
C GLY A 119 11.53 26.93 -1.14
N VAL A 120 10.22 26.68 -0.93
CA VAL A 120 9.40 27.64 -0.20
C VAL A 120 8.99 27.11 1.16
N ILE A 121 9.20 27.89 2.24
CA ILE A 121 8.69 27.62 3.59
C ILE A 121 7.58 28.66 3.76
N TRP A 122 6.33 28.19 3.96
CA TRP A 122 5.17 29.07 4.06
C TRP A 122 4.61 29.04 5.46
N VAL A 123 4.86 30.06 6.25
CA VAL A 123 4.40 30.12 7.66
C VAL A 123 3.12 30.89 7.73
N ASP A 124 2.02 30.21 8.16
CA ASP A 124 0.71 30.85 8.06
C ASP A 124 -0.33 29.98 8.77
N ALA A 125 -1.42 30.59 9.29
CA ALA A 125 -2.53 29.79 9.80
C ALA A 125 -3.29 29.10 8.59
N HIS A 126 -3.08 29.61 7.39
CA HIS A 126 -3.80 29.29 6.16
C HIS A 126 -2.92 28.80 5.02
N THR A 127 -3.46 27.91 4.16
CA THR A 127 -2.73 27.40 3.00
C THR A 127 -2.70 28.40 1.83
N ASP A 128 -3.69 29.32 1.72
CA ASP A 128 -3.75 30.30 0.62
C ASP A 128 -3.67 29.63 -0.75
N ILE A 129 -4.32 28.48 -0.85
CA ILE A 129 -4.20 27.67 -2.06
C ILE A 129 -5.52 27.51 -2.80
N ASN A 130 -6.52 28.38 -2.50
CA ASN A 130 -7.77 28.35 -3.26
C ASN A 130 -7.47 28.82 -4.68
N THR A 131 -8.20 28.31 -5.66
CA THR A 131 -8.01 28.76 -7.03
C THR A 131 -9.11 29.80 -7.27
N PRO A 132 -9.03 30.56 -8.38
CA PRO A 132 -10.12 31.50 -8.69
C PRO A 132 -11.49 30.82 -8.80
N LEU A 133 -11.51 29.47 -8.91
CA LEU A 133 -12.71 28.66 -9.04
C LEU A 133 -13.18 28.00 -7.72
N THR A 134 -12.27 27.62 -6.81
CA THR A 134 -12.65 27.01 -5.54
C THR A 134 -12.95 28.02 -4.42
N THR A 135 -12.49 29.29 -4.60
CA THR A 135 -12.68 30.34 -3.60
C THR A 135 -14.13 30.63 -3.36
N THR A 136 -14.48 30.88 -2.10
CA THR A 136 -15.84 31.29 -1.76
C THR A 136 -15.84 32.78 -1.31
N SER A 137 -14.69 33.35 -0.97
CA SER A 137 -14.61 34.77 -0.58
C SER A 137 -14.33 35.68 -1.78
N GLY A 138 -13.59 35.16 -2.76
CA GLY A 138 -13.12 35.93 -3.90
C GLY A 138 -11.89 36.78 -3.56
N ASN A 139 -11.34 36.64 -2.33
CA ASN A 139 -10.17 37.43 -1.93
C ASN A 139 -8.91 36.73 -2.38
N LEU A 140 -8.16 37.37 -3.30
CA LEU A 140 -6.94 36.84 -3.90
C LEU A 140 -5.80 36.56 -2.91
N HIS A 141 -5.79 37.19 -1.71
CA HIS A 141 -4.78 36.86 -0.72
C HIS A 141 -4.92 35.39 -0.19
N GLY A 142 -6.06 34.74 -0.47
CA GLY A 142 -6.30 33.34 -0.11
C GLY A 142 -6.05 32.37 -1.25
N GLN A 143 -5.43 32.85 -2.36
CA GLN A 143 -5.15 32.07 -3.56
C GLN A 143 -3.71 32.08 -4.10
N PRO A 144 -2.72 32.82 -3.53
CA PRO A 144 -1.41 32.94 -4.21
C PRO A 144 -0.70 31.63 -4.56
N VAL A 145 -0.75 30.63 -3.67
CA VAL A 145 -0.05 29.37 -3.92
C VAL A 145 -0.62 28.66 -5.16
N SER A 146 -1.93 28.80 -5.43
CA SER A 146 -2.53 28.15 -6.62
C SER A 146 -1.98 28.71 -7.93
N PHE A 147 -1.64 30.00 -7.97
CA PHE A 147 -1.06 30.59 -9.18
C PHE A 147 0.38 30.16 -9.43
N LEU A 148 1.12 29.81 -8.37
CA LEU A 148 2.53 29.45 -8.51
C LEU A 148 2.81 27.98 -8.82
N LEU A 149 1.89 27.08 -8.45
CA LEU A 149 2.12 25.64 -8.57
C LEU A 149 2.06 25.05 -9.98
N LYS A 150 3.11 24.36 -10.38
CA LYS A 150 3.19 23.71 -11.69
C LYS A 150 2.09 22.68 -11.90
N GLU A 151 1.76 21.93 -10.84
CA GLU A 151 0.75 20.87 -10.90
C GLU A 151 -0.66 21.37 -11.09
N LEU A 152 -0.93 22.65 -10.74
CA LEU A 152 -2.25 23.25 -10.94
C LEU A 152 -2.38 23.97 -12.30
N LYS A 153 -1.35 23.87 -13.17
CA LYS A 153 -1.37 24.43 -14.52
C LYS A 153 -2.47 23.66 -15.29
N GLY A 154 -3.42 24.40 -15.83
CA GLY A 154 -4.59 23.82 -16.48
C GLY A 154 -5.83 23.89 -15.61
N LYS A 155 -5.67 24.14 -14.29
CA LYS A 155 -6.77 24.28 -13.35
C LYS A 155 -7.04 25.75 -12.98
N ILE A 156 -6.15 26.68 -13.36
CA ILE A 156 -6.37 28.10 -13.08
C ILE A 156 -6.89 28.71 -14.38
N PRO A 157 -8.02 29.40 -14.33
CA PRO A 157 -8.55 30.01 -15.54
C PRO A 157 -7.76 31.25 -15.93
N ASP A 158 -8.00 31.76 -17.14
CA ASP A 158 -7.38 32.99 -17.59
C ASP A 158 -7.99 34.16 -16.80
N VAL A 159 -7.32 34.58 -15.72
CA VAL A 159 -7.82 35.69 -14.90
C VAL A 159 -7.15 36.97 -15.38
N PRO A 160 -7.94 38.02 -15.66
CA PRO A 160 -7.33 39.29 -16.10
C PRO A 160 -6.33 39.80 -15.07
N GLY A 161 -5.20 40.28 -15.56
CA GLY A 161 -4.12 40.77 -14.71
C GLY A 161 -3.07 39.71 -14.40
N PHE A 162 -3.30 38.43 -14.78
CA PHE A 162 -2.36 37.38 -14.43
C PHE A 162 -1.71 36.60 -15.59
N SER A 163 -1.87 37.02 -16.84
CA SER A 163 -1.28 36.25 -17.97
C SER A 163 0.26 36.19 -17.96
N TRP A 164 0.92 37.12 -17.24
CA TRP A 164 2.38 37.14 -17.10
C TRP A 164 2.90 36.02 -16.21
N VAL A 165 2.05 35.42 -15.37
CA VAL A 165 2.48 34.38 -14.45
C VAL A 165 2.81 33.05 -15.13
N THR A 166 3.97 32.51 -14.85
CA THR A 166 4.42 31.20 -15.31
C THR A 166 4.56 30.41 -14.01
N PRO A 167 3.78 29.32 -13.77
CA PRO A 167 3.97 28.55 -12.52
C PRO A 167 5.43 28.12 -12.34
N CYS A 168 6.03 28.43 -11.18
CA CYS A 168 7.46 28.22 -10.98
C CYS A 168 7.84 27.27 -9.84
N ILE A 169 6.87 26.74 -9.08
CA ILE A 169 7.20 25.80 -8.00
C ILE A 169 6.42 24.50 -8.13
N SER A 170 7.10 23.37 -7.90
CA SER A 170 6.43 22.09 -7.90
C SER A 170 5.86 21.84 -6.51
N ALA A 171 4.89 20.95 -6.38
CA ALA A 171 4.26 20.66 -5.10
C ALA A 171 5.26 20.14 -4.07
N LYS A 172 6.30 19.42 -4.51
CA LYS A 172 7.36 18.93 -3.64
C LYS A 172 8.26 20.04 -3.08
N ASP A 173 8.21 21.26 -3.65
CA ASP A 173 9.12 22.31 -3.27
C ASP A 173 8.59 23.27 -2.23
N ILE A 174 7.43 22.98 -1.62
CA ILE A 174 6.86 23.85 -0.59
C ILE A 174 6.56 23.08 0.70
N VAL A 175 6.88 23.70 1.84
CA VAL A 175 6.56 23.13 3.15
C VAL A 175 5.73 24.18 3.90
N TYR A 176 4.54 23.78 4.40
CA TYR A 176 3.71 24.66 5.20
C TYR A 176 3.99 24.44 6.67
N ILE A 177 4.00 25.52 7.45
CA ILE A 177 4.11 25.42 8.89
C ILE A 177 3.11 26.36 9.54
N GLY A 178 2.24 25.82 10.41
CA GLY A 178 1.33 26.66 11.16
C GLY A 178 -0.15 26.48 10.89
N LEU A 179 -0.50 25.61 9.92
CA LEU A 179 -1.89 25.48 9.48
C LEU A 179 -2.94 25.17 10.57
N ARG A 180 -4.05 25.89 10.58
CA ARG A 180 -5.15 25.64 11.51
C ARG A 180 -6.51 26.15 11.05
N ASP A 181 -6.61 26.65 9.79
CA ASP A 181 -7.86 27.22 9.24
C ASP A 181 -7.84 27.05 7.69
N VAL A 182 -8.15 25.82 7.24
CA VAL A 182 -8.03 25.42 5.85
C VAL A 182 -9.39 25.08 5.27
N ASP A 183 -9.75 25.69 4.12
CA ASP A 183 -11.06 25.43 3.47
C ASP A 183 -11.14 24.01 2.94
N PRO A 184 -12.36 23.44 2.79
CA PRO A 184 -12.48 22.10 2.20
C PRO A 184 -11.78 21.91 0.85
N GLY A 185 -12.00 22.83 -0.10
CA GLY A 185 -11.33 22.81 -1.40
C GLY A 185 -9.82 22.87 -1.24
N GLU A 186 -9.35 23.72 -0.32
CA GLU A 186 -7.94 23.83 -0.02
C GLU A 186 -7.36 22.54 0.52
N HIS A 187 -8.07 21.89 1.43
CA HIS A 187 -7.61 20.63 2.02
C HIS A 187 -7.57 19.53 0.97
N TYR A 188 -8.51 19.56 0.00
CA TYR A 188 -8.57 18.62 -1.11
C TYR A 188 -7.29 18.75 -1.93
N ILE A 189 -6.90 20.00 -2.25
CA ILE A 189 -5.71 20.31 -3.05
C ILE A 189 -4.46 19.91 -2.30
N LEU A 190 -4.34 20.31 -1.02
CA LEU A 190 -3.19 19.94 -0.19
C LEU A 190 -2.95 18.41 -0.17
N LYS A 191 -4.01 17.63 -0.07
CA LYS A 191 -3.90 16.18 0.00
C LYS A 191 -3.68 15.52 -1.36
N THR A 192 -4.38 15.98 -2.42
CA THR A 192 -4.21 15.36 -3.73
C THR A 192 -2.87 15.75 -4.38
N LEU A 193 -2.25 16.87 -3.96
CA LEU A 193 -0.93 17.26 -4.46
C LEU A 193 0.23 16.64 -3.62
N GLY A 194 -0.07 16.13 -2.43
CA GLY A 194 0.94 15.53 -1.57
C GLY A 194 1.94 16.52 -1.01
N ILE A 195 1.51 17.77 -0.82
CA ILE A 195 2.36 18.83 -0.29
C ILE A 195 2.72 18.55 1.15
N LYS A 196 3.99 18.74 1.50
CA LYS A 196 4.51 18.55 2.85
C LYS A 196 3.99 19.69 3.76
N TYR A 197 3.36 19.33 4.88
CA TYR A 197 2.81 20.35 5.78
C TYR A 197 2.92 19.93 7.25
N PHE A 198 3.08 20.92 8.12
CA PHE A 198 3.10 20.73 9.56
C PHE A 198 1.98 21.65 10.04
N SER A 199 0.75 21.11 10.16
CA SER A 199 -0.36 21.93 10.68
C SER A 199 -0.07 22.13 12.18
N MET A 200 -0.90 22.90 12.92
CA MET A 200 -0.68 23.04 14.37
C MET A 200 -0.70 21.67 15.08
N THR A 201 -1.43 20.68 14.50
CA THR A 201 -1.48 19.30 15.02
C THR A 201 -0.09 18.64 14.97
N GLU A 202 0.63 18.80 13.84
CA GLU A 202 1.99 18.26 13.71
C GLU A 202 2.96 19.02 14.65
N VAL A 203 2.82 20.36 14.76
CA VAL A 203 3.66 21.12 15.69
C VAL A 203 3.44 20.65 17.15
N ASP A 204 2.18 20.40 17.56
CA ASP A 204 1.91 19.90 18.93
C ASP A 204 2.52 18.51 19.12
N ARG A 205 2.37 17.62 18.12
CA ARG A 205 2.85 16.25 18.16
C ARG A 205 4.36 16.15 18.24
N LEU A 206 5.05 16.90 17.40
CA LEU A 206 6.48 16.78 17.25
C LEU A 206 7.34 17.73 18.03
N GLY A 207 6.88 18.96 18.15
CA GLY A 207 7.65 20.04 18.73
C GLY A 207 8.34 20.78 17.59
N ILE A 208 8.48 22.10 17.73
CA ILE A 208 9.06 22.94 16.69
C ILE A 208 10.50 22.54 16.32
N GLY A 209 11.25 21.94 17.24
CA GLY A 209 12.62 21.49 16.98
C GLY A 209 12.64 20.43 15.89
N LYS A 210 11.79 19.41 16.04
CA LYS A 210 11.63 18.33 15.06
C LYS A 210 11.00 18.86 13.77
N VAL A 211 10.05 19.80 13.87
CA VAL A 211 9.43 20.43 12.70
C VAL A 211 10.47 21.05 11.79
N MET A 212 11.40 21.80 12.38
CA MET A 212 12.43 22.46 11.60
C MET A 212 13.46 21.48 11.06
N GLU A 213 13.81 20.45 11.84
CA GLU A 213 14.78 19.45 11.38
C GLU A 213 14.23 18.72 10.16
N GLU A 214 12.95 18.34 10.20
CA GLU A 214 12.29 17.66 9.09
C GLU A 214 12.06 18.59 7.90
N THR A 215 11.67 19.85 8.18
CA THR A 215 11.41 20.84 7.13
C THR A 215 12.66 21.05 6.32
N LEU A 216 13.77 21.27 7.01
CA LEU A 216 15.03 21.56 6.34
C LEU A 216 15.61 20.30 5.71
N SER A 217 15.49 19.11 6.35
CA SER A 217 15.99 17.87 5.72
C SER A 217 15.19 17.58 4.42
N TYR A 218 13.89 17.90 4.42
CA TYR A 218 13.00 17.67 3.27
C TYR A 218 13.35 18.61 2.12
N LEU A 219 13.63 19.88 2.43
CA LEU A 219 13.94 20.84 1.39
C LEU A 219 15.41 20.79 0.93
N LEU A 220 16.32 20.48 1.84
CA LEU A 220 17.74 20.51 1.56
C LEU A 220 18.47 19.17 1.49
N GLY A 221 17.80 18.07 1.76
CA GLY A 221 18.42 16.73 1.80
C GLY A 221 19.48 16.41 0.77
N ARG A 222 19.12 16.51 -0.50
CA ARG A 222 19.94 16.24 -1.68
C ARG A 222 21.22 17.07 -1.79
N LYS A 223 21.11 18.39 -1.56
CA LYS A 223 22.20 19.36 -1.68
C LYS A 223 21.66 20.77 -1.39
N LYS A 224 22.55 21.75 -1.17
CA LYS A 224 22.11 23.11 -0.88
C LYS A 224 21.28 23.71 -2.01
N ARG A 225 20.33 24.57 -1.62
CA ARG A 225 19.36 25.14 -2.53
C ARG A 225 18.77 26.42 -1.89
N PRO A 226 18.50 27.51 -2.67
CA PRO A 226 17.94 28.72 -2.06
C PRO A 226 16.58 28.52 -1.37
N ILE A 227 16.35 29.20 -0.23
CA ILE A 227 15.09 29.13 0.49
C ILE A 227 14.33 30.47 0.45
N HIS A 228 13.02 30.41 0.16
CA HIS A 228 12.11 31.55 0.19
C HIS A 228 11.19 31.33 1.39
N LEU A 229 11.26 32.20 2.39
CA LEU A 229 10.39 32.12 3.55
C LEU A 229 9.26 33.14 3.34
N SER A 230 8.01 32.67 3.23
CA SER A 230 6.87 33.60 3.07
C SER A 230 6.15 33.54 4.42
N PHE A 231 6.28 34.61 5.18
CA PHE A 231 5.77 34.71 6.55
C PHE A 231 4.52 35.57 6.69
N ASP A 232 3.37 34.94 6.86
CA ASP A 232 2.12 35.66 7.14
C ASP A 232 2.10 35.77 8.67
N VAL A 233 2.04 36.99 9.23
CA VAL A 233 2.09 37.14 10.70
C VAL A 233 0.92 36.44 11.42
N ASP A 234 -0.16 36.08 10.70
CA ASP A 234 -1.26 35.34 11.30
C ASP A 234 -0.90 33.85 11.59
N GLY A 235 0.29 33.40 11.17
CA GLY A 235 0.83 32.09 11.53
C GLY A 235 1.06 32.05 13.03
N LEU A 236 1.44 33.21 13.62
CA LEU A 236 1.58 33.34 15.06
C LEU A 236 0.23 33.53 15.69
N ASP A 237 0.11 33.11 16.96
CA ASP A 237 -1.16 33.23 17.69
C ASP A 237 -1.56 34.73 17.81
N PRO A 238 -2.87 35.06 17.73
CA PRO A 238 -3.30 36.47 17.88
C PRO A 238 -2.92 37.13 19.21
N SER A 239 -2.44 36.35 20.20
CA SER A 239 -1.95 37.00 21.44
C SER A 239 -0.60 37.71 21.21
N PHE A 240 0.09 37.41 20.06
CA PHE A 240 1.37 38.01 19.72
C PHE A 240 1.22 38.96 18.57
N THR A 241 0.46 38.56 17.54
CA THR A 241 0.22 39.39 16.38
C THR A 241 -1.30 39.65 16.17
N PRO A 242 -1.96 40.36 17.11
CA PRO A 242 -3.39 40.63 16.94
C PRO A 242 -3.77 41.51 15.75
N ALA A 243 -2.90 42.46 15.39
CA ALA A 243 -3.17 43.40 14.30
C ALA A 243 -2.95 42.76 12.92
N THR A 244 -3.92 41.92 12.53
CA THR A 244 -3.97 41.15 11.29
C THR A 244 -5.43 40.86 10.93
N GLY A 245 -5.72 40.75 9.64
CA GLY A 245 -7.09 40.55 9.17
C GLY A 245 -7.79 39.22 9.43
N THR A 246 -7.04 38.10 9.44
CA THR A 246 -7.66 36.77 9.61
C THR A 246 -7.06 36.01 10.78
N PRO A 247 -7.20 36.52 12.02
CA PRO A 247 -6.56 35.84 13.14
C PRO A 247 -7.24 34.56 13.52
N VAL A 248 -6.43 33.54 13.87
CA VAL A 248 -7.00 32.27 14.30
C VAL A 248 -6.29 31.92 15.59
N VAL A 249 -7.05 31.63 16.65
CA VAL A 249 -6.41 31.26 17.93
C VAL A 249 -5.74 29.86 17.84
N GLY A 250 -4.87 29.58 18.81
CA GLY A 250 -4.11 28.34 18.88
C GLY A 250 -2.94 28.33 17.92
N GLY A 251 -2.34 29.50 17.72
CA GLY A 251 -1.23 29.62 16.77
C GLY A 251 0.15 29.36 17.29
N LEU A 252 1.16 29.61 16.45
CA LEU A 252 2.56 29.46 16.86
C LEU A 252 2.85 30.54 17.90
N THR A 253 3.69 30.25 18.86
CA THR A 253 4.02 31.21 19.89
C THR A 253 5.11 32.16 19.34
N TYR A 254 5.43 33.21 20.10
CA TYR A 254 6.49 34.14 19.76
C TYR A 254 7.84 33.36 19.72
N ARG A 255 8.05 32.44 20.66
CA ARG A 255 9.24 31.62 20.72
C ARG A 255 9.36 30.68 19.52
N GLU A 256 8.26 30.07 19.08
CA GLU A 256 8.27 29.18 17.94
C GLU A 256 8.59 29.94 16.67
N GLY A 257 8.06 31.16 16.55
CA GLY A 257 8.32 32.03 15.41
C GLY A 257 9.79 32.39 15.30
N LEU A 258 10.43 32.70 16.45
CA LEU A 258 11.87 32.96 16.51
C LEU A 258 12.67 31.71 16.24
N TYR A 259 12.18 30.55 16.71
CA TYR A 259 12.90 29.29 16.46
C TYR A 259 12.97 28.97 14.95
N ILE A 260 11.83 29.05 14.24
CA ILE A 260 11.79 28.77 12.81
C ILE A 260 12.76 29.70 12.06
N THR A 261 12.74 31.01 12.39
CA THR A 261 13.55 31.99 11.67
C THR A 261 15.06 31.89 12.03
N GLU A 262 15.39 31.61 13.30
CA GLU A 262 16.78 31.38 13.71
C GLU A 262 17.35 30.13 12.96
N GLU A 263 16.54 29.06 12.81
CA GLU A 263 16.96 27.84 12.12
C GLU A 263 17.19 28.09 10.63
N ILE A 264 16.29 28.84 9.99
CA ILE A 264 16.44 29.21 8.58
C ILE A 264 17.71 30.06 8.41
N TYR A 265 17.93 31.05 9.31
CA TYR A 265 19.16 31.85 9.24
C TYR A 265 20.44 31.00 9.26
N LYS A 266 20.55 30.04 10.19
CA LYS A 266 21.71 29.16 10.34
C LYS A 266 22.05 28.32 9.10
N THR A 267 21.07 28.06 8.21
CA THR A 267 21.38 27.31 6.98
C THR A 267 22.29 28.14 6.03
N GLY A 268 22.23 29.47 6.16
CA GLY A 268 22.95 30.37 5.26
C GLY A 268 22.33 30.44 3.87
N LEU A 269 21.10 29.88 3.72
CA LEU A 269 20.44 29.76 2.43
C LEU A 269 19.23 30.61 2.23
N LEU A 270 18.93 31.53 3.18
CA LEU A 270 17.78 32.42 3.04
C LEU A 270 18.05 33.33 1.85
N SER A 271 17.16 33.30 0.89
CA SER A 271 17.34 34.03 -0.35
C SER A 271 16.19 35.04 -0.63
N GLY A 272 15.03 34.82 -0.03
CA GLY A 272 13.86 35.65 -0.22
C GLY A 272 12.97 35.56 0.99
N LEU A 273 12.44 36.72 1.43
CA LEU A 273 11.60 36.80 2.64
C LEU A 273 10.40 37.72 2.45
N ASP A 274 9.21 37.27 2.86
CA ASP A 274 8.01 38.09 2.81
C ASP A 274 7.51 38.24 4.22
N ILE A 275 7.20 39.47 4.68
CA ILE A 275 6.65 39.68 6.03
C ILE A 275 5.28 40.28 5.76
N MET A 276 4.24 39.46 5.90
CA MET A 276 2.94 39.82 5.38
C MET A 276 1.83 39.90 6.41
N GLU A 277 0.78 40.65 6.03
CA GLU A 277 -0.49 40.80 6.70
C GLU A 277 -0.46 41.62 7.98
N VAL A 278 0.56 42.46 8.18
CA VAL A 278 0.54 43.37 9.34
C VAL A 278 -0.45 44.47 9.00
N ASN A 279 -1.51 44.63 9.80
CA ASN A 279 -2.51 45.65 9.55
C ASN A 279 -2.66 46.48 10.83
N PRO A 280 -2.01 47.64 10.87
CA PRO A 280 -2.10 48.50 12.06
C PRO A 280 -3.47 49.15 12.32
N SER A 281 -4.46 49.03 11.41
CA SER A 281 -5.80 49.55 11.67
C SER A 281 -6.66 48.51 12.46
N LEU A 282 -6.15 47.27 12.63
CA LEU A 282 -6.89 46.21 13.33
C LEU A 282 -6.40 45.90 14.74
N GLY A 283 -5.53 46.74 15.30
CA GLY A 283 -5.14 46.57 16.70
C GLY A 283 -6.26 47.15 17.55
N LYS A 284 -6.83 46.36 18.51
CA LYS A 284 -7.92 46.85 19.37
C LYS A 284 -7.49 48.03 20.29
N THR A 285 -6.19 48.17 20.53
CA THR A 285 -5.57 49.23 21.30
C THR A 285 -4.28 49.58 20.58
N PRO A 286 -3.71 50.78 20.78
CA PRO A 286 -2.40 51.08 20.17
C PRO A 286 -1.33 50.06 20.63
N GLU A 287 -1.48 49.48 21.85
CA GLU A 287 -0.58 48.44 22.34
C GLU A 287 -0.67 47.14 21.48
N GLU A 288 -1.87 46.76 21.02
CA GLU A 288 -2.02 45.59 20.14
C GLU A 288 -1.27 45.83 18.82
N VAL A 289 -1.29 47.06 18.31
CA VAL A 289 -0.55 47.43 17.13
C VAL A 289 0.94 47.32 17.40
N THR A 290 1.46 47.97 18.45
CA THR A 290 2.87 47.90 18.76
C THR A 290 3.36 46.47 19.01
N ARG A 291 2.56 45.62 19.66
CA ARG A 291 2.91 44.24 19.94
C ARG A 291 3.12 43.48 18.66
N THR A 292 2.22 43.71 17.67
CA THR A 292 2.26 43.00 16.40
C THR A 292 3.50 43.45 15.62
N VAL A 293 3.73 44.77 15.56
CA VAL A 293 4.85 45.34 14.85
C VAL A 293 6.15 44.92 15.48
N ASN A 294 6.22 44.89 16.82
CA ASN A 294 7.42 44.44 17.52
C ASN A 294 7.76 42.99 17.22
N THR A 295 6.72 42.13 17.19
CA THR A 295 6.86 40.71 16.87
C THR A 295 7.33 40.51 15.43
N ALA A 296 6.71 41.20 14.45
CA ALA A 296 7.13 41.14 13.05
C ALA A 296 8.59 41.60 12.91
N VAL A 297 9.03 42.64 13.66
CA VAL A 297 10.43 43.11 13.61
C VAL A 297 11.36 42.05 14.18
N ALA A 298 11.02 41.47 15.35
CA ALA A 298 11.82 40.43 15.99
C ALA A 298 12.00 39.22 15.05
N ILE A 299 10.91 38.81 14.38
CA ILE A 299 10.95 37.72 13.41
C ILE A 299 11.92 38.04 12.27
N THR A 300 11.81 39.25 11.71
CA THR A 300 12.71 39.67 10.61
C THR A 300 14.15 39.71 11.05
N LEU A 301 14.45 40.25 12.25
CA LEU A 301 15.84 40.28 12.74
C LEU A 301 16.48 38.90 12.90
N ALA A 302 15.69 37.93 13.38
CA ALA A 302 16.16 36.56 13.49
C ALA A 302 16.50 35.96 12.11
N CYS A 303 15.75 36.32 11.07
CA CYS A 303 16.02 35.87 9.69
C CYS A 303 17.42 36.29 9.23
N PHE A 304 17.97 37.41 9.76
CA PHE A 304 19.27 37.94 9.36
C PHE A 304 20.33 37.86 10.47
N GLY A 305 20.18 36.90 11.37
CA GLY A 305 21.22 36.63 12.34
C GLY A 305 21.04 36.94 13.80
N LEU A 306 20.01 37.71 14.20
CA LEU A 306 19.85 38.04 15.63
C LEU A 306 19.47 36.76 16.36
N ALA A 307 20.34 36.35 17.30
CA ALA A 307 20.17 35.08 18.00
C ALA A 307 19.86 35.32 19.45
N ARG A 308 18.99 34.47 20.03
CA ARG A 308 18.61 34.65 21.42
C ARG A 308 19.72 34.35 22.40
N GLU A 309 20.67 33.47 22.01
CA GLU A 309 21.84 33.13 22.81
C GLU A 309 22.85 34.28 22.89
N GLY A 310 22.80 35.21 21.92
CA GLY A 310 23.67 36.37 21.83
C GLY A 310 24.42 36.42 20.52
N ASN A 311 24.98 37.59 20.23
CA ASN A 311 25.74 37.81 19.00
C ASN A 311 27.00 38.58 19.36
N HIS A 312 28.08 38.40 18.58
CA HIS A 312 29.30 39.18 18.77
C HIS A 312 30.19 39.22 17.50
N LYS A 313 30.90 40.34 17.30
CA LYS A 313 31.82 40.54 16.18
C LYS A 313 33.07 39.68 16.38
N PRO A 314 33.78 39.30 15.28
CA PRO A 314 34.98 38.44 15.44
C PRO A 314 36.25 39.15 15.90
N ILE A 315 36.15 39.87 17.04
CA ILE A 315 37.21 40.57 17.75
C ILE A 315 37.30 40.00 19.20
N ASP A 316 38.38 40.31 19.92
CA ASP A 316 38.56 39.88 21.31
C ASP A 316 37.89 40.93 22.21
N TYR A 317 36.81 40.54 22.89
CA TYR A 317 36.11 41.47 23.78
C TYR A 317 36.77 41.64 25.16
N LEU A 318 37.77 40.81 25.48
CA LEU A 318 38.47 40.87 26.76
C LEU A 318 39.79 41.63 26.75
N ASN A 319 40.29 41.99 25.55
CA ASN A 319 41.53 42.76 25.43
C ASN A 319 41.29 44.01 24.58
N ALA B 3 -20.50 7.90 9.39
CA ALA B 3 -19.56 7.11 10.17
C ALA B 3 -20.04 7.02 11.61
N LYS B 4 -19.79 5.88 12.27
CA LYS B 4 -20.21 5.75 13.66
C LYS B 4 -19.41 6.70 14.58
N SER B 5 -18.19 7.14 14.16
CA SER B 5 -17.45 8.13 14.95
C SER B 5 -18.08 9.54 14.89
N ARG B 6 -19.06 9.76 14.00
CA ARG B 6 -19.76 11.03 13.90
C ARG B 6 -21.28 10.87 14.14
N THR B 7 -21.73 9.75 14.76
CA THR B 7 -23.14 9.51 15.06
C THR B 7 -23.31 9.82 16.53
N ILE B 8 -24.00 10.90 16.84
CA ILE B 8 -24.05 11.45 18.19
C ILE B 8 -25.46 11.53 18.81
N GLY B 9 -25.50 11.29 20.12
CA GLY B 9 -26.69 11.41 20.95
C GLY B 9 -26.43 12.43 22.03
N ILE B 10 -27.03 13.63 21.93
CA ILE B 10 -26.80 14.71 22.90
C ILE B 10 -27.70 14.59 24.10
N ILE B 11 -27.10 14.67 25.30
CA ILE B 11 -27.82 14.66 26.57
C ILE B 11 -27.47 15.89 27.38
N GLY B 12 -28.47 16.70 27.70
CA GLY B 12 -28.26 17.86 28.55
C GLY B 12 -28.40 17.43 29.99
N ALA B 13 -27.41 17.76 30.83
CA ALA B 13 -27.47 17.42 32.25
C ALA B 13 -27.30 18.68 33.11
N PRO B 14 -28.37 19.51 33.18
CA PRO B 14 -28.28 20.78 33.92
C PRO B 14 -28.32 20.57 35.43
N PHE B 15 -27.18 20.19 35.98
CA PHE B 15 -27.08 19.80 37.36
C PHE B 15 -25.92 20.47 38.04
N SER B 16 -26.16 21.05 39.23
CA SER B 16 -25.13 21.78 39.94
C SER B 16 -24.92 21.35 41.38
N LYS B 17 -25.73 20.41 41.94
CA LYS B 17 -25.64 20.13 43.38
C LYS B 17 -24.43 19.28 43.83
N GLY B 18 -23.55 18.92 42.89
CA GLY B 18 -22.31 18.24 43.25
C GLY B 18 -21.23 19.23 43.71
N GLN B 19 -21.51 20.54 43.66
CA GLN B 19 -20.59 21.59 44.07
C GLN B 19 -21.37 22.86 44.60
N PRO B 20 -20.69 23.80 45.27
CA PRO B 20 -21.42 24.94 45.88
C PRO B 20 -21.65 26.17 44.98
N ARG B 21 -20.93 26.33 43.87
CA ARG B 21 -21.09 27.51 43.02
C ARG B 21 -22.28 27.44 42.05
N GLY B 22 -23.27 28.30 42.26
CA GLY B 22 -24.41 28.33 41.36
C GLY B 22 -24.03 28.77 39.96
N GLY B 23 -24.68 28.18 38.98
CA GLY B 23 -24.52 28.57 37.59
C GLY B 23 -24.12 27.47 36.63
N VAL B 24 -23.43 26.43 37.13
CA VAL B 24 -22.96 25.36 36.24
C VAL B 24 -24.11 24.61 35.57
N GLU B 25 -25.34 24.70 36.12
CA GLU B 25 -26.51 24.07 35.52
C GLU B 25 -26.91 24.74 34.20
N GLU B 26 -26.42 25.97 33.92
CA GLU B 26 -26.64 26.61 32.65
C GLU B 26 -25.66 26.16 31.53
N GLY B 27 -24.72 25.27 31.84
CA GLY B 27 -23.75 24.73 30.88
C GLY B 27 -24.37 24.22 29.60
N PRO B 28 -25.39 23.34 29.69
CA PRO B 28 -26.07 22.89 28.47
C PRO B 28 -26.69 24.03 27.65
N THR B 29 -27.37 25.00 28.30
CA THR B 29 -27.98 26.16 27.66
C THR B 29 -26.96 26.99 26.87
N VAL B 30 -25.84 27.38 27.50
CA VAL B 30 -24.83 28.23 26.86
C VAL B 30 -24.03 27.47 25.78
N LEU B 31 -23.86 26.15 25.95
CA LEU B 31 -23.19 25.35 24.94
C LEU B 31 -24.07 25.21 23.68
N ARG B 32 -25.40 25.05 23.86
CA ARG B 32 -26.33 24.97 22.73
C ARG B 32 -26.43 26.32 22.01
N LYS B 33 -26.52 27.42 22.77
CA LYS B 33 -26.66 28.77 22.23
C LYS B 33 -25.44 29.21 21.40
N ALA B 34 -24.26 28.61 21.66
CA ALA B 34 -23.08 28.87 20.85
C ALA B 34 -23.14 28.20 19.45
N GLY B 35 -24.14 27.35 19.22
CA GLY B 35 -24.39 26.68 17.95
C GLY B 35 -23.80 25.30 17.85
N LEU B 36 -23.61 24.61 18.98
CA LEU B 36 -22.98 23.28 19.00
C LEU B 36 -23.58 22.28 18.03
N LEU B 37 -24.90 22.09 18.08
CA LEU B 37 -25.56 21.11 17.24
C LEU B 37 -25.43 21.45 15.78
N GLU B 38 -25.54 22.74 15.45
CA GLU B 38 -25.42 23.22 14.09
C GLU B 38 -24.00 23.02 13.57
N LYS B 39 -23.00 23.32 14.41
CA LYS B 39 -21.61 23.14 14.03
C LYS B 39 -21.26 21.67 13.84
N LEU B 40 -21.86 20.78 14.63
CA LEU B 40 -21.65 19.34 14.47
C LEU B 40 -22.28 18.85 13.17
N LYS B 41 -23.48 19.37 12.82
CA LYS B 41 -24.17 19.00 11.58
C LYS B 41 -23.42 19.48 10.35
N GLU B 42 -22.77 20.65 10.46
CA GLU B 42 -21.93 21.26 9.41
C GLU B 42 -20.75 20.37 9.08
N GLN B 43 -20.22 19.62 10.06
CA GLN B 43 -19.10 18.73 9.83
C GLN B 43 -19.55 17.28 9.62
N GLU B 44 -20.73 17.10 8.98
CA GLU B 44 -21.27 15.81 8.53
C GLU B 44 -21.75 14.86 9.62
N CYS B 45 -21.95 15.32 10.87
CA CYS B 45 -22.42 14.43 11.94
C CYS B 45 -23.92 14.14 11.86
N ASP B 46 -24.33 12.96 12.31
CA ASP B 46 -25.75 12.60 12.40
C ASP B 46 -26.04 12.83 13.89
N VAL B 47 -26.72 13.93 14.19
CA VAL B 47 -26.94 14.36 15.56
C VAL B 47 -28.39 14.32 16.01
N LYS B 48 -28.66 13.60 17.10
CA LYS B 48 -29.97 13.58 17.71
C LYS B 48 -29.90 14.20 19.09
N ASP B 49 -30.79 15.15 19.38
CA ASP B 49 -30.82 15.80 20.67
C ASP B 49 -31.89 15.16 21.54
N TYR B 50 -31.46 14.58 22.66
CA TYR B 50 -32.38 13.96 23.61
C TYR B 50 -32.91 14.94 24.68
N GLY B 51 -32.61 16.23 24.51
CA GLY B 51 -33.05 17.30 25.40
C GLY B 51 -32.31 17.32 26.72
N ASP B 52 -32.83 18.10 27.68
CA ASP B 52 -32.22 18.20 28.99
C ASP B 52 -33.02 17.40 29.98
N LEU B 53 -32.34 16.65 30.84
CA LEU B 53 -33.01 15.85 31.85
C LEU B 53 -33.68 16.75 32.86
N PRO B 54 -34.94 16.43 33.20
CA PRO B 54 -35.65 17.23 34.20
C PRO B 54 -35.37 16.67 35.60
N PHE B 55 -34.23 17.04 36.19
CA PHE B 55 -33.90 16.60 37.53
C PHE B 55 -34.89 17.22 38.52
N ALA B 56 -35.87 16.46 38.99
CA ALA B 56 -36.86 16.95 39.93
C ALA B 56 -36.22 17.27 41.27
N ASP B 57 -36.75 18.29 41.93
CA ASP B 57 -36.23 18.72 43.22
C ASP B 57 -36.27 17.61 44.28
N ILE B 58 -35.21 17.48 45.09
CA ILE B 58 -35.19 16.53 46.20
C ILE B 58 -34.94 17.41 47.39
N PRO B 59 -36.02 17.99 47.98
CA PRO B 59 -35.81 19.01 49.04
C PRO B 59 -35.28 18.51 50.36
N ASN B 60 -35.62 17.26 50.73
CA ASN B 60 -35.11 16.69 51.98
C ASN B 60 -33.83 15.98 51.63
N ASP B 61 -32.70 16.69 51.78
CA ASP B 61 -31.43 16.11 51.38
C ASP B 61 -30.30 16.44 52.31
N SER B 62 -30.39 15.87 53.51
CA SER B 62 -29.42 16.05 54.57
C SER B 62 -28.05 15.53 54.19
N PRO B 63 -26.99 16.19 54.65
CA PRO B 63 -25.64 15.70 54.35
C PRO B 63 -25.34 14.34 54.97
N PHE B 64 -24.53 13.56 54.27
CA PHE B 64 -24.00 12.30 54.77
C PHE B 64 -22.69 12.73 55.38
N GLN B 65 -22.61 12.87 56.72
CA GLN B 65 -21.43 13.41 57.39
C GLN B 65 -21.18 14.86 56.86
N ILE B 66 -20.11 15.14 56.07
CA ILE B 66 -19.93 16.47 55.47
C ILE B 66 -20.28 16.50 53.96
N VAL B 67 -20.69 15.36 53.41
CA VAL B 67 -21.02 15.23 51.99
C VAL B 67 -22.37 15.86 51.66
N LYS B 68 -22.33 16.95 50.90
CA LYS B 68 -23.50 17.73 50.55
C LYS B 68 -24.33 17.17 49.41
N ASN B 69 -25.64 17.35 49.55
CA ASN B 69 -26.70 16.95 48.62
C ASN B 69 -26.49 15.53 48.09
N PRO B 70 -26.32 14.51 48.96
CA PRO B 70 -26.08 13.16 48.45
C PRO B 70 -27.21 12.58 47.61
N ARG B 71 -28.48 12.72 48.03
CA ARG B 71 -29.59 12.13 47.27
C ARG B 71 -29.82 12.77 45.93
N SER B 72 -29.61 14.08 45.82
CA SER B 72 -29.79 14.83 44.59
C SER B 72 -28.68 14.46 43.61
N VAL B 73 -27.44 14.34 44.10
CA VAL B 73 -26.30 13.96 43.23
C VAL B 73 -26.49 12.50 42.78
N GLY B 74 -26.90 11.65 43.74
CA GLY B 74 -27.14 10.24 43.47
C GLY B 74 -28.23 10.02 42.44
N LYS B 75 -29.36 10.70 42.61
CA LYS B 75 -30.48 10.58 41.68
C LYS B 75 -30.17 11.16 40.31
N ALA B 76 -29.44 12.28 40.23
CA ALA B 76 -29.08 12.85 38.93
C ALA B 76 -28.21 11.90 38.12
N SER B 77 -27.22 11.27 38.79
CA SER B 77 -26.35 10.30 38.15
C SER B 77 -27.13 9.01 37.82
N GLU B 78 -28.08 8.62 38.68
CA GLU B 78 -28.92 7.46 38.42
C GLU B 78 -29.72 7.64 37.13
N GLN B 79 -30.37 8.80 36.97
CA GLN B 79 -31.17 9.07 35.78
C GLN B 79 -30.25 9.17 34.56
N LEU B 80 -29.11 9.84 34.72
CA LEU B 80 -28.16 10.00 33.63
C LEU B 80 -27.64 8.66 33.15
N ALA B 81 -27.39 7.73 34.05
CA ALA B 81 -26.93 6.39 33.67
C ALA B 81 -27.93 5.68 32.76
N GLY B 82 -29.21 5.79 33.09
CA GLY B 82 -30.31 5.21 32.32
C GLY B 82 -30.44 5.83 30.95
N LYS B 83 -30.28 7.17 30.87
CA LYS B 83 -30.35 7.94 29.62
C LYS B 83 -29.13 7.63 28.73
N VAL B 84 -27.92 7.53 29.32
CA VAL B 84 -26.71 7.19 28.58
C VAL B 84 -26.79 5.77 28.01
N ALA B 85 -27.23 4.78 28.82
CA ALA B 85 -27.39 3.41 28.34
C ALA B 85 -28.38 3.36 27.16
N GLU B 86 -29.44 4.20 27.18
CA GLU B 86 -30.43 4.32 26.09
C GLU B 86 -29.78 4.84 24.82
N VAL B 87 -28.97 5.91 24.95
CA VAL B 87 -28.23 6.49 23.82
C VAL B 87 -27.23 5.48 23.26
N LYS B 88 -26.51 4.74 24.12
CA LYS B 88 -25.58 3.72 23.66
C LYS B 88 -26.31 2.57 22.93
N LYS B 89 -27.47 2.16 23.43
CA LYS B 89 -28.27 1.10 22.80
C LYS B 89 -28.73 1.50 21.39
N ASN B 90 -28.91 2.80 21.13
CA ASN B 90 -29.27 3.37 19.83
C ASN B 90 -28.06 3.49 18.86
N GLY B 91 -26.91 2.94 19.22
CA GLY B 91 -25.71 2.98 18.41
C GLY B 91 -25.18 4.38 18.19
N ARG B 92 -25.32 5.23 19.22
CA ARG B 92 -24.83 6.62 19.12
C ARG B 92 -23.80 6.89 20.20
N ILE B 93 -22.85 7.80 19.93
CA ILE B 93 -21.87 8.19 20.94
C ILE B 93 -22.62 9.12 21.90
N SER B 94 -22.59 8.85 23.24
CA SER B 94 -23.26 9.75 24.17
C SER B 94 -22.45 11.05 24.37
N LEU B 95 -23.09 12.22 24.23
CA LEU B 95 -22.44 13.51 24.48
C LEU B 95 -23.20 14.18 25.60
N VAL B 96 -22.64 14.14 26.80
CA VAL B 96 -23.27 14.73 27.97
C VAL B 96 -22.77 16.14 28.16
N LEU B 97 -23.68 17.11 28.15
CA LEU B 97 -23.35 18.52 28.38
C LEU B 97 -23.66 18.80 29.83
N GLY B 98 -22.62 19.07 30.61
CA GLY B 98 -22.81 19.38 32.01
C GLY B 98 -22.93 20.87 32.26
N GLY B 99 -23.19 21.26 33.51
CA GLY B 99 -23.29 20.33 34.65
C GLY B 99 -21.97 20.11 35.37
N ASP B 100 -22.03 19.80 36.68
CA ASP B 100 -20.81 19.51 37.42
C ASP B 100 -20.33 18.07 37.20
N HIS B 101 -19.05 17.79 37.49
CA HIS B 101 -18.41 16.51 37.17
C HIS B 101 -18.87 15.35 38.05
N SER B 102 -19.74 15.59 39.08
CA SER B 102 -20.30 14.45 39.86
C SER B 102 -21.10 13.53 38.91
N LEU B 103 -21.70 14.12 37.84
CA LEU B 103 -22.46 13.45 36.80
C LEU B 103 -21.66 12.35 36.10
N ALA B 104 -20.31 12.39 36.15
CA ALA B 104 -19.51 11.34 35.53
C ALA B 104 -19.80 9.96 36.14
N ILE B 105 -20.27 9.89 37.42
CA ILE B 105 -20.66 8.61 38.01
C ILE B 105 -21.75 7.96 37.15
N GLY B 106 -22.77 8.73 36.80
CA GLY B 106 -23.86 8.25 35.96
C GLY B 106 -23.46 8.05 34.52
N SER B 107 -22.75 9.03 33.95
CA SER B 107 -22.33 8.96 32.56
C SER B 107 -21.47 7.72 32.27
N ILE B 108 -20.46 7.48 33.11
CA ILE B 108 -19.59 6.32 32.96
C ILE B 108 -20.34 5.03 33.33
N SER B 109 -21.14 5.05 34.40
CA SER B 109 -21.91 3.86 34.79
C SER B 109 -22.86 3.36 33.70
N GLY B 110 -23.65 4.27 33.11
CA GLY B 110 -24.56 3.96 32.01
C GLY B 110 -23.86 3.47 30.77
N HIS B 111 -22.74 4.09 30.43
CA HIS B 111 -21.94 3.71 29.28
C HIS B 111 -21.41 2.25 29.48
N ALA B 112 -20.92 1.95 30.67
CA ALA B 112 -20.42 0.62 31.05
C ALA B 112 -21.48 -0.49 30.95
N ARG B 113 -22.76 -0.15 31.19
CA ARG B 113 -23.85 -1.13 31.10
C ARG B 113 -23.98 -1.72 29.69
N VAL B 114 -23.61 -0.93 28.67
CA VAL B 114 -23.67 -1.35 27.28
C VAL B 114 -22.29 -1.80 26.79
N HIS B 115 -21.23 -1.12 27.25
CA HIS B 115 -19.85 -1.46 26.87
C HIS B 115 -18.99 -1.61 28.12
N PRO B 116 -19.06 -2.78 28.80
CA PRO B 116 -18.28 -2.94 30.04
C PRO B 116 -16.77 -2.96 29.89
N ASP B 117 -16.29 -3.12 28.64
CA ASP B 117 -14.86 -3.14 28.30
C ASP B 117 -14.26 -1.74 28.08
N LEU B 118 -15.04 -0.66 28.27
CA LEU B 118 -14.57 0.69 28.05
C LEU B 118 -13.38 1.11 28.90
N GLY B 119 -12.57 2.00 28.34
CA GLY B 119 -11.41 2.64 28.95
C GLY B 119 -11.71 4.13 29.08
N VAL B 120 -11.26 4.74 30.17
CA VAL B 120 -11.55 6.14 30.46
C VAL B 120 -10.35 7.07 30.30
N ILE B 121 -10.57 8.23 29.70
CA ILE B 121 -9.56 9.27 29.64
C ILE B 121 -10.19 10.42 30.40
N TRP B 122 -9.54 10.84 31.48
CA TRP B 122 -10.08 11.88 32.34
C TRP B 122 -9.18 13.12 32.23
N VAL B 123 -9.65 14.16 31.52
CA VAL B 123 -8.91 15.39 31.37
C VAL B 123 -9.40 16.35 32.40
N ASP B 124 -8.49 16.74 33.31
CA ASP B 124 -8.87 17.54 34.46
C ASP B 124 -7.64 18.03 35.18
N ALA B 125 -7.77 19.16 35.86
CA ALA B 125 -6.73 19.65 36.76
C ALA B 125 -6.74 18.84 38.07
N HIS B 126 -7.83 18.12 38.34
CA HIS B 126 -8.10 17.40 39.56
C HIS B 126 -8.33 15.91 39.30
N THR B 127 -8.02 15.08 40.28
CA THR B 127 -8.23 13.64 40.20
C THR B 127 -9.68 13.25 40.53
N ASP B 128 -10.43 14.08 41.30
CA ASP B 128 -11.84 13.74 41.61
C ASP B 128 -12.04 12.33 42.17
N ILE B 129 -11.06 11.89 42.96
CA ILE B 129 -10.98 10.53 43.49
C ILE B 129 -11.09 10.47 45.02
N ASN B 130 -11.45 11.58 45.67
CA ASN B 130 -11.70 11.57 47.11
C ASN B 130 -12.90 10.63 47.39
N THR B 131 -12.86 9.87 48.48
CA THR B 131 -14.01 9.07 48.85
C THR B 131 -14.90 9.97 49.74
N PRO B 132 -16.14 9.54 50.06
CA PRO B 132 -16.96 10.31 51.02
C PRO B 132 -16.34 10.42 52.42
N LEU B 133 -15.23 9.68 52.70
CA LEU B 133 -14.54 9.72 53.98
C LEU B 133 -13.21 10.50 53.91
N THR B 134 -12.54 10.53 52.74
CA THR B 134 -11.30 11.30 52.60
C THR B 134 -11.53 12.76 52.22
N THR B 135 -12.70 13.06 51.63
CA THR B 135 -13.02 14.45 51.26
C THR B 135 -13.00 15.42 52.46
N THR B 136 -12.58 16.66 52.24
CA THR B 136 -12.59 17.71 53.27
C THR B 136 -13.63 18.78 52.94
N SER B 137 -13.96 18.97 51.65
CA SER B 137 -14.98 19.95 51.24
C SER B 137 -16.38 19.36 51.34
N GLY B 138 -16.50 18.05 51.12
CA GLY B 138 -17.80 17.40 51.09
C GLY B 138 -18.52 17.59 49.77
N ASN B 139 -17.84 18.11 48.72
CA ASN B 139 -18.48 18.32 47.42
C ASN B 139 -18.29 17.08 46.57
N LEU B 140 -19.40 16.52 46.07
CA LEU B 140 -19.42 15.28 45.32
C LEU B 140 -18.82 15.35 43.91
N HIS B 141 -18.70 16.53 43.34
CA HIS B 141 -18.00 16.69 42.08
C HIS B 141 -16.47 16.36 42.23
N GLY B 142 -15.93 16.33 43.44
CA GLY B 142 -14.52 15.96 43.66
C GLY B 142 -14.34 14.52 44.08
N GLN B 143 -15.40 13.67 43.94
CA GLN B 143 -15.41 12.25 44.34
C GLN B 143 -15.87 11.22 43.29
N PRO B 144 -16.24 11.58 42.04
CA PRO B 144 -16.82 10.58 41.13
C PRO B 144 -15.98 9.33 40.86
N VAL B 145 -14.68 9.51 40.66
CA VAL B 145 -13.81 8.36 40.36
C VAL B 145 -13.79 7.33 41.48
N SER B 146 -13.86 7.77 42.75
CA SER B 146 -13.87 6.84 43.88
C SER B 146 -15.06 5.87 43.81
N PHE B 147 -16.26 6.35 43.37
CA PHE B 147 -17.46 5.51 43.29
C PHE B 147 -17.38 4.48 42.15
N LEU B 148 -16.60 4.80 41.10
CA LEU B 148 -16.45 3.98 39.90
C LEU B 148 -15.34 2.92 39.94
N LEU B 149 -14.31 3.05 40.81
CA LEU B 149 -13.22 2.07 40.83
C LEU B 149 -13.51 0.79 41.59
N LYS B 150 -13.32 -0.37 40.95
CA LYS B 150 -13.51 -1.67 41.59
C LYS B 150 -12.53 -1.87 42.74
N GLU B 151 -11.30 -1.34 42.62
CA GLU B 151 -10.29 -1.49 43.68
C GLU B 151 -10.61 -0.71 44.96
N LEU B 152 -11.57 0.21 44.90
CA LEU B 152 -11.99 0.95 46.08
C LEU B 152 -13.21 0.35 46.78
N LYS B 153 -13.67 -0.84 46.32
CA LYS B 153 -14.76 -1.57 46.95
C LYS B 153 -14.30 -1.96 48.35
N GLY B 154 -15.10 -1.58 49.32
CA GLY B 154 -14.78 -1.74 50.73
C GLY B 154 -14.49 -0.41 51.39
N LYS B 155 -14.03 0.59 50.61
CA LYS B 155 -13.69 1.92 51.11
C LYS B 155 -14.76 3.00 50.82
N ILE B 156 -15.86 2.66 50.12
CA ILE B 156 -16.91 3.65 49.87
C ILE B 156 -18.08 3.36 50.79
N PRO B 157 -18.40 4.27 51.70
CA PRO B 157 -19.50 4.01 52.63
C PRO B 157 -20.88 4.05 51.96
N ASP B 158 -21.91 3.64 52.71
CA ASP B 158 -23.27 3.65 52.20
C ASP B 158 -23.82 5.06 52.20
N VAL B 159 -23.66 5.79 51.09
CA VAL B 159 -24.15 7.17 50.98
C VAL B 159 -25.55 7.14 50.37
N PRO B 160 -26.54 7.80 51.00
CA PRO B 160 -27.90 7.81 50.45
C PRO B 160 -28.00 8.43 49.06
N GLY B 161 -28.63 7.71 48.17
CA GLY B 161 -28.78 8.08 46.78
C GLY B 161 -27.86 7.28 45.86
N PHE B 162 -26.90 6.52 46.43
CA PHE B 162 -25.93 5.77 45.65
C PHE B 162 -26.02 4.23 45.75
N SER B 163 -27.11 3.68 46.31
CA SER B 163 -27.24 2.21 46.41
C SER B 163 -27.21 1.49 45.04
N TRP B 164 -27.57 2.20 43.98
CA TRP B 164 -27.58 1.68 42.60
C TRP B 164 -26.18 1.54 41.99
N VAL B 165 -25.18 2.27 42.52
CA VAL B 165 -23.84 2.25 41.96
C VAL B 165 -23.09 0.95 42.23
N THR B 166 -22.51 0.38 41.18
CA THR B 166 -21.66 -0.80 41.22
C THR B 166 -20.39 -0.39 40.50
N PRO B 167 -19.20 -0.47 41.16
CA PRO B 167 -17.96 -0.05 40.48
C PRO B 167 -17.74 -0.76 39.14
N CYS B 168 -17.55 0.03 38.07
CA CYS B 168 -17.54 -0.54 36.71
C CYS B 168 -16.19 -0.47 36.00
N ILE B 169 -15.22 0.26 36.54
CA ILE B 169 -13.91 0.33 35.90
C ILE B 169 -12.78 -0.03 36.85
N SER B 170 -11.84 -0.83 36.36
CA SER B 170 -10.64 -1.20 37.09
C SER B 170 -9.66 -0.02 37.04
N ALA B 171 -8.77 0.06 38.03
CA ALA B 171 -7.76 1.10 38.12
C ALA B 171 -6.86 1.15 36.88
N LYS B 172 -6.66 0.00 36.20
CA LYS B 172 -5.81 -0.06 35.01
C LYS B 172 -6.48 0.50 33.75
N ASP B 173 -7.79 0.77 33.79
CA ASP B 173 -8.55 1.21 32.63
C ASP B 173 -8.91 2.70 32.61
N ILE B 174 -8.22 3.50 33.41
CA ILE B 174 -8.39 4.96 33.44
C ILE B 174 -7.01 5.63 33.32
N VAL B 175 -6.96 6.75 32.58
CA VAL B 175 -5.75 7.55 32.40
C VAL B 175 -6.12 9.00 32.67
N TYR B 176 -5.42 9.65 33.62
CA TYR B 176 -5.62 11.06 33.88
C TYR B 176 -4.67 11.87 33.00
N ILE B 177 -5.12 13.06 32.56
CA ILE B 177 -4.28 14.03 31.83
C ILE B 177 -4.61 15.42 32.36
N GLY B 178 -3.58 16.18 32.77
CA GLY B 178 -3.79 17.58 33.17
C GLY B 178 -3.64 17.90 34.63
N LEU B 179 -3.45 16.87 35.47
CA LEU B 179 -3.41 17.05 36.93
C LEU B 179 -2.42 18.08 37.47
N ARG B 180 -2.89 18.94 38.39
CA ARG B 180 -2.08 19.98 39.02
C ARG B 180 -2.62 20.47 40.36
N ASP B 181 -3.65 19.81 40.92
CA ASP B 181 -4.24 20.25 42.20
C ASP B 181 -4.87 19.03 42.82
N VAL B 182 -4.04 18.18 43.44
CA VAL B 182 -4.44 16.90 44.02
C VAL B 182 -4.30 16.93 45.54
N ASP B 183 -5.38 16.61 46.28
CA ASP B 183 -5.34 16.56 47.77
C ASP B 183 -4.41 15.43 48.22
N PRO B 184 -3.85 15.50 49.43
CA PRO B 184 -3.02 14.40 49.94
C PRO B 184 -3.65 13.00 49.91
N GLY B 185 -4.91 12.87 50.35
CA GLY B 185 -5.63 11.59 50.31
C GLY B 185 -5.80 11.08 48.88
N GLU B 186 -6.04 12.02 47.95
CA GLU B 186 -6.18 11.66 46.54
C GLU B 186 -4.84 11.19 45.99
N HIS B 187 -3.73 11.83 46.38
CA HIS B 187 -2.40 11.44 45.92
C HIS B 187 -2.06 10.07 46.47
N TYR B 188 -2.44 9.79 47.74
CA TYR B 188 -2.21 8.47 48.32
C TYR B 188 -2.98 7.41 47.52
N ILE B 189 -4.25 7.68 47.17
CA ILE B 189 -5.02 6.73 46.38
C ILE B 189 -4.39 6.51 45.01
N LEU B 190 -4.16 7.61 44.23
CA LEU B 190 -3.54 7.55 42.91
C LEU B 190 -2.27 6.70 42.88
N LYS B 191 -1.37 6.95 43.82
CA LYS B 191 -0.12 6.19 43.91
C LYS B 191 -0.29 4.74 44.40
N THR B 192 -1.15 4.49 45.41
CA THR B 192 -1.36 3.12 45.91
C THR B 192 -2.02 2.22 44.85
N LEU B 193 -2.98 2.76 44.11
CA LEU B 193 -3.68 1.96 43.08
C LEU B 193 -2.87 1.74 41.78
N GLY B 194 -1.80 2.51 41.60
CA GLY B 194 -0.95 2.45 40.42
C GLY B 194 -1.66 2.93 39.16
N ILE B 195 -2.57 3.91 39.31
CA ILE B 195 -3.34 4.46 38.17
C ILE B 195 -2.39 5.23 37.23
N LYS B 196 -2.56 5.07 35.91
CA LYS B 196 -1.76 5.77 34.90
C LYS B 196 -2.14 7.24 34.86
N TYR B 197 -1.16 8.13 35.04
CA TYR B 197 -1.48 9.56 35.05
C TYR B 197 -0.41 10.38 34.37
N PHE B 198 -0.83 11.50 33.82
CA PHE B 198 0.07 12.46 33.23
C PHE B 198 -0.31 13.80 33.84
N SER B 199 0.32 14.14 34.97
CA SER B 199 0.12 15.44 35.59
C SER B 199 0.73 16.52 34.66
N MET B 200 0.57 17.83 34.97
CA MET B 200 1.24 18.84 34.18
C MET B 200 2.77 18.63 34.12
N THR B 201 3.39 17.97 35.12
CA THR B 201 4.83 17.69 35.13
C THR B 201 5.22 16.72 33.99
N GLU B 202 4.41 15.65 33.79
CA GLU B 202 4.64 14.67 32.72
C GLU B 202 4.40 15.30 31.37
N VAL B 203 3.29 16.09 31.23
CA VAL B 203 3.01 16.84 30.00
C VAL B 203 4.22 17.77 29.68
N ASP B 204 4.79 18.44 30.72
CA ASP B 204 5.96 19.30 30.50
C ASP B 204 7.21 18.47 30.08
N ARG B 205 7.40 17.30 30.69
CA ARG B 205 8.55 16.44 30.43
C ARG B 205 8.55 15.84 29.02
N LEU B 206 7.44 15.24 28.62
CA LEU B 206 7.33 14.49 27.39
C LEU B 206 6.78 15.23 26.21
N GLY B 207 5.94 16.21 26.47
CA GLY B 207 5.21 16.90 25.41
C GLY B 207 3.92 16.16 25.18
N ILE B 208 2.88 16.87 24.73
CA ILE B 208 1.56 16.29 24.51
C ILE B 208 1.54 15.18 23.45
N GLY B 209 2.49 15.21 22.52
CA GLY B 209 2.55 14.23 21.45
C GLY B 209 2.79 12.85 22.01
N LYS B 210 3.77 12.76 22.89
CA LYS B 210 4.17 11.56 23.59
C LYS B 210 3.11 11.16 24.60
N VAL B 211 2.49 12.13 25.30
CA VAL B 211 1.46 11.84 26.29
C VAL B 211 0.31 11.05 25.64
N MET B 212 -0.11 11.50 24.44
CA MET B 212 -1.21 10.84 23.77
C MET B 212 -0.84 9.49 23.18
N GLU B 213 0.36 9.37 22.64
CA GLU B 213 0.88 8.10 22.11
C GLU B 213 0.91 7.05 23.25
N GLU B 214 1.36 7.48 24.44
CA GLU B 214 1.43 6.61 25.59
C GLU B 214 0.03 6.30 26.12
N THR B 215 -0.86 7.32 26.18
CA THR B 215 -2.24 7.14 26.65
C THR B 215 -2.97 6.11 25.78
N LEU B 216 -2.97 6.29 24.48
CA LEU B 216 -3.64 5.37 23.57
C LEU B 216 -2.98 3.99 23.52
N SER B 217 -1.66 3.90 23.73
CA SER B 217 -1.01 2.58 23.79
C SER B 217 -1.43 1.89 25.10
N TYR B 218 -1.50 2.64 26.20
CA TYR B 218 -1.85 2.08 27.49
C TYR B 218 -3.28 1.53 27.49
N LEU B 219 -4.22 2.28 26.92
CA LEU B 219 -5.61 1.85 26.91
C LEU B 219 -5.96 0.92 25.75
N LEU B 220 -5.27 1.01 24.59
CA LEU B 220 -5.65 0.19 23.43
C LEU B 220 -4.64 -0.86 23.02
N GLY B 221 -3.54 -1.00 23.77
CA GLY B 221 -2.48 -1.94 23.47
C GLY B 221 -2.86 -3.41 23.55
N ARG B 222 -3.55 -3.83 24.62
CA ARG B 222 -3.96 -5.23 24.76
C ARG B 222 -5.05 -5.52 23.72
N LYS B 223 -6.07 -4.66 23.64
CA LYS B 223 -7.14 -4.82 22.66
C LYS B 223 -7.89 -3.52 22.43
N LYS B 224 -8.44 -3.34 21.20
CA LYS B 224 -9.25 -2.18 20.86
C LYS B 224 -10.56 -2.28 21.63
N ARG B 225 -10.95 -1.20 22.28
CA ARG B 225 -12.17 -1.15 23.08
C ARG B 225 -12.73 0.27 23.12
N PRO B 226 -14.02 0.45 23.46
CA PRO B 226 -14.61 1.80 23.49
C PRO B 226 -13.90 2.77 24.42
N ILE B 227 -13.81 4.03 24.02
CA ILE B 227 -13.15 5.05 24.82
C ILE B 227 -14.19 6.03 25.36
N HIS B 228 -14.10 6.32 26.67
CA HIS B 228 -14.95 7.32 27.27
C HIS B 228 -14.02 8.48 27.66
N LEU B 229 -14.27 9.66 27.10
CA LEU B 229 -13.50 10.84 27.47
C LEU B 229 -14.36 11.72 28.39
N SER B 230 -13.92 11.93 29.65
CA SER B 230 -14.58 12.86 30.58
C SER B 230 -13.74 14.12 30.63
N PHE B 231 -14.24 15.17 30.00
CA PHE B 231 -13.52 16.44 29.88
C PHE B 231 -14.00 17.51 30.83
N ASP B 232 -13.20 17.82 31.85
CA ASP B 232 -13.52 18.91 32.77
C ASP B 232 -12.83 20.13 32.16
N VAL B 233 -13.57 21.21 31.82
CA VAL B 233 -12.94 22.37 31.17
C VAL B 233 -11.80 23.03 32.02
N ASP B 234 -11.75 22.78 33.34
CA ASP B 234 -10.68 23.30 34.19
C ASP B 234 -9.30 22.57 33.99
N GLY B 235 -9.28 21.50 33.19
CA GLY B 235 -8.04 20.85 32.78
C GLY B 235 -7.24 21.83 31.92
N LEU B 236 -7.94 22.63 31.08
CA LEU B 236 -7.27 23.68 30.30
C LEU B 236 -6.95 24.88 31.23
N ASP B 237 -5.91 25.64 30.87
CA ASP B 237 -5.49 26.81 31.66
C ASP B 237 -6.61 27.84 31.74
N PRO B 238 -6.76 28.56 32.89
CA PRO B 238 -7.83 29.59 32.99
C PRO B 238 -7.73 30.75 32.01
N SER B 239 -6.65 30.84 31.21
CA SER B 239 -6.59 31.86 30.17
C SER B 239 -7.47 31.43 28.96
N PHE B 240 -7.90 30.14 28.88
CA PHE B 240 -8.78 29.66 27.79
C PHE B 240 -10.16 29.29 28.36
N THR B 241 -10.20 28.73 29.56
CA THR B 241 -11.48 28.36 30.19
C THR B 241 -11.65 29.01 31.59
N PRO B 242 -11.76 30.34 31.66
CA PRO B 242 -11.86 30.99 32.99
C PRO B 242 -13.19 30.77 33.70
N ALA B 243 -14.26 30.53 32.94
CA ALA B 243 -15.58 30.43 33.54
C ALA B 243 -15.88 29.02 34.02
N THR B 244 -15.26 28.69 35.13
CA THR B 244 -15.31 27.39 35.78
C THR B 244 -15.08 27.61 37.29
N GLY B 245 -15.67 26.74 38.09
CA GLY B 245 -15.65 26.86 39.53
C GLY B 245 -14.33 26.70 40.26
N THR B 246 -13.45 25.80 39.80
CA THR B 246 -12.15 25.52 40.44
C THR B 246 -10.98 25.68 39.44
N PRO B 247 -10.71 26.93 39.02
CA PRO B 247 -9.62 27.13 38.06
C PRO B 247 -8.23 27.07 38.70
N VAL B 248 -7.23 26.49 38.00
CA VAL B 248 -5.86 26.38 38.51
C VAL B 248 -4.86 26.80 37.44
N VAL B 249 -3.96 27.76 37.73
CA VAL B 249 -2.96 28.20 36.73
C VAL B 249 -2.02 27.07 36.28
N GLY B 250 -1.35 27.27 35.15
CA GLY B 250 -0.39 26.30 34.64
C GLY B 250 -1.03 25.10 34.00
N GLY B 251 -2.16 25.33 33.32
CA GLY B 251 -2.89 24.25 32.70
C GLY B 251 -2.54 23.91 31.26
N LEU B 252 -3.33 23.02 30.70
CA LEU B 252 -3.17 22.61 29.30
C LEU B 252 -3.47 23.77 28.40
N THR B 253 -2.73 23.92 27.31
CA THR B 253 -3.03 25.05 26.40
C THR B 253 -4.24 24.71 25.53
N TYR B 254 -4.78 25.69 24.80
CA TYR B 254 -5.87 25.47 23.85
C TYR B 254 -5.42 24.43 22.79
N ARG B 255 -4.16 24.54 22.31
CA ARG B 255 -3.52 23.62 21.36
C ARG B 255 -3.46 22.20 21.90
N GLU B 256 -3.06 22.03 23.19
CA GLU B 256 -2.95 20.74 23.84
C GLU B 256 -4.31 20.05 23.96
N GLY B 257 -5.34 20.83 24.26
CA GLY B 257 -6.70 20.34 24.36
C GLY B 257 -7.20 19.83 23.02
N LEU B 258 -6.90 20.54 21.94
CA LEU B 258 -7.28 20.10 20.58
C LEU B 258 -6.48 18.87 20.18
N TYR B 259 -5.20 18.82 20.55
CA TYR B 259 -4.36 17.69 20.20
C TYR B 259 -4.89 16.41 20.84
N ILE B 260 -5.28 16.47 22.13
CA ILE B 260 -5.85 15.34 22.87
C ILE B 260 -7.09 14.80 22.15
N THR B 261 -8.03 15.70 21.83
CA THR B 261 -9.30 15.32 21.26
C THR B 261 -9.16 14.91 19.79
N GLU B 262 -8.24 15.52 19.03
CA GLU B 262 -8.01 15.12 17.64
C GLU B 262 -7.49 13.68 17.59
N GLU B 263 -6.55 13.35 18.49
CA GLU B 263 -5.96 12.01 18.58
C GLU B 263 -7.00 11.00 19.03
N ILE B 264 -7.91 11.38 19.96
CA ILE B 264 -8.96 10.48 20.40
C ILE B 264 -9.92 10.24 19.24
N TYR B 265 -10.27 11.29 18.45
CA TYR B 265 -11.15 11.08 17.29
C TYR B 265 -10.59 10.04 16.31
N LYS B 266 -9.31 10.19 15.93
CA LYS B 266 -8.62 9.36 14.95
C LYS B 266 -8.54 7.88 15.33
N THR B 267 -8.71 7.51 16.62
CA THR B 267 -8.79 6.09 16.98
C THR B 267 -10.07 5.43 16.38
N GLY B 268 -11.11 6.22 16.16
CA GLY B 268 -12.42 5.75 15.73
C GLY B 268 -13.15 5.00 16.84
N LEU B 269 -12.71 5.17 18.09
CA LEU B 269 -13.25 4.42 19.22
C LEU B 269 -13.97 5.25 20.27
N LEU B 270 -14.11 6.58 20.05
CA LEU B 270 -14.85 7.41 21.00
C LEU B 270 -16.31 6.95 21.01
N SER B 271 -16.76 6.61 22.19
CA SER B 271 -18.04 6.03 22.46
C SER B 271 -18.85 6.88 23.45
N GLY B 272 -18.19 7.69 24.26
CA GLY B 272 -18.87 8.55 25.22
C GLY B 272 -18.00 9.75 25.53
N LEU B 273 -18.64 10.91 25.62
CA LEU B 273 -17.96 12.16 25.91
C LEU B 273 -18.75 12.96 26.94
N ASP B 274 -18.05 13.52 27.95
CA ASP B 274 -18.62 14.44 28.92
C ASP B 274 -17.91 15.77 28.75
N ILE B 275 -18.67 16.87 28.70
CA ILE B 275 -18.15 18.24 28.65
C ILE B 275 -18.63 18.86 29.94
N MET B 276 -17.74 18.94 30.93
CA MET B 276 -18.14 19.33 32.27
C MET B 276 -17.50 20.58 32.87
N GLU B 277 -18.21 21.16 33.87
CA GLU B 277 -17.81 22.31 34.69
C GLU B 277 -17.78 23.67 33.97
N VAL B 278 -18.55 23.85 32.90
CA VAL B 278 -18.69 25.18 32.29
C VAL B 278 -19.68 25.96 33.17
N ASN B 279 -19.27 27.09 33.75
CA ASN B 279 -20.17 27.88 34.58
C ASN B 279 -20.25 29.32 34.05
N PRO B 280 -21.35 29.64 33.32
CA PRO B 280 -21.49 30.98 32.73
C PRO B 280 -21.86 32.10 33.72
N SER B 281 -21.97 31.78 35.01
CA SER B 281 -22.14 32.82 36.03
C SER B 281 -20.79 33.19 36.65
N LEU B 282 -19.65 32.50 36.28
CA LEU B 282 -18.36 32.67 36.92
C LEU B 282 -17.19 33.29 36.15
N GLY B 283 -17.44 33.97 35.03
CA GLY B 283 -16.36 34.71 34.37
C GLY B 283 -16.16 36.06 35.05
N LYS B 284 -15.04 36.74 34.83
CA LYS B 284 -14.85 38.11 35.37
C LYS B 284 -15.55 39.15 34.46
N THR B 285 -15.75 38.82 33.17
CA THR B 285 -16.39 39.64 32.16
C THR B 285 -17.25 38.75 31.28
N PRO B 286 -18.23 39.31 30.53
CA PRO B 286 -18.98 38.46 29.58
C PRO B 286 -18.04 37.84 28.52
N GLU B 287 -16.91 38.50 28.13
CA GLU B 287 -15.98 37.89 27.16
C GLU B 287 -15.34 36.63 27.76
N GLU B 288 -15.09 36.59 29.07
CA GLU B 288 -14.47 35.42 29.69
C GLU B 288 -15.39 34.19 29.60
N VAL B 289 -16.72 34.43 29.68
CA VAL B 289 -17.73 33.38 29.52
C VAL B 289 -17.74 32.92 28.05
N THR B 290 -17.79 33.87 27.11
CA THR B 290 -17.77 33.53 25.69
C THR B 290 -16.46 32.77 25.32
N ARG B 291 -15.31 33.14 25.88
CA ARG B 291 -14.04 32.46 25.60
C ARG B 291 -14.10 30.99 26.05
N THR B 292 -14.66 30.77 27.25
CA THR B 292 -14.85 29.47 27.86
C THR B 292 -15.76 28.60 27.00
N VAL B 293 -16.94 29.13 26.64
CA VAL B 293 -17.91 28.36 25.84
C VAL B 293 -17.34 28.06 24.47
N ASN B 294 -16.73 29.05 23.80
CA ASN B 294 -16.12 28.80 22.49
C ASN B 294 -15.02 27.72 22.58
N THR B 295 -14.22 27.73 23.66
CA THR B 295 -13.16 26.73 23.83
C THR B 295 -13.78 25.35 24.01
N ALA B 296 -14.88 25.24 24.81
CA ALA B 296 -15.55 23.96 25.02
C ALA B 296 -16.14 23.45 23.71
N VAL B 297 -16.74 24.36 22.92
CA VAL B 297 -17.32 23.95 21.63
C VAL B 297 -16.21 23.44 20.70
N ALA B 298 -15.08 24.16 20.65
CA ALA B 298 -13.94 23.78 19.83
C ALA B 298 -13.42 22.37 20.19
N ILE B 299 -13.30 22.08 21.50
CA ILE B 299 -12.85 20.77 21.99
C ILE B 299 -13.85 19.70 21.51
N THR B 300 -15.16 20.00 21.64
CA THR B 300 -16.27 19.12 21.25
C THR B 300 -16.23 18.78 19.77
N LEU B 301 -16.01 19.76 18.92
CA LEU B 301 -15.92 19.56 17.48
C LEU B 301 -14.73 18.68 17.11
N ALA B 302 -13.61 18.85 17.80
CA ALA B 302 -12.43 18.01 17.52
C ALA B 302 -12.68 16.52 17.85
N CYS B 303 -13.46 16.22 18.92
CA CYS B 303 -13.80 14.83 19.25
C CYS B 303 -14.58 14.14 18.14
N PHE B 304 -15.26 14.91 17.29
CA PHE B 304 -16.12 14.41 16.23
C PHE B 304 -15.60 14.69 14.82
N GLY B 305 -14.29 14.88 14.70
CA GLY B 305 -13.63 14.97 13.42
C GLY B 305 -13.06 16.28 12.91
N LEU B 306 -13.34 17.41 13.56
CA LEU B 306 -12.81 18.69 13.07
C LEU B 306 -11.29 18.71 13.21
N ALA B 307 -10.59 18.76 12.09
CA ALA B 307 -9.15 18.68 12.07
C ALA B 307 -8.54 20.03 11.76
N ARG B 308 -7.47 20.43 12.49
CA ARG B 308 -6.83 21.72 12.20
C ARG B 308 -6.16 21.74 10.84
N GLU B 309 -5.69 20.59 10.33
CA GLU B 309 -5.10 20.52 8.98
C GLU B 309 -6.16 20.75 7.85
N GLY B 310 -7.45 20.65 8.18
CA GLY B 310 -8.53 20.80 7.24
C GLY B 310 -9.37 19.54 7.13
N ASN B 311 -10.55 19.67 6.52
CA ASN B 311 -11.48 18.59 6.28
C ASN B 311 -12.13 18.77 4.91
N HIS B 312 -12.49 17.67 4.24
CA HIS B 312 -13.20 17.76 2.97
C HIS B 312 -14.04 16.53 2.69
N LYS B 313 -15.12 16.71 1.92
CA LYS B 313 -16.04 15.66 1.51
C LYS B 313 -15.37 14.85 0.38
N PRO B 314 -15.79 13.58 0.17
CA PRO B 314 -15.15 12.78 -0.90
C PRO B 314 -15.66 13.11 -2.30
N ILE B 315 -15.30 14.29 -2.78
CA ILE B 315 -15.70 14.79 -4.10
C ILE B 315 -14.51 15.53 -4.67
N ASP B 316 -14.52 15.72 -6.00
CA ASP B 316 -13.44 16.43 -6.66
C ASP B 316 -13.73 17.93 -6.56
N TYR B 317 -13.07 18.64 -5.63
CA TYR B 317 -13.29 20.08 -5.47
C TYR B 317 -12.87 20.92 -6.69
N LEU B 318 -12.01 20.37 -7.55
CA LEU B 318 -11.60 21.07 -8.77
C LEU B 318 -12.56 20.81 -9.97
N ASN B 319 -13.55 19.91 -9.81
CA ASN B 319 -14.56 19.61 -10.83
C ASN B 319 -15.94 19.41 -10.18
N PRO B 320 -16.55 20.48 -9.62
CA PRO B 320 -17.87 20.31 -8.99
C PRO B 320 -19.00 20.29 -10.02
N ALA C 3 -34.68 -18.16 -14.90
CA ALA C 3 -34.00 -18.40 -13.62
C ALA C 3 -33.03 -17.27 -13.27
N LYS C 4 -32.71 -17.12 -11.97
CA LYS C 4 -31.79 -16.08 -11.48
C LYS C 4 -30.42 -16.09 -12.20
N SER C 5 -29.88 -17.28 -12.48
CA SER C 5 -28.57 -17.40 -13.14
C SER C 5 -28.57 -17.02 -14.64
N ARG C 6 -29.75 -16.83 -15.23
CA ARG C 6 -29.87 -16.38 -16.61
C ARG C 6 -30.61 -15.05 -16.71
N THR C 7 -30.73 -14.25 -15.59
CA THR C 7 -31.40 -12.93 -15.60
C THR C 7 -30.30 -11.86 -15.61
N ILE C 8 -30.17 -11.14 -16.73
CA ILE C 8 -29.02 -10.29 -17.00
C ILE C 8 -29.33 -8.82 -17.22
N GLY C 9 -28.37 -7.98 -16.84
CA GLY C 9 -28.39 -6.54 -17.06
C GLY C 9 -27.09 -6.15 -17.75
N ILE C 10 -27.17 -5.82 -19.08
CA ILE C 10 -26.02 -5.45 -19.93
C ILE C 10 -25.66 -3.99 -19.75
N ILE C 11 -24.39 -3.70 -19.53
CA ILE C 11 -23.88 -2.36 -19.38
C ILE C 11 -22.67 -2.24 -20.30
N GLY C 12 -22.76 -1.37 -21.29
CA GLY C 12 -21.63 -1.07 -22.14
C GLY C 12 -20.75 -0.06 -21.45
N ALA C 13 -19.44 -0.29 -21.47
CA ALA C 13 -18.51 0.64 -20.84
C ALA C 13 -17.42 0.97 -21.85
N PRO C 14 -17.74 1.78 -22.88
CA PRO C 14 -16.74 2.08 -23.92
C PRO C 14 -15.69 3.08 -23.43
N PHE C 15 -14.72 2.58 -22.67
CA PHE C 15 -13.71 3.44 -22.05
C PHE C 15 -12.30 2.89 -22.33
N SER C 16 -11.34 3.77 -22.62
CA SER C 16 -9.96 3.36 -22.94
C SER C 16 -8.88 4.11 -22.19
N LYS C 17 -9.20 5.19 -21.45
CA LYS C 17 -8.17 6.00 -20.80
C LYS C 17 -7.42 5.34 -19.59
N GLY C 18 -7.76 4.11 -19.23
CA GLY C 18 -6.98 3.36 -18.24
C GLY C 18 -5.73 2.73 -18.87
N GLN C 19 -5.55 2.84 -20.21
CA GLN C 19 -4.38 2.27 -20.90
C GLN C 19 -4.03 3.15 -22.14
N PRO C 20 -2.86 2.95 -22.81
CA PRO C 20 -2.48 3.89 -23.88
C PRO C 20 -2.84 3.51 -25.31
N ARG C 21 -3.37 2.30 -25.55
CA ARG C 21 -3.68 1.89 -26.91
C ARG C 21 -5.13 2.17 -27.31
N GLY C 22 -5.31 3.01 -28.31
CA GLY C 22 -6.65 3.35 -28.79
C GLY C 22 -7.37 2.14 -29.36
N GLY C 23 -8.68 2.11 -29.16
CA GLY C 23 -9.50 1.04 -29.72
C GLY C 23 -10.31 0.19 -28.76
N VAL C 24 -9.86 0.07 -27.50
CA VAL C 24 -10.54 -0.79 -26.53
C VAL C 24 -11.93 -0.23 -26.16
N GLU C 25 -12.15 1.10 -26.37
CA GLU C 25 -13.45 1.70 -26.18
C GLU C 25 -14.48 1.12 -27.18
N GLU C 26 -14.04 0.52 -28.29
CA GLU C 26 -14.98 -0.12 -29.24
C GLU C 26 -15.36 -1.56 -28.90
N GLY C 27 -14.86 -2.08 -27.78
CA GLY C 27 -15.17 -3.43 -27.29
C GLY C 27 -16.66 -3.66 -27.13
N PRO C 28 -17.44 -2.75 -26.49
CA PRO C 28 -18.89 -2.98 -26.40
C PRO C 28 -19.53 -3.05 -27.79
N THR C 29 -19.13 -2.15 -28.72
CA THR C 29 -19.67 -2.13 -30.09
C THR C 29 -19.51 -3.46 -30.84
N VAL C 30 -18.31 -4.02 -30.81
CA VAL C 30 -18.04 -5.26 -31.56
C VAL C 30 -18.70 -6.48 -30.88
N LEU C 31 -18.80 -6.47 -29.54
CA LEU C 31 -19.51 -7.56 -28.83
C LEU C 31 -21.01 -7.52 -29.17
N ARG C 32 -21.60 -6.30 -29.29
CA ARG C 32 -23.01 -6.15 -29.66
C ARG C 32 -23.23 -6.57 -31.12
N LYS C 33 -22.35 -6.12 -32.04
CA LYS C 33 -22.42 -6.45 -33.46
C LYS C 33 -22.39 -7.95 -33.70
N ALA C 34 -21.64 -8.69 -32.86
CA ALA C 34 -21.56 -10.14 -32.98
C ALA C 34 -22.83 -10.90 -32.53
N GLY C 35 -23.85 -10.17 -32.12
CA GLY C 35 -25.12 -10.74 -31.74
C GLY C 35 -25.14 -11.31 -30.35
N LEU C 36 -24.30 -10.78 -29.44
CA LEU C 36 -24.25 -11.27 -28.06
C LEU C 36 -25.62 -11.29 -27.36
N LEU C 37 -26.34 -10.18 -27.38
CA LEU C 37 -27.63 -10.05 -26.69
C LEU C 37 -28.68 -11.04 -27.21
N GLU C 38 -28.79 -11.19 -28.52
CA GLU C 38 -29.70 -12.12 -29.17
C GLU C 38 -29.28 -13.59 -28.91
N LYS C 39 -27.97 -13.91 -28.91
CA LYS C 39 -27.52 -15.26 -28.57
C LYS C 39 -27.89 -15.61 -27.09
N LEU C 40 -27.81 -14.63 -26.17
CA LEU C 40 -28.19 -14.84 -24.78
C LEU C 40 -29.71 -15.07 -24.70
N LYS C 41 -30.50 -14.31 -25.48
CA LYS C 41 -31.95 -14.50 -25.49
C LYS C 41 -32.31 -15.89 -26.04
N GLU C 42 -31.57 -16.37 -27.06
CA GLU C 42 -31.75 -17.69 -27.67
C GLU C 42 -31.51 -18.84 -26.68
N GLN C 43 -30.68 -18.65 -25.65
CA GLN C 43 -30.44 -19.69 -24.66
C GLN C 43 -31.27 -19.49 -23.38
N GLU C 44 -32.43 -18.83 -23.51
CA GLU C 44 -33.45 -18.61 -22.49
C GLU C 44 -33.08 -17.60 -21.40
N CYS C 45 -32.27 -16.58 -21.71
CA CYS C 45 -31.94 -15.53 -20.73
C CYS C 45 -32.95 -14.40 -20.78
N ASP C 46 -33.13 -13.72 -19.65
CA ASP C 46 -33.97 -12.53 -19.54
C ASP C 46 -32.96 -11.41 -19.61
N VAL C 47 -32.83 -10.78 -20.76
CA VAL C 47 -31.85 -9.72 -20.99
C VAL C 47 -32.43 -8.30 -20.97
N LYS C 48 -31.86 -7.44 -20.13
CA LYS C 48 -32.22 -6.03 -20.06
C LYS C 48 -30.96 -5.24 -20.38
N ASP C 49 -31.03 -4.42 -21.41
CA ASP C 49 -29.93 -3.63 -21.90
C ASP C 49 -29.97 -2.23 -21.31
N TYR C 50 -29.04 -1.97 -20.40
CA TYR C 50 -28.94 -0.65 -19.75
C TYR C 50 -28.12 0.35 -20.57
N GLY C 51 -27.89 0.07 -21.85
CA GLY C 51 -27.13 0.93 -22.76
C GLY C 51 -25.64 1.02 -22.51
N ASP C 52 -24.97 1.84 -23.32
CA ASP C 52 -23.53 2.09 -23.19
C ASP C 52 -23.39 3.41 -22.43
N LEU C 53 -22.63 3.41 -21.33
CA LEU C 53 -22.43 4.63 -20.55
C LEU C 53 -21.76 5.76 -21.34
N PRO C 54 -22.29 6.97 -21.23
CA PRO C 54 -21.62 8.11 -21.88
C PRO C 54 -20.47 8.60 -20.98
N PHE C 55 -19.23 8.51 -21.47
CA PHE C 55 -18.08 8.97 -20.69
C PHE C 55 -17.64 10.32 -21.22
N ALA C 56 -18.01 11.39 -20.50
CA ALA C 56 -17.67 12.77 -20.86
C ALA C 56 -16.17 13.05 -20.76
N ASP C 57 -15.61 13.82 -21.72
CA ASP C 57 -14.20 14.16 -21.72
C ASP C 57 -13.88 15.16 -20.59
N ILE C 58 -12.93 14.83 -19.72
CA ILE C 58 -12.48 15.76 -18.68
C ILE C 58 -11.27 16.45 -19.31
N PRO C 59 -11.37 17.76 -19.64
CA PRO C 59 -10.31 18.39 -20.46
C PRO C 59 -8.93 18.57 -19.83
N ASN C 60 -8.84 19.00 -18.58
CA ASN C 60 -7.53 19.20 -17.96
C ASN C 60 -7.25 18.09 -16.99
N ASP C 61 -7.21 16.87 -17.51
CA ASP C 61 -6.96 15.71 -16.69
C ASP C 61 -5.45 15.40 -16.57
N SER C 62 -4.78 16.23 -15.78
CA SER C 62 -3.37 16.22 -15.45
C SER C 62 -3.04 14.91 -14.75
N PRO C 63 -1.87 14.33 -15.01
CA PRO C 63 -1.51 13.09 -14.33
C PRO C 63 -1.24 13.26 -12.84
N PHE C 64 -1.33 12.16 -12.10
CA PHE C 64 -0.97 12.11 -10.69
C PHE C 64 0.41 11.46 -10.70
N GLN C 65 1.52 12.25 -10.56
CA GLN C 65 2.89 11.73 -10.68
C GLN C 65 3.02 11.11 -12.14
N ILE C 66 3.20 9.79 -12.31
CA ILE C 66 3.23 9.18 -13.65
C ILE C 66 1.87 8.54 -14.05
N VAL C 67 0.88 8.50 -13.14
CA VAL C 67 -0.43 7.90 -13.35
C VAL C 67 -1.25 8.75 -14.31
N LYS C 68 -1.63 8.20 -15.47
CA LYS C 68 -2.33 8.97 -16.49
C LYS C 68 -3.83 8.96 -16.38
N ASN C 69 -4.46 10.08 -16.78
CA ASN C 69 -5.91 10.26 -16.84
C ASN C 69 -6.65 9.93 -15.54
N PRO C 70 -6.18 10.37 -14.35
CA PRO C 70 -6.81 9.92 -13.11
C PRO C 70 -8.27 10.29 -12.95
N ARG C 71 -8.64 11.54 -13.22
CA ARG C 71 -10.04 11.95 -13.06
C ARG C 71 -10.95 11.22 -14.04
N SER C 72 -10.48 10.98 -15.27
CA SER C 72 -11.27 10.29 -16.31
C SER C 72 -11.52 8.84 -15.90
N VAL C 73 -10.48 8.12 -15.45
CA VAL C 73 -10.57 6.73 -15.00
C VAL C 73 -11.43 6.65 -13.75
N GLY C 74 -11.20 7.58 -12.81
CA GLY C 74 -11.96 7.60 -11.58
C GLY C 74 -13.43 7.89 -11.80
N LYS C 75 -13.73 8.75 -12.75
CA LYS C 75 -15.11 9.11 -13.07
C LYS C 75 -15.85 8.03 -13.79
N ALA C 76 -15.16 7.34 -14.71
CA ALA C 76 -15.76 6.26 -15.47
C ALA C 76 -16.16 5.13 -14.52
N SER C 77 -15.26 4.79 -13.59
CA SER C 77 -15.50 3.77 -12.59
C SER C 77 -16.59 4.22 -11.61
N GLU C 78 -16.65 5.52 -11.29
CA GLU C 78 -17.68 6.03 -10.37
C GLU C 78 -19.09 5.87 -10.97
N GLN C 79 -19.21 6.19 -12.27
CA GLN C 79 -20.45 6.07 -13.02
C GLN C 79 -20.84 4.61 -13.13
N LEU C 80 -19.88 3.75 -13.49
CA LEU C 80 -20.10 2.33 -13.65
C LEU C 80 -20.57 1.72 -12.33
N ALA C 81 -19.99 2.15 -11.18
CA ALA C 81 -20.37 1.67 -9.85
C ALA C 81 -21.86 1.89 -9.60
N GLY C 82 -22.35 3.09 -9.90
CA GLY C 82 -23.76 3.40 -9.72
C GLY C 82 -24.62 2.56 -10.64
N LYS C 83 -24.16 2.34 -11.88
CA LYS C 83 -24.92 1.56 -12.84
C LYS C 83 -24.98 0.06 -12.47
N VAL C 84 -23.87 -0.50 -11.95
CA VAL C 84 -23.86 -1.89 -11.51
C VAL C 84 -24.76 -2.04 -10.30
N ALA C 85 -24.65 -1.13 -9.32
CA ALA C 85 -25.53 -1.17 -8.14
C ALA C 85 -27.01 -1.11 -8.54
N GLU C 86 -27.35 -0.31 -9.57
CA GLU C 86 -28.72 -0.21 -10.08
C GLU C 86 -29.17 -1.56 -10.68
N VAL C 87 -28.31 -2.22 -11.45
CA VAL C 87 -28.59 -3.55 -12.03
C VAL C 87 -28.75 -4.60 -10.93
N LYS C 88 -27.82 -4.65 -9.98
CA LYS C 88 -27.89 -5.58 -8.86
C LYS C 88 -29.15 -5.38 -8.02
N LYS C 89 -29.58 -4.11 -7.83
CA LYS C 89 -30.81 -3.79 -7.09
C LYS C 89 -32.07 -4.30 -7.81
N ASN C 90 -32.02 -4.39 -9.16
CA ASN C 90 -33.11 -4.94 -9.98
C ASN C 90 -33.15 -6.50 -10.01
N GLY C 91 -32.26 -7.15 -9.25
CA GLY C 91 -32.18 -8.59 -9.18
C GLY C 91 -31.59 -9.22 -10.43
N ARG C 92 -30.68 -8.50 -11.12
CA ARG C 92 -30.05 -9.04 -12.33
C ARG C 92 -28.56 -9.23 -12.14
N ILE C 93 -27.97 -10.12 -12.93
CA ILE C 93 -26.52 -10.31 -12.94
C ILE C 93 -25.99 -9.20 -13.82
N SER C 94 -25.09 -8.36 -13.30
CA SER C 94 -24.50 -7.30 -14.14
C SER C 94 -23.49 -7.89 -15.08
N LEU C 95 -23.54 -7.45 -16.33
CA LEU C 95 -22.64 -7.89 -17.40
C LEU C 95 -22.06 -6.60 -18.01
N VAL C 96 -20.84 -6.32 -17.63
CA VAL C 96 -20.13 -5.14 -18.12
C VAL C 96 -19.33 -5.53 -19.35
N LEU C 97 -19.53 -4.80 -20.44
CA LEU C 97 -18.78 -5.00 -21.67
C LEU C 97 -17.77 -3.91 -21.73
N GLY C 98 -16.50 -4.24 -21.57
CA GLY C 98 -15.43 -3.23 -21.62
C GLY C 98 -14.87 -3.07 -23.03
N GLY C 99 -13.95 -2.13 -23.22
CA GLY C 99 -13.44 -1.25 -22.19
C GLY C 99 -12.20 -1.83 -21.52
N ASP C 100 -11.36 -0.98 -20.94
CA ASP C 100 -10.16 -1.46 -20.26
C ASP C 100 -10.46 -1.89 -18.81
N HIS C 101 -9.54 -2.67 -18.26
CA HIS C 101 -9.72 -3.28 -16.96
C HIS C 101 -9.71 -2.35 -15.74
N SER C 102 -9.40 -1.05 -15.92
CA SER C 102 -9.49 -0.09 -14.80
C SER C 102 -10.95 0.01 -14.32
N LEU C 103 -11.94 -0.27 -15.22
CA LEU C 103 -13.38 -0.30 -14.96
C LEU C 103 -13.80 -1.32 -13.91
N ALA C 104 -12.94 -2.31 -13.60
CA ALA C 104 -13.25 -3.29 -12.55
C ALA C 104 -13.37 -2.60 -11.17
N ILE C 105 -12.73 -1.41 -10.99
CA ILE C 105 -12.90 -0.61 -9.75
C ILE C 105 -14.38 -0.26 -9.59
N GLY C 106 -14.99 0.21 -10.68
CA GLY C 106 -16.41 0.55 -10.68
C GLY C 106 -17.30 -0.67 -10.56
N SER C 107 -17.08 -1.66 -11.44
CA SER C 107 -17.90 -2.88 -11.48
C SER C 107 -17.97 -3.63 -10.15
N ILE C 108 -16.81 -3.86 -9.51
CA ILE C 108 -16.74 -4.57 -8.24
C ILE C 108 -17.26 -3.72 -7.09
N SER C 109 -16.93 -2.42 -7.09
CA SER C 109 -17.46 -1.49 -6.08
C SER C 109 -18.97 -1.46 -6.08
N GLY C 110 -19.59 -1.25 -7.26
CA GLY C 110 -21.04 -1.24 -7.42
C GLY C 110 -21.68 -2.53 -6.95
N HIS C 111 -21.08 -3.66 -7.36
CA HIS C 111 -21.58 -5.00 -7.00
C HIS C 111 -21.53 -5.20 -5.46
N ALA C 112 -20.44 -4.77 -4.81
CA ALA C 112 -20.28 -4.92 -3.37
C ALA C 112 -21.22 -4.04 -2.57
N ARG C 113 -21.74 -2.93 -3.17
CA ARG C 113 -22.74 -2.08 -2.51
C ARG C 113 -24.02 -2.88 -2.22
N VAL C 114 -24.36 -3.85 -3.10
CA VAL C 114 -25.57 -4.63 -2.99
C VAL C 114 -25.28 -6.00 -2.35
N HIS C 115 -24.11 -6.59 -2.65
CA HIS C 115 -23.70 -7.88 -2.07
C HIS C 115 -22.30 -7.76 -1.48
N PRO C 116 -22.19 -7.24 -0.24
CA PRO C 116 -20.86 -7.06 0.35
C PRO C 116 -20.09 -8.36 0.66
N ASP C 117 -20.76 -9.49 0.62
CA ASP C 117 -20.14 -10.79 0.87
C ASP C 117 -19.65 -11.49 -0.43
N LEU C 118 -19.49 -10.72 -1.53
CA LEU C 118 -19.05 -11.31 -2.80
C LEU C 118 -17.60 -11.82 -2.79
N GLY C 119 -17.35 -12.86 -3.59
CA GLY C 119 -16.05 -13.42 -3.84
C GLY C 119 -15.69 -13.15 -5.28
N VAL C 120 -14.45 -12.76 -5.56
CA VAL C 120 -13.99 -12.45 -6.92
C VAL C 120 -13.12 -13.58 -7.53
N ILE C 121 -13.42 -13.96 -8.79
CA ILE C 121 -12.55 -14.80 -9.61
C ILE C 121 -12.03 -13.86 -10.69
N TRP C 122 -10.72 -13.71 -10.78
CA TRP C 122 -10.07 -12.76 -11.69
C TRP C 122 -9.30 -13.57 -12.72
N VAL C 123 -9.78 -13.60 -13.98
CA VAL C 123 -9.10 -14.36 -15.02
C VAL C 123 -8.28 -13.39 -15.86
N ASP C 124 -6.95 -13.52 -15.85
CA ASP C 124 -6.08 -12.56 -16.53
C ASP C 124 -4.66 -13.08 -16.64
N ALA C 125 -3.87 -12.62 -17.62
CA ALA C 125 -2.43 -12.94 -17.64
C ALA C 125 -1.70 -12.11 -16.55
N HIS C 126 -2.38 -11.12 -15.98
CA HIS C 126 -1.86 -10.09 -15.10
C HIS C 126 -2.60 -9.99 -13.78
N THR C 127 -1.88 -9.57 -12.74
CA THR C 127 -2.49 -9.38 -11.42
C THR C 127 -3.26 -8.04 -11.33
N ASP C 128 -2.89 -7.03 -12.12
CA ASP C 128 -3.53 -5.70 -12.09
C ASP C 128 -3.59 -5.10 -10.69
N ILE C 129 -2.55 -5.35 -9.90
CA ILE C 129 -2.52 -4.97 -8.50
C ILE C 129 -1.43 -3.93 -8.17
N ASN C 130 -0.86 -3.26 -9.19
CA ASN C 130 0.07 -2.16 -8.93
C ASN C 130 -0.68 -1.03 -8.21
N THR C 131 -0.01 -0.32 -7.33
CA THR C 131 -0.62 0.83 -6.67
C THR C 131 -0.16 2.04 -7.50
N PRO C 132 -0.76 3.22 -7.24
CA PRO C 132 -0.28 4.42 -7.94
C PRO C 132 1.18 4.78 -7.67
N LEU C 133 1.80 4.16 -6.63
CA LEU C 133 3.20 4.34 -6.24
C LEU C 133 4.14 3.23 -6.80
N THR C 134 3.67 1.95 -6.90
CA THR C 134 4.52 0.88 -7.45
C THR C 134 4.51 0.81 -8.98
N THR C 135 3.46 1.36 -9.62
CA THR C 135 3.37 1.33 -11.08
C THR C 135 4.57 2.00 -11.76
N THR C 136 5.05 1.40 -12.83
CA THR C 136 6.12 2.00 -13.64
C THR C 136 5.56 2.52 -14.98
N SER C 137 4.39 2.02 -15.41
CA SER C 137 3.75 2.49 -16.65
C SER C 137 2.85 3.69 -16.40
N GLY C 138 2.23 3.75 -15.23
CA GLY C 138 1.24 4.78 -14.94
C GLY C 138 -0.14 4.47 -15.48
N ASN C 139 -0.32 3.29 -16.07
CA ASN C 139 -1.59 2.86 -16.67
C ASN C 139 -2.49 2.28 -15.58
N LEU C 140 -3.66 2.92 -15.37
CA LEU C 140 -4.61 2.53 -14.32
C LEU C 140 -5.26 1.18 -14.50
N HIS C 141 -5.27 0.65 -15.75
CA HIS C 141 -5.79 -0.69 -15.98
C HIS C 141 -4.91 -1.79 -15.34
N GLY C 142 -3.71 -1.44 -14.90
CA GLY C 142 -2.84 -2.36 -14.18
C GLY C 142 -2.88 -2.17 -12.69
N GLN C 143 -3.83 -1.35 -12.17
CA GLN C 143 -3.94 -1.05 -10.76
C GLN C 143 -5.32 -1.28 -10.11
N PRO C 144 -6.41 -1.74 -10.79
CA PRO C 144 -7.72 -1.78 -10.13
C PRO C 144 -7.80 -2.59 -8.84
N VAL C 145 -7.09 -3.72 -8.76
CA VAL C 145 -7.19 -4.60 -7.60
C VAL C 145 -6.66 -3.89 -6.31
N SER C 146 -5.62 -3.06 -6.45
CA SER C 146 -5.07 -2.37 -5.28
C SER C 146 -6.08 -1.37 -4.67
N PHE C 147 -6.87 -0.69 -5.53
CA PHE C 147 -7.90 0.23 -5.01
C PHE C 147 -9.04 -0.51 -4.27
N LEU C 148 -9.24 -1.81 -4.60
CA LEU C 148 -10.33 -2.60 -4.04
C LEU C 148 -10.04 -3.34 -2.74
N LEU C 149 -8.77 -3.62 -2.46
CA LEU C 149 -8.41 -4.45 -1.30
C LEU C 149 -8.35 -3.70 0.04
N LYS C 150 -9.13 -4.18 1.02
CA LYS C 150 -9.14 -3.57 2.37
C LYS C 150 -7.73 -3.52 2.99
N GLU C 151 -6.91 -4.59 2.82
CA GLU C 151 -5.54 -4.60 3.37
C GLU C 151 -4.58 -3.57 2.76
N LEU C 152 -4.91 -3.00 1.58
CA LEU C 152 -4.05 -1.95 1.00
C LEU C 152 -4.51 -0.52 1.34
N LYS C 153 -5.58 -0.39 2.16
CA LYS C 153 -6.05 0.92 2.60
C LYS C 153 -4.94 1.51 3.49
N GLY C 154 -4.46 2.68 3.10
CA GLY C 154 -3.33 3.34 3.75
C GLY C 154 -2.06 3.34 2.89
N LYS C 155 -2.01 2.45 1.90
CA LYS C 155 -0.90 2.33 0.96
C LYS C 155 -1.24 2.95 -0.41
N ILE C 156 -2.51 3.34 -0.64
CA ILE C 156 -2.96 4.01 -1.87
C ILE C 156 -3.13 5.49 -1.51
N PRO C 157 -2.36 6.36 -2.16
CA PRO C 157 -2.49 7.79 -1.88
C PRO C 157 -3.82 8.37 -2.39
N ASP C 158 -4.12 9.64 -2.02
CA ASP C 158 -5.32 10.33 -2.49
C ASP C 158 -5.11 10.72 -3.96
N VAL C 159 -5.62 9.91 -4.88
CA VAL C 159 -5.50 10.18 -6.32
C VAL C 159 -6.78 10.90 -6.76
N PRO C 160 -6.67 12.03 -7.50
CA PRO C 160 -7.88 12.75 -7.92
C PRO C 160 -8.77 11.86 -8.78
N GLY C 161 -10.06 11.85 -8.44
CA GLY C 161 -11.06 11.03 -9.11
C GLY C 161 -11.43 9.76 -8.37
N PHE C 162 -10.74 9.44 -7.27
CA PHE C 162 -11.00 8.19 -6.56
C PHE C 162 -11.44 8.37 -5.11
N SER C 163 -11.73 9.60 -4.65
CA SER C 163 -12.15 9.77 -3.24
C SER C 163 -13.43 9.01 -2.88
N TRP C 164 -14.25 8.67 -3.88
CA TRP C 164 -15.47 7.90 -3.68
C TRP C 164 -15.19 6.42 -3.37
N VAL C 165 -14.01 5.90 -3.77
CA VAL C 165 -13.68 4.50 -3.56
C VAL C 165 -13.55 4.10 -2.09
N THR C 166 -14.25 3.04 -1.72
CA THR C 166 -14.08 2.45 -0.40
C THR C 166 -13.58 1.04 -0.69
N PRO C 167 -12.44 0.59 -0.13
CA PRO C 167 -12.00 -0.81 -0.37
C PRO C 167 -13.11 -1.76 0.11
N CYS C 168 -13.50 -2.72 -0.74
CA CYS C 168 -14.66 -3.55 -0.45
C CYS C 168 -14.40 -5.04 -0.38
N ILE C 169 -13.21 -5.49 -0.82
CA ILE C 169 -12.90 -6.91 -0.77
C ILE C 169 -11.61 -7.17 0.00
N SER C 170 -11.61 -8.22 0.80
CA SER C 170 -10.42 -8.62 1.55
C SER C 170 -9.56 -9.50 0.65
N ALA C 171 -8.26 -9.60 0.96
CA ALA C 171 -7.31 -10.43 0.24
C ALA C 171 -7.79 -11.88 0.15
N LYS C 172 -8.48 -12.38 1.21
CA LYS C 172 -8.99 -13.74 1.23
C LYS C 172 -10.13 -13.99 0.22
N ASP C 173 -10.75 -12.93 -0.30
CA ASP C 173 -11.92 -13.05 -1.14
C ASP C 173 -11.66 -12.96 -2.65
N ILE C 174 -10.41 -13.12 -3.10
CA ILE C 174 -10.09 -13.07 -4.54
C ILE C 174 -9.20 -14.22 -4.95
N VAL C 175 -9.52 -14.84 -6.11
CA VAL C 175 -8.70 -15.90 -6.67
C VAL C 175 -8.30 -15.47 -8.07
N TYR C 176 -7.01 -15.51 -8.37
CA TYR C 176 -6.49 -15.23 -9.71
C TYR C 176 -6.36 -16.55 -10.48
N ILE C 177 -6.59 -16.52 -11.79
CA ILE C 177 -6.37 -17.66 -12.66
C ILE C 177 -5.74 -17.15 -13.99
N GLY C 178 -4.62 -17.75 -14.38
CA GLY C 178 -4.01 -17.42 -15.66
C GLY C 178 -2.74 -16.60 -15.62
N LEU C 179 -2.31 -16.15 -14.43
CA LEU C 179 -1.15 -15.30 -14.28
C LEU C 179 0.11 -15.79 -14.97
N ARG C 180 0.77 -14.88 -15.71
CA ARG C 180 2.02 -15.19 -16.39
C ARG C 180 2.85 -13.96 -16.74
N ASP C 181 2.43 -12.75 -16.30
CA ASP C 181 3.17 -11.53 -16.59
C ASP C 181 2.92 -10.58 -15.43
N VAL C 182 3.66 -10.78 -14.36
CA VAL C 182 3.49 -10.07 -13.11
C VAL C 182 4.70 -9.23 -12.76
N ASP C 183 4.52 -7.93 -12.49
CA ASP C 183 5.67 -7.07 -12.16
C ASP C 183 6.26 -7.43 -10.78
N PRO C 184 7.55 -7.08 -10.50
CA PRO C 184 8.14 -7.36 -9.18
C PRO C 184 7.35 -6.80 -7.99
N GLY C 185 6.89 -5.55 -8.10
CA GLY C 185 6.06 -4.94 -7.07
C GLY C 185 4.75 -5.68 -6.88
N GLU C 186 4.17 -6.15 -7.99
CA GLU C 186 2.93 -6.92 -7.94
C GLU C 186 3.12 -8.25 -7.25
N HIS C 187 4.25 -8.90 -7.52
CA HIS C 187 4.60 -10.19 -6.95
C HIS C 187 4.77 -10.05 -5.44
N TYR C 188 5.45 -8.98 -5.02
CA TYR C 188 5.66 -8.61 -3.62
C TYR C 188 4.28 -8.46 -2.92
N ILE C 189 3.31 -7.74 -3.56
CA ILE C 189 1.97 -7.51 -3.02
C ILE C 189 1.19 -8.80 -2.91
N LEU C 190 1.17 -9.57 -3.97
CA LEU C 190 0.51 -10.85 -4.01
C LEU C 190 0.99 -11.84 -2.92
N LYS C 191 2.32 -11.95 -2.71
CA LYS C 191 2.87 -12.86 -1.69
C LYS C 191 2.68 -12.36 -0.25
N THR C 192 2.91 -11.05 0.01
CA THR C 192 2.76 -10.50 1.36
C THR C 192 1.29 -10.42 1.80
N LEU C 193 0.32 -10.43 0.85
CA LEU C 193 -1.12 -10.45 1.16
C LEU C 193 -1.68 -11.89 1.24
N GLY C 194 -0.93 -12.89 0.76
CA GLY C 194 -1.36 -14.29 0.80
C GLY C 194 -2.59 -14.59 -0.07
N ILE C 195 -2.70 -13.87 -1.17
CA ILE C 195 -3.79 -14.02 -2.10
C ILE C 195 -3.73 -15.37 -2.79
N LYS C 196 -4.87 -16.06 -2.90
CA LYS C 196 -4.94 -17.34 -3.60
C LYS C 196 -4.82 -17.14 -5.11
N TYR C 197 -3.87 -17.83 -5.76
CA TYR C 197 -3.68 -17.67 -7.20
C TYR C 197 -3.32 -18.99 -7.88
N PHE C 198 -3.72 -19.12 -9.14
CA PHE C 198 -3.33 -20.23 -9.98
C PHE C 198 -2.69 -19.60 -11.19
N SER C 199 -1.36 -19.40 -11.15
CA SER C 199 -0.66 -18.89 -12.34
C SER C 199 -0.68 -20.01 -13.39
N MET C 200 -0.20 -19.75 -14.63
CA MET C 200 -0.11 -20.80 -15.64
C MET C 200 0.71 -22.01 -15.11
N THR C 201 1.63 -21.78 -14.15
CA THR C 201 2.39 -22.87 -13.53
C THR C 201 1.48 -23.80 -12.76
N GLU C 202 0.53 -23.26 -11.95
CA GLU C 202 -0.41 -24.07 -11.21
C GLU C 202 -1.41 -24.73 -12.13
N VAL C 203 -1.84 -24.03 -13.21
CA VAL C 203 -2.74 -24.61 -14.20
C VAL C 203 -2.04 -25.79 -14.89
N ASP C 204 -0.79 -25.61 -15.26
CA ASP C 204 0.00 -26.68 -15.87
C ASP C 204 0.14 -27.87 -14.91
N ARG C 205 0.47 -27.57 -13.65
CA ARG C 205 0.67 -28.60 -12.62
C ARG C 205 -0.59 -29.42 -12.33
N LEU C 206 -1.72 -28.73 -12.11
CA LEU C 206 -2.96 -29.34 -11.67
C LEU C 206 -3.96 -29.72 -12.72
N GLY C 207 -4.00 -28.94 -13.79
CA GLY C 207 -5.04 -29.09 -14.80
C GLY C 207 -6.19 -28.16 -14.42
N ILE C 208 -6.92 -27.67 -15.43
CA ILE C 208 -8.02 -26.72 -15.19
C ILE C 208 -9.15 -27.32 -14.30
N GLY C 209 -9.35 -28.64 -14.35
CA GLY C 209 -10.36 -29.29 -13.51
C GLY C 209 -10.06 -29.12 -12.04
N LYS C 210 -8.83 -29.43 -11.63
CA LYS C 210 -8.41 -29.28 -10.23
C LYS C 210 -8.43 -27.83 -9.82
N VAL C 211 -8.00 -26.91 -10.71
CA VAL C 211 -8.01 -25.46 -10.45
C VAL C 211 -9.42 -24.98 -10.09
N MET C 212 -10.40 -25.41 -10.86
CA MET C 212 -11.77 -24.98 -10.63
C MET C 212 -12.38 -25.60 -9.40
N GLU C 213 -12.03 -26.87 -9.13
CA GLU C 213 -12.55 -27.54 -7.95
C GLU C 213 -12.03 -26.84 -6.70
N GLU C 214 -10.72 -26.49 -6.69
CA GLU C 214 -10.07 -25.76 -5.60
C GLU C 214 -10.57 -24.30 -5.49
N THR C 215 -10.68 -23.60 -6.63
CA THR C 215 -11.15 -22.21 -6.67
C THR C 215 -12.53 -22.07 -6.03
N LEU C 216 -13.47 -22.92 -6.46
CA LEU C 216 -14.82 -22.88 -5.94
C LEU C 216 -14.91 -23.32 -4.49
N SER C 217 -14.19 -24.36 -4.09
CA SER C 217 -14.19 -24.80 -2.68
C SER C 217 -13.55 -23.74 -1.75
N TYR C 218 -12.57 -22.98 -2.26
CA TYR C 218 -11.92 -21.93 -1.49
C TYR C 218 -12.87 -20.76 -1.28
N LEU C 219 -13.58 -20.36 -2.32
CA LEU C 219 -14.51 -19.24 -2.22
C LEU C 219 -15.82 -19.60 -1.55
N LEU C 220 -16.35 -20.81 -1.75
CA LEU C 220 -17.67 -21.20 -1.25
C LEU C 220 -17.76 -22.22 -0.12
N GLY C 221 -16.70 -22.98 0.12
CA GLY C 221 -16.64 -24.08 1.08
C GLY C 221 -17.52 -24.02 2.31
N ARG C 222 -17.55 -22.86 2.99
CA ARG C 222 -18.33 -22.65 4.21
C ARG C 222 -19.84 -22.44 3.97
N LYS C 223 -20.20 -21.75 2.88
CA LYS C 223 -21.59 -21.45 2.50
C LYS C 223 -21.64 -20.69 1.18
N LYS C 224 -22.77 -20.78 0.48
CA LYS C 224 -22.95 -20.09 -0.78
C LYS C 224 -22.83 -18.56 -0.61
N ARG C 225 -22.23 -17.92 -1.59
CA ARG C 225 -22.06 -16.47 -1.62
C ARG C 225 -21.90 -16.03 -3.08
N PRO C 226 -22.24 -14.77 -3.40
CA PRO C 226 -22.16 -14.32 -4.79
C PRO C 226 -20.75 -14.32 -5.34
N ILE C 227 -20.63 -14.62 -6.65
CA ILE C 227 -19.38 -14.62 -7.37
C ILE C 227 -19.39 -13.48 -8.37
N HIS C 228 -18.29 -12.72 -8.43
CA HIS C 228 -18.07 -11.71 -9.43
C HIS C 228 -16.92 -12.29 -10.29
N LEU C 229 -17.15 -12.52 -11.57
CA LEU C 229 -16.07 -13.00 -12.46
C LEU C 229 -15.59 -11.78 -13.25
N SER C 230 -14.33 -11.42 -13.08
CA SER C 230 -13.74 -10.33 -13.87
C SER C 230 -12.79 -10.97 -14.90
N PHE C 231 -13.28 -11.08 -16.15
CA PHE C 231 -12.57 -11.76 -17.24
C PHE C 231 -11.86 -10.85 -18.21
N ASP C 232 -10.54 -10.81 -18.11
CA ASP C 232 -9.70 -10.09 -19.06
C ASP C 232 -9.45 -11.08 -20.20
N VAL C 233 -9.85 -10.75 -21.44
CA VAL C 233 -9.61 -11.65 -22.58
C VAL C 233 -8.12 -12.01 -22.80
N ASP C 234 -7.15 -11.22 -22.27
CA ASP C 234 -5.74 -11.61 -22.39
C ASP C 234 -5.35 -12.75 -21.44
N GLY C 235 -6.28 -13.21 -20.58
CA GLY C 235 -6.11 -14.42 -19.78
C GLY C 235 -5.95 -15.61 -20.72
N LEU C 236 -6.60 -15.56 -21.90
CA LEU C 236 -6.44 -16.62 -22.89
C LEU C 236 -5.19 -16.34 -23.74
N ASP C 237 -4.65 -17.40 -24.32
CA ASP C 237 -3.48 -17.28 -25.19
C ASP C 237 -3.80 -16.39 -26.40
N PRO C 238 -2.83 -15.57 -26.86
CA PRO C 238 -3.04 -14.73 -28.04
C PRO C 238 -3.45 -15.46 -29.32
N SER C 239 -3.32 -16.80 -29.36
CA SER C 239 -3.79 -17.56 -30.52
C SER C 239 -5.35 -17.60 -30.56
N PHE C 240 -6.02 -17.29 -29.44
CA PHE C 240 -7.48 -17.31 -29.33
C PHE C 240 -8.03 -15.92 -29.22
N THR C 241 -7.37 -15.06 -28.44
CA THR C 241 -7.76 -13.66 -28.29
C THR C 241 -6.58 -12.71 -28.65
N PRO C 242 -6.20 -12.67 -29.94
CA PRO C 242 -5.10 -11.78 -30.35
C PRO C 242 -5.37 -10.29 -30.29
N ALA C 243 -6.64 -9.89 -30.45
CA ALA C 243 -7.00 -8.48 -30.46
C ALA C 243 -7.15 -7.87 -29.07
N THR C 244 -6.02 -7.69 -28.38
CA THR C 244 -5.95 -7.16 -27.03
C THR C 244 -4.64 -6.37 -26.85
N GLY C 245 -4.61 -5.41 -25.92
CA GLY C 245 -3.47 -4.53 -25.73
C GLY C 245 -2.20 -5.14 -25.18
N THR C 246 -2.33 -6.10 -24.26
CA THR C 246 -1.16 -6.71 -23.61
C THR C 246 -1.16 -8.24 -23.74
N PRO C 247 -0.99 -8.75 -24.96
CA PRO C 247 -0.99 -10.20 -25.13
C PRO C 247 0.28 -10.85 -24.62
N VAL C 248 0.12 -12.02 -23.98
CA VAL C 248 1.23 -12.79 -23.44
C VAL C 248 1.07 -14.23 -23.89
N VAL C 249 2.12 -14.79 -24.53
CA VAL C 249 2.14 -16.18 -25.00
C VAL C 249 2.03 -17.17 -23.84
N GLY C 250 1.60 -18.38 -24.14
CA GLY C 250 1.44 -19.42 -23.14
C GLY C 250 0.21 -19.27 -22.27
N GLY C 251 -0.88 -18.75 -22.82
CA GLY C 251 -2.10 -18.51 -22.07
C GLY C 251 -3.07 -19.67 -21.93
N LEU C 252 -4.23 -19.41 -21.29
CA LEU C 252 -5.26 -20.42 -21.17
C LEU C 252 -5.82 -20.71 -22.57
N THR C 253 -6.17 -21.95 -22.82
CA THR C 253 -6.75 -22.32 -24.10
C THR C 253 -8.21 -21.85 -24.17
N TYR C 254 -8.79 -21.92 -25.38
CA TYR C 254 -10.20 -21.64 -25.61
C TYR C 254 -11.04 -22.63 -24.75
N ARG C 255 -10.61 -23.92 -24.71
CA ARG C 255 -11.23 -24.99 -23.94
C ARG C 255 -11.20 -24.69 -22.43
N GLU C 256 -10.03 -24.27 -21.93
CA GLU C 256 -9.86 -23.90 -20.51
C GLU C 256 -10.73 -22.70 -20.16
N GLY C 257 -10.82 -21.72 -21.07
CA GLY C 257 -11.70 -20.58 -20.89
C GLY C 257 -13.16 -21.00 -20.73
N LEU C 258 -13.63 -21.87 -21.61
CA LEU C 258 -15.01 -22.37 -21.52
C LEU C 258 -15.22 -23.23 -20.28
N TYR C 259 -14.21 -24.02 -19.89
CA TYR C 259 -14.32 -24.86 -18.70
C TYR C 259 -14.54 -24.03 -17.44
N ILE C 260 -13.72 -22.97 -17.26
CA ILE C 260 -13.81 -22.03 -16.14
C ILE C 260 -15.24 -21.46 -16.04
N THR C 261 -15.76 -20.96 -17.16
CA THR C 261 -17.05 -20.32 -17.23
C THR C 261 -18.20 -21.30 -17.06
N GLU C 262 -18.12 -22.49 -17.67
CA GLU C 262 -19.13 -23.53 -17.53
C GLU C 262 -19.25 -23.93 -16.04
N GLU C 263 -18.13 -24.13 -15.36
CA GLU C 263 -18.13 -24.50 -13.95
C GLU C 263 -18.72 -23.41 -13.05
N ILE C 264 -18.44 -22.13 -13.35
CA ILE C 264 -18.98 -21.03 -12.56
C ILE C 264 -20.47 -20.94 -12.76
N TYR C 265 -20.96 -21.08 -14.02
CA TYR C 265 -22.40 -21.07 -14.29
C TYR C 265 -23.12 -22.17 -13.43
N LYS C 266 -22.55 -23.40 -13.40
CA LYS C 266 -23.17 -24.52 -12.67
C LYS C 266 -23.38 -24.27 -11.19
N THR C 267 -22.54 -23.41 -10.60
CA THR C 267 -22.70 -23.08 -9.16
C THR C 267 -24.04 -22.36 -8.89
N GLY C 268 -24.55 -21.68 -9.91
CA GLY C 268 -25.75 -20.86 -9.82
C GLY C 268 -25.51 -19.57 -9.08
N LEU C 269 -24.25 -19.26 -8.74
CA LEU C 269 -23.89 -18.11 -7.93
C LEU C 269 -23.27 -16.95 -8.69
N LEU C 270 -23.22 -17.02 -10.05
CA LEU C 270 -22.68 -15.89 -10.82
C LEU C 270 -23.59 -14.67 -10.59
N SER C 271 -22.99 -13.57 -10.18
CA SER C 271 -23.69 -12.37 -9.76
C SER C 271 -23.25 -11.14 -10.52
N GLY C 272 -22.03 -11.13 -11.02
CA GLY C 272 -21.46 -10.01 -11.75
C GLY C 272 -20.39 -10.53 -12.67
N LEU C 273 -20.33 -10.01 -13.90
CA LEU C 273 -19.37 -10.45 -14.91
C LEU C 273 -18.83 -9.27 -15.66
N ASP C 274 -17.50 -9.24 -15.88
CA ASP C 274 -16.84 -8.19 -16.67
C ASP C 274 -16.17 -8.89 -17.85
N ILE C 275 -16.34 -8.38 -19.08
CA ILE C 275 -15.66 -8.99 -20.23
C ILE C 275 -14.78 -7.88 -20.73
N MET C 276 -13.49 -7.91 -20.39
CA MET C 276 -12.59 -6.78 -20.61
C MET C 276 -11.44 -6.96 -21.59
N GLU C 277 -10.91 -5.82 -22.05
CA GLU C 277 -9.74 -5.64 -22.88
C GLU C 277 -9.87 -6.12 -24.34
N VAL C 278 -11.09 -6.24 -24.87
CA VAL C 278 -11.26 -6.55 -26.30
C VAL C 278 -10.95 -5.26 -27.07
N ASN C 279 -9.90 -5.25 -27.90
CA ASN C 279 -9.53 -4.07 -28.68
C ASN C 279 -9.52 -4.45 -30.16
N PRO C 280 -10.61 -4.10 -30.87
CA PRO C 280 -10.71 -4.48 -32.29
C PRO C 280 -9.82 -3.68 -33.24
N SER C 281 -9.14 -2.64 -32.76
CA SER C 281 -8.17 -1.93 -33.58
C SER C 281 -6.79 -2.68 -33.58
N LEU C 282 -6.62 -3.74 -32.72
CA LEU C 282 -5.37 -4.49 -32.57
C LEU C 282 -5.33 -5.86 -33.22
N GLY C 283 -6.32 -6.17 -34.04
CA GLY C 283 -6.26 -7.40 -34.82
C GLY C 283 -5.30 -7.13 -35.96
N LYS C 284 -4.29 -8.01 -36.18
CA LYS C 284 -3.34 -7.86 -37.30
C LYS C 284 -4.05 -7.99 -38.66
N THR C 285 -5.13 -8.76 -38.70
CA THR C 285 -6.02 -8.98 -39.85
C THR C 285 -7.47 -8.88 -39.33
N PRO C 286 -8.49 -8.68 -40.19
CA PRO C 286 -9.87 -8.67 -39.67
C PRO C 286 -10.25 -10.02 -39.04
N GLU C 287 -9.72 -11.15 -39.56
CA GLU C 287 -9.97 -12.47 -38.98
C GLU C 287 -9.51 -12.55 -37.50
N GLU C 288 -8.41 -11.90 -37.13
CA GLU C 288 -7.95 -11.90 -35.72
C GLU C 288 -8.96 -11.20 -34.81
N VAL C 289 -9.60 -10.16 -35.33
CA VAL C 289 -10.64 -9.44 -34.60
C VAL C 289 -11.86 -10.34 -34.46
N THR C 290 -12.29 -11.00 -35.57
CA THR C 290 -13.45 -11.90 -35.50
C THR C 290 -13.19 -13.05 -34.54
N ARG C 291 -11.97 -13.56 -34.51
CA ARG C 291 -11.61 -14.65 -33.62
C ARG C 291 -11.69 -14.19 -32.15
N THR C 292 -11.17 -12.99 -31.83
CA THR C 292 -11.19 -12.45 -30.46
C THR C 292 -12.59 -12.18 -29.99
N VAL C 293 -13.40 -11.58 -30.88
CA VAL C 293 -14.79 -11.27 -30.54
C VAL C 293 -15.56 -12.55 -30.38
N ASN C 294 -15.35 -13.55 -31.27
CA ASN C 294 -16.07 -14.82 -31.18
C ASN C 294 -15.75 -15.53 -29.89
N THR C 295 -14.46 -15.52 -29.49
CA THR C 295 -14.05 -16.18 -28.26
C THR C 295 -14.67 -15.48 -27.04
N ALA C 296 -14.66 -14.13 -27.02
CA ALA C 296 -15.27 -13.38 -25.92
C ALA C 296 -16.79 -13.71 -25.83
N VAL C 297 -17.47 -13.78 -26.97
CA VAL C 297 -18.88 -14.16 -27.00
C VAL C 297 -19.11 -15.60 -26.47
N ALA C 298 -18.26 -16.57 -26.89
CA ALA C 298 -18.36 -17.96 -26.45
C ALA C 298 -18.15 -18.06 -24.94
N ILE C 299 -17.18 -17.32 -24.42
CA ILE C 299 -16.90 -17.25 -22.98
C ILE C 299 -18.15 -16.71 -22.22
N THR C 300 -18.76 -15.60 -22.69
CA THR C 300 -19.95 -15.01 -22.08
C THR C 300 -21.18 -15.95 -22.04
N LEU C 301 -21.47 -16.62 -23.15
CA LEU C 301 -22.64 -17.50 -23.26
C LEU C 301 -22.54 -18.69 -22.31
N ALA C 302 -21.33 -19.20 -22.10
CA ALA C 302 -21.08 -20.28 -21.16
C ALA C 302 -21.31 -19.81 -19.73
N CYS C 303 -21.01 -18.54 -19.41
CA CYS C 303 -21.33 -17.97 -18.08
C CYS C 303 -22.84 -18.03 -17.82
N PHE C 304 -23.65 -17.94 -18.88
CA PHE C 304 -25.09 -17.91 -18.77
C PHE C 304 -25.80 -19.19 -19.25
N GLY C 305 -25.11 -20.32 -19.18
CA GLY C 305 -25.76 -21.60 -19.38
C GLY C 305 -25.40 -22.46 -20.56
N LEU C 306 -24.76 -21.90 -21.59
CA LEU C 306 -24.44 -22.66 -22.78
C LEU C 306 -23.43 -23.73 -22.44
N ALA C 307 -23.76 -24.99 -22.70
CA ALA C 307 -22.87 -26.10 -22.36
C ALA C 307 -22.43 -26.87 -23.57
N ARG C 308 -21.17 -27.29 -23.60
CA ARG C 308 -20.61 -28.06 -24.71
C ARG C 308 -21.25 -29.43 -24.91
N GLU C 309 -21.69 -30.07 -23.82
CA GLU C 309 -22.41 -31.34 -23.92
C GLU C 309 -23.80 -31.16 -24.58
N GLY C 310 -24.31 -29.93 -24.64
CA GLY C 310 -25.62 -29.63 -25.20
C GLY C 310 -26.57 -29.08 -24.18
N ASN C 311 -27.69 -28.52 -24.65
CA ASN C 311 -28.72 -27.89 -23.82
C ASN C 311 -30.08 -28.26 -24.36
N HIS C 312 -31.09 -28.38 -23.49
CA HIS C 312 -32.46 -28.60 -23.95
C HIS C 312 -33.48 -27.93 -23.03
N LYS C 313 -34.63 -27.53 -23.59
CA LYS C 313 -35.72 -26.93 -22.81
C LYS C 313 -36.44 -28.04 -22.01
N PRO C 314 -37.10 -27.71 -20.88
CA PRO C 314 -37.75 -28.76 -20.08
C PRO C 314 -39.06 -29.35 -20.64
N ILE C 315 -39.01 -29.83 -21.88
CA ILE C 315 -40.10 -30.46 -22.61
C ILE C 315 -39.64 -31.84 -23.16
N ASP C 316 -40.58 -32.66 -23.63
CA ASP C 316 -40.27 -33.97 -24.18
C ASP C 316 -40.00 -33.80 -25.68
N TYR C 317 -38.74 -33.99 -26.13
CA TYR C 317 -38.38 -33.80 -27.54
C TYR C 317 -38.80 -34.95 -28.47
N LEU C 318 -39.24 -36.09 -27.91
CA LEU C 318 -39.70 -37.21 -28.72
C LEU C 318 -41.23 -37.19 -28.90
N ASN C 319 -41.96 -36.61 -27.94
CA ASN C 319 -43.41 -36.51 -28.01
C ASN C 319 -43.82 -35.05 -28.13
N SER D 2 24.52 -13.54 -5.92
CA SER D 2 25.09 -14.65 -6.67
C SER D 2 24.66 -16.01 -6.11
N ALA D 3 23.35 -16.28 -6.13
CA ALA D 3 22.82 -17.56 -5.66
C ALA D 3 23.37 -18.68 -6.56
N LYS D 4 23.73 -19.84 -6.00
CA LYS D 4 24.30 -20.93 -6.78
C LYS D 4 23.48 -21.32 -8.00
N SER D 5 22.15 -21.35 -7.83
CA SER D 5 21.21 -21.69 -8.90
C SER D 5 21.11 -20.61 -10.00
N ARG D 6 21.70 -19.44 -9.78
CA ARG D 6 21.74 -18.35 -10.75
C ARG D 6 23.21 -17.93 -11.09
N THR D 7 24.20 -18.81 -10.81
CA THR D 7 25.62 -18.53 -11.09
C THR D 7 25.97 -19.35 -12.34
N ILE D 8 26.16 -18.66 -13.45
CA ILE D 8 26.28 -19.26 -14.79
C ILE D 8 27.59 -18.99 -15.56
N GLY D 9 28.08 -20.02 -16.25
CA GLY D 9 29.19 -19.98 -17.19
C GLY D 9 28.69 -20.37 -18.58
N ILE D 10 28.63 -19.40 -19.50
CA ILE D 10 28.12 -19.62 -20.84
C ILE D 10 29.19 -20.08 -21.80
N ILE D 11 28.91 -21.17 -22.52
CA ILE D 11 29.77 -21.72 -23.55
C ILE D 11 29.04 -21.79 -24.90
N GLY D 12 29.58 -21.12 -25.89
CA GLY D 12 29.04 -21.18 -27.24
C GLY D 12 29.65 -22.37 -27.96
N ALA D 13 28.81 -23.28 -28.49
CA ALA D 13 29.32 -24.44 -29.23
C ALA D 13 28.77 -24.38 -30.64
N PRO D 14 29.32 -23.46 -31.49
CA PRO D 14 28.83 -23.32 -32.88
C PRO D 14 29.27 -24.48 -33.77
N PHE D 15 28.65 -25.64 -33.59
CA PHE D 15 29.00 -26.85 -34.28
C PHE D 15 27.81 -27.46 -34.99
N SER D 16 28.01 -27.88 -36.23
CA SER D 16 26.95 -28.46 -37.02
C SER D 16 27.27 -29.83 -37.68
N LYS D 17 28.52 -30.35 -37.60
CA LYS D 17 28.87 -31.59 -38.33
C LYS D 17 28.29 -32.91 -37.76
N GLY D 18 27.50 -32.83 -36.71
CA GLY D 18 26.79 -34.00 -36.21
C GLY D 18 25.50 -34.27 -36.97
N GLN D 19 25.18 -33.47 -38.00
CA GLN D 19 23.95 -33.62 -38.79
C GLN D 19 24.12 -32.98 -40.20
N PRO D 20 23.16 -33.15 -41.13
CA PRO D 20 23.38 -32.68 -42.50
C PRO D 20 22.94 -31.27 -42.87
N ARG D 21 22.11 -30.61 -42.05
CA ARG D 21 21.56 -29.29 -42.40
C ARG D 21 22.39 -28.09 -41.90
N GLY D 22 22.88 -27.28 -42.83
CA GLY D 22 23.67 -26.11 -42.48
C GLY D 22 22.87 -25.08 -41.70
N GLY D 23 23.53 -24.37 -40.79
CA GLY D 23 22.88 -23.30 -40.05
C GLY D 23 22.84 -23.40 -38.54
N VAL D 24 22.80 -24.63 -37.98
CA VAL D 24 22.68 -24.83 -36.54
C VAL D 24 23.94 -24.31 -35.78
N GLU D 25 25.09 -24.17 -36.47
CA GLU D 25 26.29 -23.57 -35.93
C GLU D 25 26.06 -22.09 -35.56
N GLU D 26 25.01 -21.45 -36.12
CA GLU D 26 24.62 -20.06 -35.83
C GLU D 26 23.77 -19.93 -34.56
N GLY D 27 23.33 -21.05 -33.97
CA GLY D 27 22.56 -21.06 -32.73
C GLY D 27 23.12 -20.19 -31.63
N PRO D 28 24.44 -20.28 -31.28
CA PRO D 28 24.96 -19.42 -30.21
C PRO D 28 24.87 -17.93 -30.57
N THR D 29 25.00 -17.59 -31.86
CA THR D 29 24.91 -16.21 -32.35
C THR D 29 23.53 -15.61 -32.17
N VAL D 30 22.48 -16.30 -32.62
CA VAL D 30 21.12 -15.79 -32.50
C VAL D 30 20.61 -15.77 -31.05
N LEU D 31 21.02 -16.74 -30.23
CA LEU D 31 20.61 -16.75 -28.82
C LEU D 31 21.17 -15.51 -28.11
N ARG D 32 22.45 -15.18 -28.40
CA ARG D 32 23.13 -13.99 -27.88
C ARG D 32 22.48 -12.70 -28.37
N LYS D 33 22.18 -12.61 -29.68
CA LYS D 33 21.55 -11.43 -30.30
C LYS D 33 20.16 -11.16 -29.72
N ALA D 34 19.45 -12.21 -29.28
CA ALA D 34 18.15 -12.04 -28.62
C ALA D 34 18.28 -11.52 -27.17
N GLY D 35 19.49 -11.16 -26.73
CA GLY D 35 19.74 -10.58 -25.42
C GLY D 35 19.75 -11.57 -24.27
N LEU D 36 20.04 -12.85 -24.53
CA LEU D 36 20.07 -13.86 -23.48
C LEU D 36 20.90 -13.47 -22.24
N LEU D 37 22.11 -12.94 -22.46
CA LEU D 37 23.00 -12.58 -21.36
C LEU D 37 22.44 -11.44 -20.54
N GLU D 38 22.00 -10.36 -21.20
CA GLU D 38 21.39 -9.21 -20.54
C GLU D 38 20.12 -9.61 -19.78
N LYS D 39 19.29 -10.49 -20.38
CA LYS D 39 18.05 -10.96 -19.75
C LYS D 39 18.36 -11.75 -18.48
N LEU D 40 19.42 -12.57 -18.50
CA LEU D 40 19.82 -13.33 -17.32
C LEU D 40 20.28 -12.36 -16.22
N LYS D 41 21.09 -11.35 -16.58
CA LYS D 41 21.55 -10.37 -15.59
C LYS D 41 20.39 -9.61 -14.96
N GLU D 42 19.33 -9.36 -15.72
CA GLU D 42 18.14 -8.68 -15.21
C GLU D 42 17.36 -9.55 -14.18
N GLN D 43 17.54 -10.88 -14.26
CA GLN D 43 16.97 -11.89 -13.38
C GLN D 43 17.89 -12.16 -12.16
N GLU D 44 18.89 -11.28 -11.90
CA GLU D 44 19.86 -11.40 -10.81
C GLU D 44 20.78 -12.61 -10.94
N CYS D 45 21.25 -12.87 -12.16
CA CYS D 45 22.18 -13.97 -12.39
C CYS D 45 23.62 -13.44 -12.46
N ASP D 46 24.59 -14.21 -11.95
CA ASP D 46 26.01 -13.86 -12.03
C ASP D 46 26.45 -14.61 -13.29
N VAL D 47 26.64 -13.89 -14.39
CA VAL D 47 26.96 -14.54 -15.67
C VAL D 47 28.33 -14.25 -16.21
N LYS D 48 29.11 -15.29 -16.48
CA LYS D 48 30.39 -15.14 -17.14
C LYS D 48 30.29 -15.80 -18.50
N ASP D 49 30.67 -15.08 -19.56
CA ASP D 49 30.62 -15.63 -20.91
C ASP D 49 32.01 -16.14 -21.21
N TYR D 50 32.14 -17.41 -21.59
CA TYR D 50 33.43 -17.99 -21.96
C TYR D 50 33.71 -17.93 -23.47
N GLY D 51 32.80 -17.31 -24.24
CA GLY D 51 32.88 -17.15 -25.67
C GLY D 51 32.45 -18.40 -26.41
N ASP D 52 32.61 -18.36 -27.72
CA ASP D 52 32.30 -19.50 -28.58
C ASP D 52 33.59 -20.29 -28.82
N LEU D 53 33.54 -21.60 -28.63
CA LEU D 53 34.68 -22.49 -28.86
C LEU D 53 35.13 -22.40 -30.31
N PRO D 54 36.45 -22.25 -30.52
CA PRO D 54 36.96 -22.20 -31.89
C PRO D 54 37.19 -23.63 -32.36
N PHE D 55 36.28 -24.16 -33.16
CA PHE D 55 36.41 -25.51 -33.66
C PHE D 55 37.20 -25.50 -34.96
N ALA D 56 38.49 -25.84 -34.90
CA ALA D 56 39.31 -25.88 -36.10
C ALA D 56 38.83 -26.97 -37.06
N ASP D 57 39.02 -26.71 -38.33
CA ASP D 57 38.66 -27.60 -39.40
C ASP D 57 39.43 -28.90 -39.31
N ILE D 58 38.76 -30.00 -39.63
CA ILE D 58 39.36 -31.33 -39.71
C ILE D 58 38.95 -31.79 -41.11
N PRO D 59 39.68 -31.33 -42.15
CA PRO D 59 39.28 -31.63 -43.53
C PRO D 59 39.44 -33.07 -43.96
N ASN D 60 40.33 -33.80 -43.28
CA ASN D 60 40.66 -35.20 -43.53
C ASN D 60 39.73 -36.01 -42.59
N ASP D 61 38.49 -36.31 -43.01
CA ASP D 61 37.52 -36.95 -42.10
C ASP D 61 36.58 -37.92 -42.82
N SER D 62 37.11 -39.07 -43.22
CA SER D 62 36.33 -40.09 -43.88
C SER D 62 35.24 -40.63 -42.95
N PRO D 63 34.11 -41.09 -43.50
CA PRO D 63 33.09 -41.69 -42.64
C PRO D 63 33.56 -43.02 -42.04
N PHE D 64 33.00 -43.38 -40.87
CA PHE D 64 33.25 -44.65 -40.22
C PHE D 64 32.04 -45.43 -40.63
N GLN D 65 32.18 -46.41 -41.58
CA GLN D 65 31.05 -47.13 -42.19
C GLN D 65 30.11 -46.02 -42.82
N ILE D 66 28.89 -45.81 -42.29
CA ILE D 66 28.03 -44.72 -42.78
C ILE D 66 27.98 -43.52 -41.82
N VAL D 67 28.67 -43.59 -40.69
CA VAL D 67 28.72 -42.50 -39.71
C VAL D 67 29.58 -41.35 -40.26
N LYS D 68 28.98 -40.17 -40.39
CA LYS D 68 29.61 -39.00 -40.99
C LYS D 68 30.33 -38.08 -40.03
N ASN D 69 31.41 -37.46 -40.54
CA ASN D 69 32.27 -36.51 -39.83
C ASN D 69 32.67 -36.99 -38.41
N PRO D 70 33.06 -38.27 -38.24
CA PRO D 70 33.40 -38.76 -36.89
C PRO D 70 34.48 -37.99 -36.14
N ARG D 71 35.59 -37.65 -36.80
CA ARG D 71 36.68 -36.93 -36.14
C ARG D 71 36.29 -35.51 -35.76
N SER D 72 35.46 -34.87 -36.58
CA SER D 72 35.01 -33.50 -36.29
C SER D 72 34.05 -33.52 -35.07
N VAL D 73 33.10 -34.44 -35.09
CA VAL D 73 32.12 -34.59 -34.00
C VAL D 73 32.83 -34.99 -32.70
N GLY D 74 33.78 -35.93 -32.80
CA GLY D 74 34.54 -36.40 -31.65
C GLY D 74 35.38 -35.31 -31.01
N LYS D 75 36.14 -34.58 -31.82
CA LYS D 75 37.01 -33.49 -31.35
C LYS D 75 36.19 -32.30 -30.82
N ALA D 76 35.05 -31.93 -31.44
CA ALA D 76 34.19 -30.86 -30.93
C ALA D 76 33.70 -31.22 -29.54
N SER D 77 33.29 -32.48 -29.33
CA SER D 77 32.85 -32.92 -28.02
C SER D 77 34.02 -33.04 -27.03
N GLU D 78 35.22 -33.49 -27.47
CA GLU D 78 36.37 -33.58 -26.55
C GLU D 78 36.78 -32.17 -26.05
N GLN D 79 36.71 -31.18 -26.95
CA GLN D 79 37.00 -29.77 -26.67
C GLN D 79 35.91 -29.27 -25.68
N LEU D 80 34.65 -29.55 -26.00
CA LEU D 80 33.53 -29.12 -25.14
C LEU D 80 33.60 -29.71 -23.75
N ALA D 81 33.99 -30.98 -23.61
CA ALA D 81 34.12 -31.63 -22.33
C ALA D 81 35.12 -30.93 -21.43
N GLY D 82 36.23 -30.48 -22.01
CA GLY D 82 37.27 -29.81 -21.24
C GLY D 82 36.79 -28.46 -20.75
N LYS D 83 36.07 -27.74 -21.61
CA LYS D 83 35.55 -26.41 -21.28
C LYS D 83 34.44 -26.47 -20.23
N VAL D 84 33.56 -27.48 -20.34
CA VAL D 84 32.50 -27.70 -19.38
C VAL D 84 33.11 -28.02 -17.99
N ALA D 85 34.11 -28.90 -17.94
CA ALA D 85 34.78 -29.27 -16.68
C ALA D 85 35.40 -28.05 -16.02
N GLU D 86 36.01 -27.14 -16.82
CA GLU D 86 36.62 -25.92 -16.32
C GLU D 86 35.53 -25.03 -15.70
N VAL D 87 34.41 -24.86 -16.39
CA VAL D 87 33.27 -24.08 -15.88
C VAL D 87 32.73 -24.65 -14.57
N LYS D 88 32.59 -25.98 -14.48
CA LYS D 88 32.14 -26.61 -13.25
C LYS D 88 33.17 -26.45 -12.13
N LYS D 89 34.47 -26.50 -12.47
CA LYS D 89 35.52 -26.32 -11.47
C LYS D 89 35.52 -24.89 -10.92
N ASN D 90 35.05 -23.90 -11.73
CA ASN D 90 34.89 -22.49 -11.32
C ASN D 90 33.57 -22.27 -10.53
N GLY D 91 32.89 -23.33 -10.12
CA GLY D 91 31.64 -23.26 -9.36
C GLY D 91 30.51 -22.59 -10.10
N ARG D 92 30.42 -22.81 -11.42
CA ARG D 92 29.33 -22.21 -12.21
C ARG D 92 28.46 -23.29 -12.86
N ILE D 93 27.22 -22.97 -13.18
CA ILE D 93 26.34 -23.90 -13.90
C ILE D 93 26.70 -23.69 -15.35
N SER D 94 27.14 -24.76 -16.07
CA SER D 94 27.49 -24.58 -17.48
C SER D 94 26.24 -24.46 -18.33
N LEU D 95 26.23 -23.48 -19.22
CA LEU D 95 25.13 -23.31 -20.17
C LEU D 95 25.76 -23.40 -21.56
N VAL D 96 25.56 -24.55 -22.21
CA VAL D 96 26.07 -24.75 -23.57
C VAL D 96 25.02 -24.33 -24.59
N LEU D 97 25.35 -23.39 -25.48
CA LEU D 97 24.45 -22.97 -26.56
C LEU D 97 24.92 -23.69 -27.81
N GLY D 98 24.09 -24.57 -28.35
CA GLY D 98 24.44 -25.30 -29.55
C GLY D 98 24.04 -24.58 -30.82
N GLY D 99 24.32 -25.18 -31.98
CA GLY D 99 25.00 -26.45 -32.12
C GLY D 99 24.08 -27.66 -32.14
N ASP D 100 24.53 -28.75 -32.80
CA ASP D 100 23.71 -29.96 -32.86
C ASP D 100 23.82 -30.79 -31.59
N HIS D 101 22.94 -31.81 -31.38
CA HIS D 101 22.90 -32.58 -30.15
C HIS D 101 24.04 -33.57 -29.97
N SER D 102 24.92 -33.76 -31.00
CA SER D 102 26.10 -34.63 -30.79
C SER D 102 27.00 -34.04 -29.68
N LEU D 103 26.97 -32.68 -29.52
CA LEU D 103 27.70 -31.97 -28.46
C LEU D 103 27.35 -32.43 -27.05
N ALA D 104 26.21 -33.13 -26.84
CA ALA D 104 25.86 -33.63 -25.52
C ALA D 104 26.84 -34.69 -25.00
N ILE D 105 27.59 -35.34 -25.92
CA ILE D 105 28.66 -36.28 -25.52
C ILE D 105 29.69 -35.48 -24.71
N GLY D 106 30.11 -34.34 -25.27
CA GLY D 106 31.06 -33.45 -24.61
C GLY D 106 30.49 -32.81 -23.36
N SER D 107 29.31 -32.19 -23.49
CA SER D 107 28.69 -31.49 -22.37
C SER D 107 28.52 -32.36 -21.11
N ILE D 108 27.94 -33.54 -21.25
CA ILE D 108 27.70 -34.45 -20.15
C ILE D 108 29.01 -35.11 -19.68
N SER D 109 29.91 -35.48 -20.61
CA SER D 109 31.21 -36.06 -20.24
C SER D 109 32.01 -35.11 -19.35
N GLY D 110 32.11 -33.84 -19.78
CA GLY D 110 32.81 -32.80 -19.03
C GLY D 110 32.16 -32.51 -17.70
N HIS D 111 30.84 -32.56 -17.67
CA HIS D 111 30.09 -32.28 -16.46
C HIS D 111 30.33 -33.39 -15.43
N ALA D 112 30.32 -34.65 -15.90
CA ALA D 112 30.54 -35.85 -15.09
C ALA D 112 31.96 -35.95 -14.53
N ARG D 113 32.94 -35.30 -15.17
CA ARG D 113 34.32 -35.31 -14.64
C ARG D 113 34.35 -34.60 -13.26
N VAL D 114 33.54 -33.56 -13.10
CA VAL D 114 33.46 -32.79 -11.86
C VAL D 114 32.40 -33.37 -10.95
N HIS D 115 31.25 -33.75 -11.51
CA HIS D 115 30.14 -34.33 -10.74
C HIS D 115 29.77 -35.70 -11.29
N PRO D 116 30.51 -36.75 -10.90
CA PRO D 116 30.20 -38.10 -11.40
C PRO D 116 28.85 -38.68 -10.97
N ASP D 117 28.21 -38.08 -9.96
CA ASP D 117 26.91 -38.54 -9.47
C ASP D 117 25.72 -37.86 -10.15
N LEU D 118 25.95 -37.10 -11.25
CA LEU D 118 24.86 -36.36 -11.89
C LEU D 118 23.76 -37.26 -12.52
N GLY D 119 22.57 -36.67 -12.63
CA GLY D 119 21.41 -37.28 -13.27
C GLY D 119 21.02 -36.45 -14.47
N VAL D 120 20.66 -37.11 -15.56
CA VAL D 120 20.29 -36.43 -16.80
C VAL D 120 18.77 -36.36 -17.04
N ILE D 121 18.31 -35.22 -17.50
CA ILE D 121 16.94 -35.05 -17.97
C ILE D 121 17.13 -34.65 -19.43
N TRP D 122 16.69 -35.52 -20.34
CA TRP D 122 16.84 -35.38 -21.77
C TRP D 122 15.47 -35.02 -22.40
N VAL D 123 15.30 -33.75 -22.80
CA VAL D 123 14.05 -33.26 -23.40
C VAL D 123 14.20 -33.22 -24.91
N ASP D 124 13.39 -34.02 -25.64
CA ASP D 124 13.59 -34.17 -27.08
C ASP D 124 12.41 -34.90 -27.67
N ALA D 125 12.15 -34.76 -29.01
CA ALA D 125 11.15 -35.66 -29.64
C ALA D 125 11.79 -37.05 -29.90
N HIS D 126 13.12 -37.16 -29.77
CA HIS D 126 14.00 -38.26 -30.12
C HIS D 126 14.82 -38.78 -28.93
N THR D 127 15.17 -40.08 -28.95
CA THR D 127 15.99 -40.70 -27.91
C THR D 127 17.49 -40.47 -28.13
N ASP D 128 17.92 -40.20 -29.40
CA ASP D 128 19.33 -39.95 -29.77
C ASP D 128 20.23 -41.10 -29.21
N ILE D 129 19.71 -42.34 -29.25
CA ILE D 129 20.37 -43.49 -28.63
C ILE D 129 20.79 -44.57 -29.66
N ASN D 130 20.80 -44.23 -30.97
CA ASN D 130 21.32 -45.18 -31.98
C ASN D 130 22.82 -45.32 -31.70
N THR D 131 23.37 -46.51 -31.93
CA THR D 131 24.82 -46.69 -31.80
C THR D 131 25.38 -46.44 -33.19
N PRO D 132 26.72 -46.32 -33.34
CA PRO D 132 27.30 -46.24 -34.69
C PRO D 132 26.92 -47.45 -35.56
N LEU D 133 26.45 -48.56 -34.97
CA LEU D 133 26.05 -49.74 -35.75
C LEU D 133 24.54 -49.81 -36.06
N THR D 134 23.67 -49.37 -35.13
CA THR D 134 22.22 -49.41 -35.37
C THR D 134 21.73 -48.24 -36.25
N THR D 135 22.48 -47.13 -36.29
CA THR D 135 22.08 -45.97 -37.10
C THR D 135 21.89 -46.29 -38.58
N THR D 136 20.86 -45.71 -39.20
CA THR D 136 20.67 -45.84 -40.64
C THR D 136 21.04 -44.54 -41.36
N SER D 137 21.02 -43.39 -40.65
CA SER D 137 21.37 -42.11 -41.26
C SER D 137 22.88 -41.84 -41.25
N GLY D 138 23.57 -42.34 -40.23
CA GLY D 138 24.98 -42.05 -40.02
C GLY D 138 25.23 -40.71 -39.33
N ASN D 139 24.15 -40.00 -38.92
CA ASN D 139 24.29 -38.69 -38.28
C ASN D 139 24.51 -38.81 -36.78
N LEU D 140 25.66 -38.30 -36.32
CA LEU D 140 26.04 -38.45 -34.90
C LEU D 140 25.12 -37.72 -33.90
N HIS D 141 24.32 -36.73 -34.33
CA HIS D 141 23.39 -36.08 -33.39
C HIS D 141 22.25 -37.07 -32.94
N GLY D 142 22.10 -38.22 -33.63
CA GLY D 142 21.12 -39.24 -33.28
C GLY D 142 21.70 -40.39 -32.47
N GLN D 143 22.91 -40.21 -31.93
CA GLN D 143 23.67 -41.24 -31.21
C GLN D 143 24.30 -40.87 -29.84
N PRO D 144 24.24 -39.60 -29.36
CA PRO D 144 25.03 -39.24 -28.18
C PRO D 144 24.80 -40.06 -26.95
N VAL D 145 23.55 -40.45 -26.68
CA VAL D 145 23.21 -41.20 -25.48
C VAL D 145 23.90 -42.56 -25.50
N SER D 146 23.99 -43.21 -26.67
CA SER D 146 24.68 -44.51 -26.75
C SER D 146 26.16 -44.41 -26.32
N PHE D 147 26.86 -43.29 -26.63
CA PHE D 147 28.26 -43.16 -26.20
C PHE D 147 28.40 -42.88 -24.68
N LEU D 148 27.32 -42.42 -24.04
CA LEU D 148 27.36 -42.02 -22.63
C LEU D 148 26.94 -43.14 -21.65
N LEU D 149 26.10 -44.09 -22.10
CA LEU D 149 25.59 -45.13 -21.19
C LEU D 149 26.54 -46.25 -20.90
N LYS D 150 26.81 -46.52 -19.61
CA LYS D 150 27.68 -47.60 -19.18
C LYS D 150 27.19 -48.98 -19.66
N GLU D 151 25.87 -49.18 -19.69
CA GLU D 151 25.27 -50.47 -20.09
C GLU D 151 25.47 -50.84 -21.53
N LEU D 152 25.85 -49.87 -22.39
CA LEU D 152 26.10 -50.17 -23.80
C LEU D 152 27.60 -50.39 -24.10
N LYS D 153 28.42 -50.63 -23.06
CA LYS D 153 29.84 -50.96 -23.13
C LYS D 153 29.93 -52.30 -23.87
N GLY D 154 30.77 -52.36 -24.89
CA GLY D 154 30.89 -53.55 -25.70
C GLY D 154 30.05 -53.47 -26.97
N LYS D 155 29.10 -52.53 -27.03
CA LYS D 155 28.24 -52.36 -28.22
C LYS D 155 28.64 -51.13 -29.06
N ILE D 156 29.53 -50.27 -28.54
CA ILE D 156 29.97 -49.10 -29.29
C ILE D 156 31.31 -49.41 -29.91
N PRO D 157 31.37 -49.45 -31.24
CA PRO D 157 32.65 -49.75 -31.88
C PRO D 157 33.63 -48.59 -31.72
N ASP D 158 34.88 -48.84 -32.10
CA ASP D 158 35.92 -47.83 -32.03
C ASP D 158 35.77 -46.86 -33.22
N VAL D 159 35.14 -45.72 -32.97
CA VAL D 159 34.94 -44.72 -34.02
C VAL D 159 36.05 -43.67 -33.90
N PRO D 160 36.75 -43.33 -35.01
CA PRO D 160 37.79 -42.31 -34.93
C PRO D 160 37.28 -40.98 -34.36
N GLY D 161 38.04 -40.44 -33.43
CA GLY D 161 37.73 -39.20 -32.73
C GLY D 161 37.10 -39.38 -31.36
N PHE D 162 36.72 -40.62 -31.01
CA PHE D 162 36.04 -40.93 -29.75
C PHE D 162 36.80 -41.78 -28.75
N SER D 163 38.13 -41.98 -28.91
CA SER D 163 38.88 -42.81 -27.95
C SER D 163 38.87 -42.20 -26.51
N TRP D 164 38.72 -40.88 -26.41
CA TRP D 164 38.68 -40.15 -25.13
C TRP D 164 37.41 -40.42 -24.33
N VAL D 165 36.33 -40.89 -24.99
CA VAL D 165 35.04 -41.15 -24.36
C VAL D 165 35.01 -42.37 -23.43
N THR D 166 34.66 -42.16 -22.17
CA THR D 166 34.36 -43.26 -21.26
C THR D 166 32.88 -43.08 -20.88
N PRO D 167 32.02 -44.11 -21.01
CA PRO D 167 30.61 -43.93 -20.61
C PRO D 167 30.51 -43.52 -19.14
N CYS D 168 29.71 -42.47 -18.87
CA CYS D 168 29.68 -41.89 -17.52
C CYS D 168 28.36 -42.00 -16.80
N ILE D 169 27.28 -42.37 -17.50
CA ILE D 169 26.00 -42.48 -16.81
C ILE D 169 25.42 -43.86 -16.96
N SER D 170 24.73 -44.29 -15.91
CA SER D 170 24.04 -45.55 -15.91
C SER D 170 22.65 -45.35 -16.51
N ALA D 171 22.02 -46.41 -16.99
CA ALA D 171 20.68 -46.34 -17.58
C ALA D 171 19.65 -45.81 -16.57
N LYS D 172 19.83 -46.12 -15.27
CA LYS D 172 18.93 -45.67 -14.22
C LYS D 172 19.06 -44.17 -13.88
N ASP D 173 20.03 -43.45 -14.49
CA ASP D 173 20.24 -42.06 -14.16
C ASP D 173 19.85 -41.06 -15.26
N ILE D 174 19.03 -41.49 -16.21
CA ILE D 174 18.54 -40.63 -17.27
C ILE D 174 17.01 -40.79 -17.35
N VAL D 175 16.33 -39.67 -17.64
CA VAL D 175 14.91 -39.62 -17.85
C VAL D 175 14.69 -38.91 -19.18
N TYR D 176 13.91 -39.51 -20.07
CA TYR D 176 13.50 -38.85 -21.30
C TYR D 176 12.14 -38.18 -21.11
N ILE D 177 11.94 -37.00 -21.73
CA ILE D 177 10.63 -36.35 -21.78
C ILE D 177 10.38 -35.81 -23.19
N GLY D 178 9.24 -36.19 -23.78
CA GLY D 178 8.81 -35.64 -25.07
C GLY D 178 8.89 -36.53 -26.27
N LEU D 179 9.39 -37.77 -26.09
CA LEU D 179 9.58 -38.72 -27.20
C LEU D 179 8.36 -38.93 -28.10
N ARG D 180 8.59 -38.93 -29.40
CA ARG D 180 7.54 -39.19 -30.38
C ARG D 180 8.09 -39.64 -31.74
N ASP D 181 9.41 -39.84 -31.87
CA ASP D 181 9.98 -40.28 -33.16
C ASP D 181 11.22 -41.09 -32.87
N VAL D 182 11.00 -42.36 -32.55
CA VAL D 182 12.02 -43.29 -32.10
C VAL D 182 12.20 -44.45 -33.09
N ASP D 183 13.43 -44.64 -33.61
CA ASP D 183 13.73 -45.74 -34.54
C ASP D 183 13.55 -47.12 -33.88
N PRO D 184 13.27 -48.17 -34.67
CA PRO D 184 13.14 -49.52 -34.09
C PRO D 184 14.32 -49.96 -33.21
N GLY D 185 15.55 -49.72 -33.67
CA GLY D 185 16.75 -50.08 -32.91
C GLY D 185 16.83 -49.33 -31.59
N GLU D 186 16.47 -48.04 -31.59
CA GLU D 186 16.45 -47.23 -30.38
C GLU D 186 15.36 -47.70 -29.41
N HIS D 187 14.17 -48.06 -29.92
CA HIS D 187 13.08 -48.54 -29.06
C HIS D 187 13.50 -49.85 -28.38
N TYR D 188 14.22 -50.73 -29.10
CA TYR D 188 14.77 -51.98 -28.54
C TYR D 188 15.69 -51.64 -27.34
N ILE D 189 16.67 -50.74 -27.56
CA ILE D 189 17.63 -50.32 -26.54
C ILE D 189 16.94 -49.71 -25.32
N LEU D 190 16.00 -48.77 -25.56
CA LEU D 190 15.22 -48.06 -24.56
C LEU D 190 14.54 -49.02 -23.61
N LYS D 191 13.85 -50.04 -24.17
CA LYS D 191 13.10 -51.03 -23.40
C LYS D 191 13.98 -52.13 -22.77
N THR D 192 15.00 -52.60 -23.48
CA THR D 192 15.94 -53.61 -22.95
C THR D 192 16.70 -53.07 -21.73
N LEU D 193 17.10 -51.78 -21.78
CA LEU D 193 17.84 -51.18 -20.67
C LEU D 193 16.96 -50.71 -19.50
N GLY D 194 15.64 -50.63 -19.70
CA GLY D 194 14.70 -50.19 -18.67
C GLY D 194 14.81 -48.72 -18.31
N ILE D 195 15.22 -47.90 -19.28
CA ILE D 195 15.35 -46.45 -19.10
C ILE D 195 13.99 -45.85 -18.85
N LYS D 196 13.91 -44.94 -17.86
CA LYS D 196 12.69 -44.26 -17.50
C LYS D 196 12.38 -43.25 -18.58
N TYR D 197 11.15 -43.24 -19.10
CA TYR D 197 10.80 -42.30 -20.15
C TYR D 197 9.35 -41.86 -20.08
N PHE D 198 9.12 -40.69 -20.59
CA PHE D 198 7.81 -40.11 -20.67
C PHE D 198 7.68 -39.66 -22.11
N SER D 199 7.22 -40.58 -23.01
CA SER D 199 6.98 -40.17 -24.39
C SER D 199 5.73 -39.26 -24.37
N MET D 200 5.32 -38.72 -25.53
CA MET D 200 4.14 -37.91 -25.61
C MET D 200 2.89 -38.69 -25.11
N THR D 201 2.87 -40.03 -25.27
CA THR D 201 1.76 -40.83 -24.75
C THR D 201 1.67 -40.72 -23.22
N GLU D 202 2.82 -40.76 -22.50
CA GLU D 202 2.85 -40.64 -21.04
C GLU D 202 2.46 -39.24 -20.58
N VAL D 203 2.91 -38.21 -21.31
CA VAL D 203 2.57 -36.82 -21.00
C VAL D 203 1.07 -36.61 -21.19
N ASP D 204 0.49 -37.19 -22.25
CA ASP D 204 -0.97 -37.11 -22.48
C ASP D 204 -1.71 -37.82 -21.36
N ARG D 205 -1.22 -39.00 -20.94
CA ARG D 205 -1.82 -39.82 -19.88
C ARG D 205 -1.81 -39.13 -18.50
N LEU D 206 -0.65 -38.67 -18.06
CA LEU D 206 -0.45 -38.15 -16.73
C LEU D 206 -0.58 -36.66 -16.53
N GLY D 207 -0.28 -35.89 -17.57
CA GLY D 207 -0.18 -34.44 -17.47
C GLY D 207 1.26 -34.09 -17.08
N ILE D 208 1.74 -32.92 -17.49
CA ILE D 208 3.12 -32.52 -17.22
C ILE D 208 3.42 -32.34 -15.72
N GLY D 209 2.38 -32.12 -14.92
CA GLY D 209 2.55 -31.96 -13.48
C GLY D 209 2.99 -33.26 -12.85
N LYS D 210 2.31 -34.35 -13.21
CA LYS D 210 2.65 -35.67 -12.70
C LYS D 210 3.96 -36.16 -13.28
N VAL D 211 4.24 -35.81 -14.56
CA VAL D 211 5.48 -36.15 -15.26
C VAL D 211 6.66 -35.57 -14.49
N MET D 212 6.59 -34.31 -14.14
CA MET D 212 7.66 -33.66 -13.41
C MET D 212 7.79 -34.15 -11.97
N GLU D 213 6.66 -34.48 -11.32
CA GLU D 213 6.70 -35.04 -9.97
C GLU D 213 7.43 -36.38 -10.00
N GLU D 214 7.10 -37.22 -11.01
CA GLU D 214 7.72 -38.52 -11.19
C GLU D 214 9.17 -38.42 -11.62
N THR D 215 9.49 -37.48 -12.51
CA THR D 215 10.84 -37.28 -13.02
C THR D 215 11.82 -36.95 -11.89
N LEU D 216 11.50 -35.93 -11.10
CA LEU D 216 12.34 -35.48 -10.02
C LEU D 216 12.41 -36.47 -8.89
N SER D 217 11.34 -37.20 -8.61
CA SER D 217 11.37 -38.21 -7.55
C SER D 217 12.21 -39.42 -8.01
N TYR D 218 12.16 -39.77 -9.30
CA TYR D 218 12.96 -40.88 -9.83
C TYR D 218 14.45 -40.52 -9.75
N LEU D 219 14.80 -39.30 -10.13
CA LEU D 219 16.21 -38.90 -10.13
C LEU D 219 16.73 -38.51 -8.78
N LEU D 220 15.88 -37.94 -7.92
CA LEU D 220 16.35 -37.42 -6.64
C LEU D 220 15.94 -38.22 -5.41
N GLY D 221 15.19 -39.30 -5.59
CA GLY D 221 14.70 -40.17 -4.52
C GLY D 221 15.77 -40.81 -3.66
N ARG D 222 16.78 -41.46 -4.28
CA ARG D 222 17.86 -42.10 -3.53
C ARG D 222 18.63 -41.02 -2.73
N LYS D 223 19.05 -39.95 -3.41
CA LYS D 223 19.73 -38.83 -2.77
C LYS D 223 19.76 -37.60 -3.69
N LYS D 224 20.01 -36.41 -3.13
CA LYS D 224 20.15 -35.23 -3.97
C LYS D 224 21.45 -35.34 -4.71
N ARG D 225 21.44 -34.92 -5.97
CA ARG D 225 22.63 -34.93 -6.81
C ARG D 225 22.45 -33.91 -7.95
N PRO D 226 23.56 -33.47 -8.60
CA PRO D 226 23.43 -32.47 -9.66
C PRO D 226 22.60 -32.94 -10.84
N ILE D 227 21.85 -32.01 -11.43
CA ILE D 227 21.01 -32.34 -12.60
C ILE D 227 21.59 -31.70 -13.84
N HIS D 228 21.65 -32.48 -14.93
CA HIS D 228 22.08 -31.99 -16.22
C HIS D 228 20.86 -32.08 -17.10
N LEU D 229 20.40 -30.95 -17.60
CA LEU D 229 19.25 -30.91 -18.48
C LEU D 229 19.78 -30.69 -19.90
N SER D 230 19.55 -31.65 -20.81
CA SER D 230 19.95 -31.51 -22.20
C SER D 230 18.68 -31.25 -22.96
N PHE D 231 18.47 -30.02 -23.41
CA PHE D 231 17.22 -29.61 -24.05
C PHE D 231 17.36 -29.44 -25.56
N ASP D 232 16.75 -30.33 -26.32
CA ASP D 232 16.71 -30.22 -27.78
C ASP D 232 15.38 -29.47 -28.04
N VAL D 233 15.44 -28.27 -28.59
CA VAL D 233 14.24 -27.47 -28.87
C VAL D 233 13.19 -28.21 -29.72
N ASP D 234 13.58 -29.31 -30.44
CA ASP D 234 12.56 -30.08 -31.17
C ASP D 234 11.65 -30.92 -30.25
N GLY D 235 11.95 -30.94 -28.95
CA GLY D 235 11.10 -31.55 -27.93
C GLY D 235 9.78 -30.80 -27.87
N LEU D 236 9.81 -29.45 -28.11
CA LEU D 236 8.57 -28.70 -28.17
C LEU D 236 7.97 -28.88 -29.57
N ASP D 237 6.69 -28.62 -29.68
CA ASP D 237 5.98 -28.70 -30.94
C ASP D 237 6.57 -27.73 -31.97
N PRO D 238 6.51 -28.11 -33.27
CA PRO D 238 6.99 -27.19 -34.33
C PRO D 238 6.24 -25.87 -34.39
N SER D 239 5.07 -25.75 -33.75
CA SER D 239 4.38 -24.46 -33.71
C SER D 239 5.13 -23.49 -32.76
N PHE D 240 6.01 -23.98 -31.89
CA PHE D 240 6.78 -23.10 -30.99
C PHE D 240 8.22 -22.98 -31.45
N THR D 241 8.80 -24.09 -31.89
CA THR D 241 10.19 -24.15 -32.33
C THR D 241 10.33 -24.69 -33.77
N PRO D 242 9.79 -23.98 -34.78
CA PRO D 242 9.85 -24.52 -36.16
C PRO D 242 11.23 -24.53 -36.80
N ALA D 243 12.10 -23.63 -36.35
CA ALA D 243 13.44 -23.50 -36.91
C ALA D 243 14.39 -24.53 -36.28
N THR D 244 14.18 -25.77 -36.61
CA THR D 244 14.95 -26.91 -36.11
C THR D 244 15.04 -27.94 -37.24
N GLY D 245 16.09 -28.76 -37.21
CA GLY D 245 16.35 -29.74 -38.25
C GLY D 245 15.40 -30.91 -38.42
N THR D 246 14.94 -31.51 -37.29
CA THR D 246 14.02 -32.66 -37.36
C THR D 246 12.72 -32.39 -36.55
N PRO D 247 11.85 -31.48 -37.02
CA PRO D 247 10.62 -31.18 -36.26
C PRO D 247 9.60 -32.30 -36.36
N VAL D 248 8.93 -32.64 -35.25
CA VAL D 248 7.91 -33.71 -35.29
C VAL D 248 6.62 -33.15 -34.68
N VAL D 249 5.49 -33.24 -35.40
CA VAL D 249 4.23 -32.72 -34.87
C VAL D 249 3.80 -33.41 -33.56
N GLY D 250 2.90 -32.76 -32.82
CA GLY D 250 2.38 -33.29 -31.56
C GLY D 250 3.34 -33.26 -30.39
N GLY D 251 4.08 -32.17 -30.28
CA GLY D 251 5.09 -32.05 -29.25
C GLY D 251 4.65 -31.35 -27.99
N LEU D 252 5.60 -31.14 -27.09
CA LEU D 252 5.37 -30.43 -25.83
C LEU D 252 4.95 -29.00 -26.14
N THR D 253 4.00 -28.46 -25.38
CA THR D 253 3.58 -27.09 -25.58
C THR D 253 4.61 -26.14 -24.96
N TYR D 254 4.50 -24.85 -25.28
CA TYR D 254 5.33 -23.79 -24.72
C TYR D 254 5.17 -23.80 -23.20
N ARG D 255 3.91 -23.92 -22.70
CA ARG D 255 3.59 -24.01 -21.27
C ARG D 255 4.30 -25.22 -20.64
N GLU D 256 4.23 -26.39 -21.27
CA GLU D 256 4.85 -27.62 -20.76
C GLU D 256 6.38 -27.49 -20.71
N GLY D 257 6.96 -26.82 -21.69
CA GLY D 257 8.39 -26.54 -21.72
C GLY D 257 8.78 -25.64 -20.56
N LEU D 258 7.94 -24.62 -20.28
CA LEU D 258 8.19 -23.74 -19.15
C LEU D 258 7.99 -24.46 -17.83
N TYR D 259 7.03 -25.38 -17.78
CA TYR D 259 6.75 -26.11 -16.55
C TYR D 259 7.92 -27.00 -16.19
N ILE D 260 8.49 -27.70 -17.20
CA ILE D 260 9.65 -28.59 -17.00
C ILE D 260 10.82 -27.82 -16.38
N THR D 261 11.14 -26.68 -16.97
CA THR D 261 12.29 -25.87 -16.58
C THR D 261 12.06 -25.19 -15.25
N GLU D 262 10.85 -24.66 -15.02
CA GLU D 262 10.50 -24.04 -13.74
C GLU D 262 10.66 -25.02 -12.59
N GLU D 263 10.21 -26.27 -12.77
CA GLU D 263 10.35 -27.30 -11.73
C GLU D 263 11.80 -27.72 -11.45
N ILE D 264 12.62 -27.79 -12.51
CA ILE D 264 14.03 -28.12 -12.39
C ILE D 264 14.72 -26.98 -11.64
N TYR D 265 14.38 -25.71 -11.93
CA TYR D 265 14.96 -24.59 -11.20
C TYR D 265 14.68 -24.68 -9.69
N LYS D 266 13.40 -24.95 -9.33
CA LYS D 266 12.97 -25.02 -7.94
C LYS D 266 13.70 -26.06 -7.09
N THR D 267 14.28 -27.10 -7.72
CA THR D 267 15.06 -28.12 -6.98
C THR D 267 16.33 -27.55 -6.37
N GLY D 268 16.86 -26.47 -6.95
CA GLY D 268 18.13 -25.90 -6.54
C GLY D 268 19.33 -26.70 -7.03
N LEU D 269 19.09 -27.79 -7.77
CA LEU D 269 20.15 -28.69 -8.21
C LEU D 269 20.59 -28.60 -9.70
N LEU D 270 20.06 -27.66 -10.50
CA LEU D 270 20.52 -27.55 -11.90
C LEU D 270 22.02 -27.23 -11.94
N SER D 271 22.79 -28.08 -12.59
CA SER D 271 24.24 -27.98 -12.63
C SER D 271 24.82 -27.82 -14.05
N GLY D 272 24.05 -28.20 -15.05
CA GLY D 272 24.45 -28.07 -16.44
C GLY D 272 23.21 -28.02 -17.31
N LEU D 273 23.27 -27.22 -18.35
CA LEU D 273 22.18 -27.05 -19.28
C LEU D 273 22.71 -26.99 -20.71
N ASP D 274 22.01 -27.67 -21.63
CA ASP D 274 22.33 -27.64 -23.05
C ASP D 274 21.09 -27.07 -23.74
N ILE D 275 21.27 -26.13 -24.68
CA ILE D 275 20.17 -25.58 -25.45
C ILE D 275 20.56 -25.93 -26.86
N MET D 276 19.93 -26.97 -27.41
CA MET D 276 20.39 -27.54 -28.67
C MET D 276 19.44 -27.52 -29.82
N GLU D 277 19.99 -27.57 -31.03
CA GLU D 277 19.33 -27.72 -32.32
C GLU D 277 18.56 -26.49 -32.84
N VAL D 278 18.83 -25.28 -32.30
CA VAL D 278 18.20 -24.08 -32.85
C VAL D 278 18.93 -23.80 -34.17
N ASN D 279 18.20 -23.81 -35.30
CA ASN D 279 18.84 -23.57 -36.59
C ASN D 279 18.16 -22.40 -37.30
N PRO D 280 18.77 -21.21 -37.22
CA PRO D 280 18.14 -20.00 -37.79
C PRO D 280 18.11 -19.92 -39.30
N SER D 281 18.65 -20.91 -40.00
CA SER D 281 18.55 -20.96 -41.46
C SER D 281 17.39 -21.87 -41.90
N LEU D 282 16.65 -22.51 -40.95
CA LEU D 282 15.61 -23.49 -41.30
C LEU D 282 14.13 -23.13 -41.15
N GLY D 283 13.80 -21.90 -40.79
CA GLY D 283 12.37 -21.54 -40.71
C GLY D 283 11.73 -21.42 -42.10
N LYS D 284 10.41 -21.26 -42.16
CA LYS D 284 9.74 -21.01 -43.44
C LYS D 284 9.77 -19.49 -43.73
N THR D 285 9.78 -18.68 -42.67
CA THR D 285 9.81 -17.22 -42.67
C THR D 285 10.80 -16.73 -41.58
N PRO D 286 11.21 -15.44 -41.60
CA PRO D 286 12.01 -14.93 -40.48
C PRO D 286 11.21 -14.92 -39.17
N GLU D 287 9.85 -14.84 -39.22
CA GLU D 287 9.02 -14.89 -38.01
C GLU D 287 9.23 -16.23 -37.31
N GLU D 288 9.29 -17.33 -38.06
CA GLU D 288 9.51 -18.67 -37.53
C GLU D 288 10.87 -18.77 -36.84
N VAL D 289 11.88 -18.08 -37.39
CA VAL D 289 13.18 -18.02 -36.77
C VAL D 289 13.14 -17.26 -35.46
N THR D 290 12.52 -16.07 -35.44
CA THR D 290 12.43 -15.29 -34.21
C THR D 290 11.58 -16.01 -33.15
N ARG D 291 10.52 -16.72 -33.55
CA ARG D 291 9.64 -17.46 -32.63
C ARG D 291 10.44 -18.57 -31.94
N THR D 292 11.31 -19.26 -32.70
CA THR D 292 12.14 -20.36 -32.19
C THR D 292 13.14 -19.83 -31.16
N VAL D 293 13.83 -18.74 -31.50
CA VAL D 293 14.85 -18.16 -30.64
C VAL D 293 14.22 -17.61 -29.39
N ASN D 294 13.07 -16.87 -29.50
CA ASN D 294 12.40 -16.36 -28.31
C ASN D 294 11.94 -17.49 -27.41
N THR D 295 11.45 -18.61 -27.96
CA THR D 295 11.07 -19.76 -27.15
C THR D 295 12.25 -20.40 -26.45
N ALA D 296 13.39 -20.54 -27.15
CA ALA D 296 14.57 -21.12 -26.53
C ALA D 296 15.08 -20.21 -25.41
N VAL D 297 14.99 -18.88 -25.59
CA VAL D 297 15.42 -17.94 -24.57
C VAL D 297 14.52 -18.04 -23.36
N ALA D 298 13.20 -18.10 -23.58
CA ALA D 298 12.21 -18.22 -22.54
C ALA D 298 12.45 -19.46 -21.67
N ILE D 299 12.73 -20.62 -22.32
CA ILE D 299 13.03 -21.88 -21.61
C ILE D 299 14.30 -21.65 -20.76
N THR D 300 15.34 -21.04 -21.33
CA THR D 300 16.59 -20.81 -20.62
C THR D 300 16.41 -19.94 -19.40
N LEU D 301 15.64 -18.85 -19.52
CA LEU D 301 15.40 -17.95 -18.42
C LEU D 301 14.69 -18.67 -17.28
N ALA D 302 13.73 -19.54 -17.60
CA ALA D 302 13.03 -20.32 -16.57
C ALA D 302 14.00 -21.26 -15.83
N CYS D 303 14.99 -21.85 -16.52
CA CYS D 303 16.00 -22.70 -15.86
C CYS D 303 16.76 -21.95 -14.75
N PHE D 304 16.84 -20.64 -14.85
CA PHE D 304 17.57 -19.83 -13.88
C PHE D 304 16.72 -18.90 -13.03
N GLY D 305 15.46 -19.28 -12.79
CA GLY D 305 14.65 -18.56 -11.83
C GLY D 305 13.46 -17.78 -12.27
N LEU D 306 13.34 -17.46 -13.58
CA LEU D 306 12.20 -16.68 -14.04
C LEU D 306 10.94 -17.49 -13.89
N ALA D 307 9.99 -16.99 -13.06
CA ALA D 307 8.77 -17.70 -12.79
C ALA D 307 7.56 -16.98 -13.37
N ARG D 308 6.58 -17.77 -13.86
CA ARG D 308 5.39 -17.15 -14.46
C ARG D 308 4.54 -16.42 -13.43
N GLU D 309 4.53 -16.90 -12.15
CA GLU D 309 3.81 -16.24 -11.07
C GLU D 309 4.39 -14.84 -10.69
N GLY D 310 5.63 -14.60 -11.08
CA GLY D 310 6.33 -13.35 -10.81
C GLY D 310 7.59 -13.59 -10.02
N ASN D 311 8.44 -12.56 -9.97
CA ASN D 311 9.69 -12.54 -9.21
C ASN D 311 9.85 -11.20 -8.52
N HIS D 312 10.51 -11.18 -7.36
CA HIS D 312 10.80 -9.90 -6.69
C HIS D 312 12.03 -10.00 -5.82
N LYS D 313 12.71 -8.87 -5.62
CA LYS D 313 13.91 -8.80 -4.80
C LYS D 313 13.47 -8.75 -3.34
N PRO D 314 14.34 -9.15 -2.37
CA PRO D 314 13.90 -9.14 -0.95
C PRO D 314 13.91 -7.75 -0.29
N ILE D 315 13.13 -6.84 -0.85
CA ILE D 315 12.96 -5.49 -0.33
C ILE D 315 11.45 -5.20 -0.25
N ASP D 316 11.08 -4.13 0.45
CA ASP D 316 9.68 -3.77 0.60
C ASP D 316 9.32 -2.81 -0.54
N TYR D 317 8.56 -3.28 -1.54
CA TYR D 317 8.15 -2.46 -2.68
C TYR D 317 7.14 -1.36 -2.34
N LEU D 318 6.47 -1.45 -1.18
CA LEU D 318 5.54 -0.40 -0.77
C LEU D 318 6.21 0.76 0.00
N ASN D 319 7.52 0.61 0.32
CA ASN D 319 8.34 1.61 0.99
C ASN D 319 9.74 1.65 0.37
N SER E 2 12.76 16.22 59.65
CA SER E 2 12.49 16.43 58.23
C SER E 2 13.67 15.97 57.36
N ALA E 3 13.41 15.65 56.09
CA ALA E 3 14.45 15.24 55.15
C ALA E 3 15.43 16.40 54.91
N LYS E 4 16.67 16.09 54.53
CA LYS E 4 17.67 17.13 54.27
C LYS E 4 17.25 18.04 53.13
N SER E 5 16.56 17.46 52.12
CA SER E 5 15.98 18.17 50.97
C SER E 5 14.93 19.19 51.36
N ARG E 6 14.34 19.07 52.57
CA ARG E 6 13.33 20.00 53.05
C ARG E 6 13.78 20.66 54.36
N THR E 7 15.10 20.78 54.61
CA THR E 7 15.68 21.39 55.82
C THR E 7 16.33 22.67 55.33
N ILE E 8 15.73 23.81 55.70
CA ILE E 8 15.94 25.14 55.14
C ILE E 8 16.37 26.24 56.12
N GLY E 9 17.24 27.11 55.63
CA GLY E 9 17.70 28.30 56.34
C GLY E 9 17.40 29.55 55.53
N ILE E 10 16.37 30.29 55.92
CA ILE E 10 15.97 31.51 55.21
C ILE E 10 16.85 32.71 55.53
N ILE E 11 17.37 33.37 54.50
CA ILE E 11 18.14 34.60 54.66
C ILE E 11 17.49 35.66 53.80
N GLY E 12 17.11 36.77 54.41
CA GLY E 12 16.55 37.89 53.69
C GLY E 12 17.63 38.87 53.33
N ALA E 13 17.68 39.29 52.06
CA ALA E 13 18.70 40.24 51.60
C ALA E 13 18.04 41.45 50.94
N PRO E 14 17.58 42.43 51.75
CA PRO E 14 16.96 43.63 51.18
C PRO E 14 17.99 44.61 50.61
N PHE E 15 18.49 44.29 49.41
CA PHE E 15 19.52 45.08 48.76
C PHE E 15 19.15 45.44 47.34
N SER E 16 19.35 46.72 46.96
CA SER E 16 18.98 47.23 45.65
C SER E 16 20.06 48.02 44.90
N LYS E 17 21.19 48.33 45.56
CA LYS E 17 22.22 49.15 44.94
C LYS E 17 23.05 48.44 43.84
N GLY E 18 22.71 47.22 43.50
CA GLY E 18 23.35 46.53 42.38
C GLY E 18 22.73 46.88 41.04
N GLN E 19 21.62 47.64 41.05
CA GLN E 19 20.89 48.13 39.88
C GLN E 19 20.19 49.50 40.17
N PRO E 20 19.70 50.24 39.16
CA PRO E 20 19.17 51.60 39.43
C PRO E 20 17.69 51.77 39.84
N ARG E 21 16.88 50.72 39.80
CA ARG E 21 15.46 50.83 40.11
C ARG E 21 15.14 50.52 41.57
N GLY E 22 14.54 51.48 42.27
CA GLY E 22 14.17 51.28 43.66
C GLY E 22 13.03 50.31 43.84
N GLY E 23 13.08 49.54 44.91
CA GLY E 23 12.01 48.61 45.24
C GLY E 23 12.40 47.15 45.39
N VAL E 24 13.54 46.73 44.80
CA VAL E 24 13.95 45.33 44.85
C VAL E 24 14.36 44.95 46.32
N GLU E 25 14.71 45.95 47.16
CA GLU E 25 14.98 45.75 48.58
C GLU E 25 13.71 45.33 49.35
N GLU E 26 12.51 45.59 48.79
CA GLU E 26 11.25 45.13 49.39
C GLU E 26 10.88 43.68 48.96
N GLY E 27 11.73 43.02 48.18
CA GLY E 27 11.53 41.63 47.77
C GLY E 27 11.38 40.64 48.91
N PRO E 28 12.33 40.62 49.87
CA PRO E 28 12.21 39.68 51.00
C PRO E 28 10.98 39.94 51.87
N THR E 29 10.50 41.20 51.95
CA THR E 29 9.31 41.53 52.73
C THR E 29 8.04 41.03 52.07
N VAL E 30 7.86 41.29 50.77
CA VAL E 30 6.64 40.87 50.07
C VAL E 30 6.55 39.33 49.97
N LEU E 31 7.71 38.64 49.86
CA LEU E 31 7.71 37.18 49.80
C LEU E 31 7.27 36.59 51.15
N ARG E 32 7.74 37.21 52.26
CA ARG E 32 7.35 36.75 53.60
C ARG E 32 5.88 37.06 53.85
N LYS E 33 5.44 38.28 53.50
CA LYS E 33 4.03 38.70 53.64
C LYS E 33 3.07 37.75 52.90
N ALA E 34 3.54 37.15 51.79
CA ALA E 34 2.72 36.22 51.02
C ALA E 34 2.53 34.84 51.71
N GLY E 35 3.22 34.60 52.83
CA GLY E 35 3.08 33.35 53.58
C GLY E 35 4.10 32.28 53.23
N LEU E 36 5.22 32.66 52.62
CA LEU E 36 6.25 31.71 52.18
C LEU E 36 6.69 30.70 53.26
N LEU E 37 7.21 31.18 54.41
CA LEU E 37 7.68 30.28 55.47
C LEU E 37 6.59 29.35 56.02
N GLU E 38 5.34 29.84 56.10
CA GLU E 38 4.22 29.05 56.60
C GLU E 38 3.87 27.96 55.59
N LYS E 39 3.88 28.30 54.30
CA LYS E 39 3.59 27.35 53.22
C LYS E 39 4.64 26.22 53.21
N LEU E 40 5.92 26.56 53.41
CA LEU E 40 6.99 25.55 53.48
C LEU E 40 6.74 24.59 54.68
N LYS E 41 6.29 25.11 55.83
CA LYS E 41 5.97 24.27 56.98
C LYS E 41 4.80 23.31 56.68
N GLU E 42 3.86 23.73 55.84
CA GLU E 42 2.72 22.87 55.43
C GLU E 42 3.16 21.66 54.56
N GLN E 43 4.33 21.76 53.94
CA GLN E 43 4.94 20.80 53.05
C GLN E 43 5.93 19.88 53.78
N GLU E 44 5.88 19.78 55.13
CA GLU E 44 6.82 18.98 55.92
C GLU E 44 8.25 19.54 55.94
N CYS E 45 8.41 20.89 55.81
CA CYS E 45 9.75 21.48 55.83
C CYS E 45 10.12 21.94 57.23
N ASP E 46 11.39 21.78 57.57
CA ASP E 46 12.02 22.18 58.82
C ASP E 46 12.64 23.52 58.47
N VAL E 47 11.90 24.61 58.73
CA VAL E 47 12.35 25.94 58.36
C VAL E 47 12.82 26.79 59.54
N LYS E 48 14.07 27.26 59.46
CA LYS E 48 14.66 28.15 60.44
C LYS E 48 14.89 29.49 59.77
N ASP E 49 14.29 30.56 60.30
CA ASP E 49 14.48 31.89 59.73
C ASP E 49 15.71 32.53 60.36
N TYR E 50 16.62 33.00 59.52
CA TYR E 50 17.84 33.68 59.96
C TYR E 50 17.73 35.22 59.91
N GLY E 51 16.56 35.75 59.56
CA GLY E 51 16.29 37.17 59.52
C GLY E 51 16.77 37.91 58.27
N ASP E 52 16.54 39.23 58.23
CA ASP E 52 16.99 40.08 57.14
C ASP E 52 18.32 40.70 57.51
N LEU E 53 19.32 40.62 56.61
CA LEU E 53 20.63 41.18 56.89
C LEU E 53 20.58 42.70 56.93
N PRO E 54 21.20 43.32 57.95
CA PRO E 54 21.17 44.79 58.03
C PRO E 54 22.24 45.43 57.15
N PHE E 55 21.84 46.04 56.03
CA PHE E 55 22.80 46.67 55.13
C PHE E 55 23.02 48.13 55.45
N ALA E 56 24.25 48.48 55.85
CA ALA E 56 24.58 49.86 56.20
C ALA E 56 24.74 50.78 54.99
N ASP E 57 24.47 52.07 55.20
CA ASP E 57 24.57 53.10 54.18
C ASP E 57 26.03 53.53 53.98
N ILE E 58 26.47 53.68 52.72
CA ILE E 58 27.82 54.12 52.39
C ILE E 58 27.77 55.41 51.53
N PRO E 59 27.73 56.58 52.19
CA PRO E 59 27.63 57.84 51.42
C PRO E 59 28.88 58.27 50.63
N ASN E 60 30.05 57.69 50.92
CA ASN E 60 31.27 58.04 50.19
C ASN E 60 31.61 56.88 49.25
N ASP E 61 30.63 56.49 48.40
CA ASP E 61 30.79 55.36 47.50
C ASP E 61 30.98 55.79 46.04
N SER E 62 32.19 56.27 45.73
CA SER E 62 32.60 56.74 44.41
C SER E 62 32.60 55.60 43.38
N PRO E 63 32.19 55.88 42.14
CA PRO E 63 32.16 54.83 41.13
C PRO E 63 33.55 54.35 40.72
N PHE E 64 33.68 53.06 40.38
CA PHE E 64 34.94 52.51 39.88
C PHE E 64 34.79 52.61 38.37
N GLN E 65 35.43 53.62 37.75
CA GLN E 65 35.27 53.93 36.33
C GLN E 65 33.76 54.24 36.05
N ILE E 66 32.99 53.30 35.46
CA ILE E 66 31.56 53.48 35.23
C ILE E 66 30.70 52.58 36.18
N VAL E 67 31.34 51.64 36.92
CA VAL E 67 30.71 50.72 37.86
C VAL E 67 30.11 51.45 39.07
N LYS E 68 28.79 51.32 39.26
CA LYS E 68 28.05 52.02 40.30
C LYS E 68 27.99 51.32 41.64
N ASN E 69 28.06 52.11 42.74
CA ASN E 69 28.02 51.70 44.14
C ASN E 69 28.94 50.50 44.44
N PRO E 70 30.23 50.50 44.01
CA PRO E 70 31.05 49.29 44.17
C PRO E 70 31.24 48.83 45.60
N ARG E 71 31.48 49.77 46.52
CA ARG E 71 31.66 49.43 47.93
C ARG E 71 30.39 48.89 48.58
N SER E 72 29.23 49.49 48.26
CA SER E 72 27.96 49.04 48.84
C SER E 72 27.64 47.61 48.38
N VAL E 73 27.80 47.32 47.10
CA VAL E 73 27.53 45.99 46.54
C VAL E 73 28.49 44.93 47.07
N GLY E 74 29.77 45.26 47.11
CA GLY E 74 30.80 44.36 47.62
C GLY E 74 30.62 43.99 49.08
N LYS E 75 30.26 44.96 49.93
CA LYS E 75 30.03 44.73 51.35
C LYS E 75 28.73 43.96 51.58
N ALA E 76 27.68 44.24 50.80
CA ALA E 76 26.43 43.49 50.90
C ALA E 76 26.67 41.99 50.62
N SER E 77 27.42 41.68 49.56
CA SER E 77 27.73 40.30 49.22
C SER E 77 28.67 39.66 50.25
N GLU E 78 29.56 40.45 50.87
CA GLU E 78 30.48 39.99 51.88
C GLU E 78 29.72 39.53 53.12
N GLN E 79 28.73 40.33 53.56
CA GLN E 79 27.86 40.01 54.69
C GLN E 79 27.02 38.75 54.37
N LEU E 80 26.55 38.63 53.13
CA LEU E 80 25.76 37.48 52.73
C LEU E 80 26.60 36.19 52.65
N ALA E 81 27.87 36.25 52.18
CA ALA E 81 28.71 35.05 52.11
C ALA E 81 28.92 34.42 53.49
N GLY E 82 29.13 35.27 54.50
CA GLY E 82 29.28 34.81 55.87
C GLY E 82 27.99 34.21 56.40
N LYS E 83 26.86 34.86 56.14
CA LYS E 83 25.56 34.36 56.58
C LYS E 83 25.16 33.06 55.84
N VAL E 84 25.53 32.90 54.55
CA VAL E 84 25.23 31.67 53.80
C VAL E 84 26.10 30.51 54.31
N ALA E 85 27.39 30.77 54.57
CA ALA E 85 28.33 29.76 55.07
C ALA E 85 27.91 29.24 56.44
N GLU E 86 27.34 30.13 57.28
CA GLU E 86 26.82 29.78 58.60
C GLU E 86 25.59 28.86 58.48
N VAL E 87 24.69 29.14 57.52
CA VAL E 87 23.51 28.28 57.29
C VAL E 87 23.96 26.91 56.79
N LYS E 88 24.97 26.87 55.91
CA LYS E 88 25.50 25.60 55.38
C LYS E 88 26.14 24.75 56.46
N LYS E 89 26.84 25.40 57.41
CA LYS E 89 27.48 24.71 58.54
C LYS E 89 26.42 24.07 59.47
N ASN E 90 25.23 24.69 59.58
CA ASN E 90 24.11 24.15 60.36
C ASN E 90 23.34 23.02 59.65
N GLY E 91 23.84 22.55 58.50
CA GLY E 91 23.24 21.46 57.73
C GLY E 91 21.93 21.81 57.06
N ARG E 92 21.78 23.08 56.66
CA ARG E 92 20.55 23.56 56.04
C ARG E 92 20.73 24.07 54.62
N ILE E 93 19.66 24.04 53.81
CA ILE E 93 19.68 24.59 52.46
C ILE E 93 19.50 26.08 52.61
N SER E 94 20.46 26.87 52.14
CA SER E 94 20.35 28.32 52.23
C SER E 94 19.30 28.82 51.21
N LEU E 95 18.37 29.65 51.67
CA LEU E 95 17.34 30.20 50.80
C LEU E 95 17.41 31.72 50.88
N VAL E 96 18.05 32.34 49.89
CA VAL E 96 18.28 33.77 49.83
C VAL E 96 17.17 34.49 49.09
N LEU E 97 16.49 35.39 49.79
CA LEU E 97 15.40 36.15 49.22
C LEU E 97 15.94 37.54 48.90
N GLY E 98 16.12 37.83 47.63
CA GLY E 98 16.61 39.15 47.21
C GLY E 98 15.50 40.15 46.95
N GLY E 99 15.85 41.37 46.56
CA GLY E 99 17.22 41.80 46.37
C GLY E 99 17.66 41.61 44.93
N ASP E 100 18.65 42.39 44.49
CA ASP E 100 19.11 42.26 43.10
C ASP E 100 20.16 41.12 42.94
N HIS E 101 20.39 40.67 41.70
CA HIS E 101 21.26 39.53 41.43
C HIS E 101 22.75 39.72 41.74
N SER E 102 23.20 40.95 42.09
CA SER E 102 24.59 41.12 42.49
C SER E 102 24.90 40.27 43.77
N LEU E 103 23.86 40.02 44.58
CA LEU E 103 23.92 39.20 45.79
C LEU E 103 24.38 37.77 45.52
N ALA E 104 24.29 37.28 44.26
CA ALA E 104 24.77 35.93 43.93
C ALA E 104 26.27 35.76 44.19
N ILE E 105 27.06 36.85 44.12
CA ILE E 105 28.51 36.78 44.43
C ILE E 105 28.69 36.27 45.88
N GLY E 106 27.91 36.82 46.80
CA GLY E 106 27.95 36.43 48.19
C GLY E 106 27.32 35.08 48.44
N SER E 107 26.10 34.86 47.93
CA SER E 107 25.41 33.60 48.12
C SER E 107 26.22 32.39 47.64
N ILE E 108 26.80 32.47 46.43
CA ILE E 108 27.61 31.38 45.87
C ILE E 108 28.97 31.31 46.54
N SER E 109 29.58 32.46 46.87
CA SER E 109 30.89 32.48 47.53
C SER E 109 30.83 31.82 48.91
N GLY E 110 29.79 32.15 49.67
CA GLY E 110 29.56 31.60 51.00
C GLY E 110 29.22 30.13 50.97
N HIS E 111 28.42 29.72 49.99
CA HIS E 111 28.04 28.32 49.82
C HIS E 111 29.30 27.51 49.46
N ALA E 112 30.16 28.05 48.59
CA ALA E 112 31.40 27.40 48.17
C ALA E 112 32.42 27.24 49.28
N ARG E 113 32.34 28.07 50.33
CA ARG E 113 33.26 27.93 51.46
C ARG E 113 33.03 26.60 52.20
N VAL E 114 31.78 26.13 52.24
CA VAL E 114 31.45 24.87 52.90
C VAL E 114 31.41 23.71 51.90
N HIS E 115 30.93 23.97 50.67
CA HIS E 115 30.86 22.93 49.65
C HIS E 115 31.54 23.39 48.38
N PRO E 116 32.89 23.33 48.31
CA PRO E 116 33.59 23.84 47.13
C PRO E 116 33.34 23.08 45.83
N ASP E 117 32.82 21.87 45.91
CA ASP E 117 32.52 21.06 44.72
C ASP E 117 31.14 21.38 44.11
N LEU E 118 30.45 22.44 44.57
CA LEU E 118 29.11 22.74 44.08
C LEU E 118 29.04 23.07 42.58
N GLY E 119 27.87 22.81 42.03
CA GLY E 119 27.50 23.12 40.64
C GLY E 119 26.39 24.14 40.66
N VAL E 120 26.40 25.11 39.72
CA VAL E 120 25.39 26.16 39.68
C VAL E 120 24.46 26.07 38.48
N ILE E 121 23.14 26.18 38.70
CA ILE E 121 22.14 26.26 37.65
C ILE E 121 21.63 27.69 37.77
N TRP E 122 21.87 28.50 36.73
CA TRP E 122 21.56 29.93 36.65
C TRP E 122 20.37 30.17 35.73
N VAL E 123 19.20 30.34 36.33
CA VAL E 123 17.95 30.55 35.59
C VAL E 123 17.72 32.03 35.47
N ASP E 124 17.76 32.54 34.24
CA ASP E 124 17.70 33.99 34.02
C ASP E 124 17.54 34.25 32.50
N ALA E 125 17.00 35.41 32.13
CA ALA E 125 16.99 35.82 30.71
C ALA E 125 18.42 36.30 30.26
N HIS E 126 19.28 36.57 31.25
CA HIS E 126 20.58 37.21 31.15
C HIS E 126 21.70 36.38 31.74
N THR E 127 22.91 36.49 31.17
CA THR E 127 24.09 35.74 31.62
C THR E 127 24.75 36.38 32.85
N ASP E 128 24.57 37.70 33.06
CA ASP E 128 25.17 38.38 34.23
C ASP E 128 26.68 38.11 34.36
N ILE E 129 27.36 38.10 33.23
CA ILE E 129 28.78 37.77 33.12
C ILE E 129 29.61 38.91 32.54
N ASN E 130 29.09 40.14 32.55
CA ASN E 130 29.87 41.31 32.16
C ASN E 130 30.93 41.50 33.26
N THR E 131 32.13 41.90 32.86
CA THR E 131 33.18 42.20 33.84
C THR E 131 33.12 43.71 34.10
N PRO E 132 33.78 44.23 35.16
CA PRO E 132 33.78 45.70 35.37
C PRO E 132 34.34 46.51 34.19
N LEU E 133 35.03 45.85 33.26
CA LEU E 133 35.59 46.51 32.08
C LEU E 133 34.70 46.35 30.83
N THR E 134 33.97 45.21 30.70
CA THR E 134 33.08 44.99 29.56
C THR E 134 31.68 45.58 29.75
N THR E 135 31.29 45.88 30.99
CA THR E 135 29.96 46.45 31.26
C THR E 135 29.77 47.81 30.57
N THR E 136 28.56 48.08 30.08
CA THR E 136 28.25 49.39 29.50
C THR E 136 27.29 50.19 30.41
N SER E 137 26.51 49.49 31.25
CA SER E 137 25.60 50.15 32.17
C SER E 137 26.30 50.51 33.49
N GLY E 138 27.24 49.69 33.91
CA GLY E 138 27.92 49.89 35.20
C GLY E 138 27.16 49.29 36.36
N ASN E 139 26.07 48.54 36.09
CA ASN E 139 25.26 47.94 37.15
C ASN E 139 25.80 46.57 37.48
N LEU E 140 26.18 46.36 38.73
CA LEU E 140 26.79 45.12 39.21
C LEU E 140 25.87 43.92 39.17
N HIS E 141 24.55 44.12 39.11
CA HIS E 141 23.62 42.98 39.02
C HIS E 141 23.77 42.22 37.69
N GLY E 142 24.48 42.80 36.71
CA GLY E 142 24.77 42.18 35.42
C GLY E 142 26.22 41.71 35.31
N GLN E 143 26.90 41.57 36.46
CA GLN E 143 28.29 41.17 36.56
C GLN E 143 28.63 40.08 37.57
N PRO E 144 27.70 39.46 38.34
CA PRO E 144 28.13 38.51 39.37
C PRO E 144 28.93 37.30 38.91
N VAL E 145 28.58 36.71 37.78
CA VAL E 145 29.27 35.49 37.32
C VAL E 145 30.73 35.73 36.97
N SER E 146 31.05 36.92 36.45
CA SER E 146 32.43 37.23 36.07
C SER E 146 33.35 37.25 37.29
N PHE E 147 32.83 37.72 38.44
CA PHE E 147 33.59 37.74 39.69
C PHE E 147 33.80 36.31 40.25
N LEU E 148 32.90 35.37 39.94
CA LEU E 148 32.93 34.00 40.45
C LEU E 148 33.79 33.00 39.66
N LEU E 149 33.99 33.25 38.36
CA LEU E 149 34.72 32.32 37.50
C LEU E 149 36.23 32.34 37.65
N LYS E 150 36.81 31.15 37.85
CA LYS E 150 38.27 30.98 37.98
C LYS E 150 38.99 31.32 36.68
N GLU E 151 38.36 31.02 35.53
CA GLU E 151 38.93 31.29 34.22
C GLU E 151 39.05 32.80 33.92
N LEU E 152 38.31 33.65 34.64
CA LEU E 152 38.40 35.09 34.43
C LEU E 152 39.36 35.78 35.41
N LYS E 153 40.05 35.01 36.30
CA LYS E 153 41.06 35.53 37.24
C LYS E 153 42.22 36.10 36.42
N GLY E 154 42.24 37.42 36.30
CA GLY E 154 43.24 38.12 35.48
C GLY E 154 42.60 39.22 34.66
N LYS E 155 41.33 39.02 34.28
CA LYS E 155 40.52 39.96 33.52
C LYS E 155 39.66 40.86 34.41
N ILE E 156 39.48 40.50 35.70
CA ILE E 156 38.67 41.29 36.64
C ILE E 156 39.56 42.27 37.39
N PRO E 157 39.41 43.59 37.15
CA PRO E 157 40.23 44.55 37.90
C PRO E 157 39.93 44.59 39.40
N ASP E 158 40.76 45.29 40.18
CA ASP E 158 40.53 45.40 41.61
C ASP E 158 39.45 46.44 41.83
N VAL E 159 38.22 45.99 42.08
CA VAL E 159 37.08 46.87 42.32
C VAL E 159 36.97 47.12 43.82
N PRO E 160 36.77 48.39 44.28
CA PRO E 160 36.66 48.62 45.73
C PRO E 160 35.50 47.84 46.34
N GLY E 161 35.75 47.20 47.48
CA GLY E 161 34.74 46.40 48.15
C GLY E 161 34.70 44.94 47.74
N PHE E 162 35.54 44.53 46.76
CA PHE E 162 35.53 43.14 46.30
C PHE E 162 36.83 42.38 46.54
N SER E 163 37.73 42.85 47.42
CA SER E 163 39.00 42.13 47.65
C SER E 163 38.83 40.73 48.25
N TRP E 164 37.80 40.55 49.09
CA TRP E 164 37.46 39.29 49.76
C TRP E 164 37.14 38.19 48.73
N VAL E 165 36.60 38.56 47.55
CA VAL E 165 36.22 37.58 46.51
C VAL E 165 37.39 36.75 46.00
N THR E 166 37.22 35.44 46.08
CA THR E 166 38.16 34.46 45.55
C THR E 166 37.29 33.60 44.65
N PRO E 167 37.52 33.62 43.32
CA PRO E 167 36.71 32.80 42.40
C PRO E 167 36.60 31.34 42.83
N CYS E 168 35.39 30.80 42.92
CA CYS E 168 35.16 29.46 43.46
C CYS E 168 34.63 28.44 42.45
N ILE E 169 34.14 28.89 41.29
CA ILE E 169 33.58 28.00 40.29
C ILE E 169 34.29 28.11 38.97
N SER E 170 34.49 26.98 38.30
CA SER E 170 35.05 26.98 36.98
C SER E 170 33.90 27.05 35.95
N ALA E 171 34.23 27.33 34.70
CA ALA E 171 33.26 27.42 33.62
C ALA E 171 32.50 26.11 33.42
N LYS E 172 33.10 24.97 33.77
CA LYS E 172 32.43 23.67 33.65
C LYS E 172 31.37 23.42 34.72
N ASP E 173 31.36 24.23 35.80
CA ASP E 173 30.48 24.09 36.96
C ASP E 173 29.24 24.97 36.96
N ILE E 174 28.91 25.58 35.83
CA ILE E 174 27.74 26.45 35.75
C ILE E 174 26.95 26.15 34.48
N VAL E 175 25.62 26.09 34.61
CA VAL E 175 24.72 25.84 33.47
C VAL E 175 23.68 26.95 33.49
N TYR E 176 23.51 27.66 32.38
CA TYR E 176 22.50 28.69 32.26
C TYR E 176 21.23 28.12 31.62
N ILE E 177 20.05 28.58 32.07
CA ILE E 177 18.78 28.16 31.45
C ILE E 177 17.90 29.40 31.30
N GLY E 178 17.46 29.67 30.08
CA GLY E 178 16.51 30.76 29.82
C GLY E 178 17.03 31.96 29.06
N LEU E 179 18.29 31.94 28.67
CA LEU E 179 18.97 33.08 28.02
C LEU E 179 18.24 33.63 26.79
N ARG E 180 18.02 34.96 26.75
CA ARG E 180 17.38 35.60 25.60
C ARG E 180 17.74 37.08 25.45
N ASP E 181 18.70 37.61 26.23
CA ASP E 181 19.11 39.03 26.17
C ASP E 181 20.55 39.13 26.66
N VAL E 182 21.48 38.82 25.77
CA VAL E 182 22.88 38.71 26.07
C VAL E 182 23.67 39.78 25.30
N ASP E 183 24.44 40.60 26.03
CA ASP E 183 25.30 41.64 25.44
C ASP E 183 26.39 40.99 24.57
N PRO E 184 26.96 41.72 23.59
CA PRO E 184 28.04 41.14 22.76
C PRO E 184 29.29 40.68 23.55
N GLY E 185 29.73 41.48 24.53
CA GLY E 185 30.86 41.09 25.38
C GLY E 185 30.55 39.84 26.17
N GLU E 186 29.31 39.75 26.67
CA GLU E 186 28.88 38.56 27.41
C GLU E 186 28.84 37.32 26.51
N HIS E 187 28.33 37.46 25.27
CA HIS E 187 28.27 36.33 24.35
C HIS E 187 29.69 35.86 23.99
N TYR E 188 30.63 36.80 23.84
CA TYR E 188 32.03 36.43 23.58
C TYR E 188 32.60 35.60 24.74
N ILE E 189 32.37 36.03 26.01
CA ILE E 189 32.82 35.32 27.20
C ILE E 189 32.18 33.94 27.27
N LEU E 190 30.85 33.87 27.12
CA LEU E 190 30.10 32.61 27.13
C LEU E 190 30.64 31.59 26.12
N LYS E 191 30.95 32.04 24.89
CA LYS E 191 31.46 31.12 23.86
C LYS E 191 32.96 30.80 23.97
N THR E 192 33.79 31.74 24.45
CA THR E 192 35.23 31.48 24.62
C THR E 192 35.47 30.55 25.82
N LEU E 193 34.68 30.70 26.90
CA LEU E 193 34.83 29.84 28.06
C LEU E 193 34.19 28.45 27.89
N GLY E 194 33.39 28.26 26.83
CA GLY E 194 32.73 26.99 26.56
C GLY E 194 31.70 26.58 27.59
N ILE E 195 31.10 27.56 28.28
CA ILE E 195 30.09 27.36 29.31
C ILE E 195 28.86 26.66 28.73
N LYS E 196 28.29 25.66 29.45
CA LYS E 196 27.09 24.96 29.02
C LYS E 196 25.88 25.88 29.19
N TYR E 197 25.09 26.06 28.14
CA TYR E 197 23.90 26.92 28.24
C TYR E 197 22.73 26.37 27.47
N PHE E 198 21.54 26.74 27.90
CA PHE E 198 20.27 26.41 27.26
C PHE E 198 19.51 27.72 27.13
N SER E 199 19.78 28.47 26.04
CA SER E 199 19.00 29.70 25.78
C SER E 199 17.55 29.31 25.43
N MET E 200 16.65 30.30 25.26
CA MET E 200 15.29 30.01 24.81
C MET E 200 15.28 29.22 23.47
N THR E 201 16.29 29.40 22.63
CA THR E 201 16.39 28.63 21.40
C THR E 201 16.56 27.13 21.69
N GLU E 202 17.42 26.76 22.67
CA GLU E 202 17.64 25.37 23.06
C GLU E 202 16.38 24.82 23.75
N VAL E 203 15.72 25.64 24.59
CA VAL E 203 14.49 25.21 25.25
C VAL E 203 13.40 24.92 24.18
N ASP E 204 13.28 25.78 23.16
CA ASP E 204 12.31 25.56 22.08
C ASP E 204 12.66 24.28 21.30
N ARG E 205 13.94 24.11 20.98
CA ARG E 205 14.40 22.95 20.24
C ARG E 205 14.19 21.61 20.94
N LEU E 206 14.54 21.54 22.22
CA LEU E 206 14.55 20.29 22.98
C LEU E 206 13.34 20.03 23.85
N GLY E 207 12.74 21.09 24.34
CA GLY E 207 11.66 21.01 25.32
C GLY E 207 12.25 21.06 26.72
N ILE E 208 11.50 21.57 27.71
CA ILE E 208 12.04 21.68 29.09
C ILE E 208 12.43 20.29 29.68
N GLY E 209 11.78 19.22 29.23
CA GLY E 209 12.09 17.86 29.67
C GLY E 209 13.53 17.49 29.36
N LYS E 210 13.94 17.64 28.09
CA LYS E 210 15.30 17.32 27.66
C LYS E 210 16.31 18.30 28.20
N VAL E 211 15.94 19.58 28.33
CA VAL E 211 16.84 20.60 28.90
C VAL E 211 17.25 20.19 30.31
N MET E 212 16.28 19.72 31.11
CA MET E 212 16.57 19.31 32.47
C MET E 212 17.37 18.00 32.52
N GLU E 213 17.06 17.03 31.65
CA GLU E 213 17.80 15.76 31.62
C GLU E 213 19.27 16.00 31.28
N GLU E 214 19.52 16.88 30.31
CA GLU E 214 20.88 17.19 29.90
C GLU E 214 21.61 17.99 30.97
N THR E 215 20.90 18.96 31.58
CA THR E 215 21.48 19.84 32.61
C THR E 215 21.96 19.01 33.81
N LEU E 216 21.09 18.14 34.30
CA LEU E 216 21.41 17.32 35.46
C LEU E 216 22.44 16.28 35.13
N SER E 217 22.42 15.71 33.92
CA SER E 217 23.43 14.74 33.53
C SER E 217 24.80 15.41 33.43
N TYR E 218 24.85 16.63 32.89
CA TYR E 218 26.10 17.39 32.77
C TYR E 218 26.74 17.68 34.14
N LEU E 219 25.96 18.26 35.07
CA LEU E 219 26.47 18.60 36.38
C LEU E 219 26.66 17.44 37.35
N LEU E 220 25.82 16.41 37.28
CA LEU E 220 25.86 15.33 38.27
C LEU E 220 26.45 14.01 37.78
N GLY E 221 26.29 13.73 36.49
CA GLY E 221 26.69 12.50 35.81
C GLY E 221 27.94 11.75 36.22
N ARG E 222 29.01 12.44 36.64
CA ARG E 222 30.23 11.76 37.06
C ARG E 222 30.10 11.35 38.55
N LYS E 223 29.86 12.34 39.42
CA LYS E 223 29.65 12.14 40.86
C LYS E 223 28.55 13.07 41.38
N LYS E 224 27.77 12.61 42.38
CA LYS E 224 26.70 13.44 42.96
C LYS E 224 27.35 14.62 43.67
N ARG E 225 26.77 15.82 43.53
CA ARG E 225 27.35 17.02 44.12
C ARG E 225 26.28 18.03 44.53
N PRO E 226 26.63 18.96 45.46
CA PRO E 226 25.67 19.99 45.88
C PRO E 226 25.27 20.92 44.73
N ILE E 227 24.00 21.25 44.64
CA ILE E 227 23.49 22.15 43.61
C ILE E 227 23.16 23.52 44.17
N HIS E 228 23.56 24.58 43.48
CA HIS E 228 23.19 25.93 43.83
C HIS E 228 22.30 26.44 42.68
N LEU E 229 21.03 26.70 42.98
CA LEU E 229 20.12 27.25 41.99
C LEU E 229 19.98 28.74 42.21
N SER E 230 20.48 29.53 41.26
CA SER E 230 20.32 30.98 41.34
C SER E 230 19.21 31.32 40.35
N PHE E 231 18.05 31.74 40.89
CA PHE E 231 16.86 32.01 40.09
C PHE E 231 16.48 33.49 40.02
N ASP E 232 16.67 34.10 38.85
CA ASP E 232 16.27 35.48 38.57
C ASP E 232 14.84 35.34 38.01
N VAL E 233 13.84 35.95 38.67
CA VAL E 233 12.44 35.81 38.22
C VAL E 233 12.23 36.28 36.76
N ASP E 234 13.13 37.12 36.24
CA ASP E 234 13.02 37.55 34.85
C ASP E 234 13.31 36.41 33.83
N GLY E 235 13.74 35.23 34.32
CA GLY E 235 13.93 34.03 33.51
C GLY E 235 12.58 33.62 32.94
N LEU E 236 11.52 33.74 33.77
CA LEU E 236 10.16 33.47 33.29
C LEU E 236 9.68 34.68 32.53
N ASP E 237 8.78 34.46 31.59
CA ASP E 237 8.17 35.50 30.75
C ASP E 237 7.46 36.55 31.60
N PRO E 238 7.46 37.82 31.15
CA PRO E 238 6.78 38.87 31.94
C PRO E 238 5.26 38.75 32.03
N SER E 239 4.65 37.76 31.38
CA SER E 239 3.23 37.50 31.56
C SER E 239 3.02 36.83 32.95
N PHE E 240 4.08 36.29 33.59
CA PHE E 240 4.09 35.59 34.88
C PHE E 240 4.85 36.37 35.96
N THR E 241 5.96 37.00 35.60
CA THR E 241 6.75 37.76 36.56
C THR E 241 6.99 39.19 36.05
N PRO E 242 5.94 39.99 35.84
CA PRO E 242 6.15 41.35 35.30
C PRO E 242 6.84 42.34 36.23
N ALA E 243 6.74 42.12 37.54
CA ALA E 243 7.31 43.08 38.51
C ALA E 243 8.79 42.81 38.73
N THR E 244 9.59 43.17 37.73
CA THR E 244 11.03 42.98 37.72
C THR E 244 11.65 44.10 36.86
N GLY E 245 12.90 44.42 37.14
CA GLY E 245 13.61 45.52 36.51
C GLY E 245 13.97 45.37 35.04
N THR E 246 14.35 44.14 34.60
CA THR E 246 14.73 43.95 33.20
C THR E 246 13.91 42.84 32.55
N PRO E 247 12.60 43.07 32.34
CA PRO E 247 11.79 42.04 31.71
C PRO E 247 12.09 41.88 30.24
N VAL E 248 12.07 40.63 29.75
CA VAL E 248 12.32 40.34 28.34
C VAL E 248 11.21 39.41 27.87
N VAL E 249 10.53 39.71 26.75
CA VAL E 249 9.48 38.83 26.25
C VAL E 249 10.07 37.50 25.72
N GLY E 250 9.23 36.48 25.54
CA GLY E 250 9.68 35.20 25.02
C GLY E 250 10.33 34.32 26.08
N GLY E 251 9.88 34.45 27.32
CA GLY E 251 10.50 33.72 28.41
C GLY E 251 9.99 32.33 28.68
N LEU E 252 10.50 31.74 29.76
CA LEU E 252 10.05 30.44 30.20
C LEU E 252 8.61 30.62 30.75
N THR E 253 7.76 29.60 30.56
CA THR E 253 6.38 29.67 31.07
C THR E 253 6.38 29.34 32.57
N TYR E 254 5.22 29.52 33.21
CA TYR E 254 4.95 29.14 34.60
C TYR E 254 5.21 27.61 34.73
N ARG E 255 4.73 26.84 33.74
CA ARG E 255 4.95 25.39 33.75
C ARG E 255 6.40 25.01 33.65
N GLU E 256 7.18 25.66 32.77
CA GLU E 256 8.60 25.35 32.63
C GLU E 256 9.36 25.70 33.90
N GLY E 257 8.98 26.79 34.56
CA GLY E 257 9.59 27.20 35.82
C GLY E 257 9.41 26.14 36.89
N LEU E 258 8.18 25.64 37.00
CA LEU E 258 7.84 24.57 37.96
C LEU E 258 8.50 23.26 37.58
N TYR E 259 8.66 23.00 36.26
CA TYR E 259 9.32 21.79 35.82
C TYR E 259 10.80 21.79 36.22
N ILE E 260 11.52 22.92 35.97
CA ILE E 260 12.94 23.04 36.35
C ILE E 260 13.16 22.77 37.86
N THR E 261 12.34 23.39 38.71
CA THR E 261 12.48 23.32 40.16
C THR E 261 12.02 21.96 40.70
N GLU E 262 10.89 21.41 40.21
CA GLU E 262 10.44 20.07 40.62
C GLU E 262 11.53 19.02 40.34
N GLU E 263 12.21 19.13 39.17
CA GLU E 263 13.28 18.20 38.78
C GLU E 263 14.51 18.38 39.68
N ILE E 264 14.84 19.63 40.01
CA ILE E 264 15.96 19.91 40.90
C ILE E 264 15.69 19.32 42.30
N TYR E 265 14.47 19.48 42.82
CA TYR E 265 14.10 18.90 44.11
C TYR E 265 14.29 17.37 44.10
N LYS E 266 13.82 16.70 43.01
CA LYS E 266 13.88 15.24 42.88
C LYS E 266 15.31 14.68 42.94
N THR E 267 16.33 15.47 42.54
CA THR E 267 17.71 15.02 42.68
C THR E 267 18.08 14.76 44.17
N GLY E 268 17.47 15.52 45.06
CA GLY E 268 17.75 15.44 46.49
C GLY E 268 19.06 16.11 46.85
N LEU E 269 19.62 16.90 45.91
CA LEU E 269 20.93 17.54 46.04
C LEU E 269 20.90 19.05 46.09
N LEU E 270 19.70 19.69 46.10
CA LEU E 270 19.62 21.14 46.21
C LEU E 270 20.26 21.56 47.54
N SER E 271 21.20 22.47 47.47
CA SER E 271 21.98 22.87 48.63
C SER E 271 21.88 24.37 48.92
N GLY E 272 21.67 25.17 47.89
CA GLY E 272 21.52 26.61 48.02
C GLY E 272 20.57 27.12 46.95
N LEU E 273 19.76 28.12 47.31
CA LEU E 273 18.77 28.71 46.40
C LEU E 273 18.74 30.23 46.55
N ASP E 274 18.60 30.97 45.44
CA ASP E 274 18.50 32.43 45.39
C ASP E 274 17.23 32.76 44.61
N ILE E 275 16.28 33.52 45.19
CA ILE E 275 15.08 34.00 44.49
C ILE E 275 15.35 35.50 44.35
N MET E 276 15.73 35.93 43.16
CA MET E 276 16.19 37.28 42.90
C MET E 276 15.36 38.11 41.90
N GLU E 277 15.49 39.45 42.01
CA GLU E 277 14.97 40.51 41.17
C GLU E 277 13.45 40.77 41.26
N VAL E 278 12.76 40.21 42.26
CA VAL E 278 11.36 40.53 42.50
C VAL E 278 11.28 41.99 42.97
N ASN E 279 10.69 42.89 42.17
CA ASN E 279 10.61 44.30 42.54
C ASN E 279 9.16 44.71 42.60
N PRO E 280 8.56 44.68 43.80
CA PRO E 280 7.14 45.03 43.95
C PRO E 280 6.78 46.48 43.66
N SER E 281 7.77 47.37 43.42
CA SER E 281 7.45 48.73 43.03
C SER E 281 7.23 48.87 41.49
N LEU E 282 7.70 47.88 40.70
CA LEU E 282 7.59 47.91 39.23
C LEU E 282 6.34 47.28 38.63
N GLY E 283 5.35 46.97 39.46
CA GLY E 283 4.10 46.46 38.96
C GLY E 283 3.24 47.60 38.43
N LYS E 284 2.80 47.51 37.16
CA LYS E 284 1.94 48.53 36.55
C LYS E 284 0.59 48.63 37.30
N THR E 285 0.13 47.51 37.85
CA THR E 285 -1.09 47.38 38.64
C THR E 285 -0.74 46.54 39.88
N PRO E 286 -1.53 46.64 40.98
CA PRO E 286 -1.27 45.76 42.13
C PRO E 286 -1.36 44.28 41.75
N GLU E 287 -2.20 43.93 40.74
CA GLU E 287 -2.36 42.57 40.26
C GLU E 287 -1.07 42.00 39.71
N GLU E 288 -0.30 42.82 38.94
CA GLU E 288 0.99 42.39 38.39
C GLU E 288 2.01 42.08 39.51
N VAL E 289 1.92 42.79 40.64
CA VAL E 289 2.82 42.58 41.77
C VAL E 289 2.47 41.27 42.43
N THR E 290 1.17 41.03 42.71
CA THR E 290 0.75 39.78 43.35
C THR E 290 1.07 38.59 42.44
N ARG E 291 0.94 38.75 41.12
CA ARG E 291 1.20 37.67 40.18
C ARG E 291 2.65 37.22 40.23
N THR E 292 3.59 38.21 40.26
CA THR E 292 5.03 38.00 40.31
C THR E 292 5.41 37.35 41.64
N VAL E 293 4.82 37.84 42.76
CA VAL E 293 5.06 37.32 44.09
C VAL E 293 4.53 35.89 44.21
N ASN E 294 3.29 35.64 43.75
CA ASN E 294 2.73 34.30 43.81
C ASN E 294 3.54 33.31 42.98
N THR E 295 4.08 33.75 41.83
CA THR E 295 4.87 32.87 40.95
C THR E 295 6.21 32.55 41.61
N ALA E 296 6.89 33.58 42.19
CA ALA E 296 8.13 33.38 42.94
C ALA E 296 7.93 32.38 44.09
N VAL E 297 6.77 32.48 44.77
CA VAL E 297 6.39 31.60 45.88
C VAL E 297 6.20 30.16 45.35
N ALA E 298 5.52 30.00 44.21
CA ALA E 298 5.29 28.67 43.62
C ALA E 298 6.61 27.99 43.22
N ILE E 299 7.53 28.73 42.61
CA ILE E 299 8.86 28.23 42.22
C ILE E 299 9.60 27.79 43.47
N THR E 300 9.56 28.61 44.53
CA THR E 300 10.23 28.29 45.80
C THR E 300 9.69 27.02 46.42
N LEU E 301 8.37 26.87 46.55
CA LEU E 301 7.80 25.64 47.11
C LEU E 301 8.15 24.39 46.30
N ALA E 302 8.19 24.52 44.97
CA ALA E 302 8.56 23.40 44.11
C ALA E 302 10.01 22.98 44.36
N CYS E 303 10.92 23.90 44.74
CA CYS E 303 12.30 23.54 45.09
C CYS E 303 12.38 22.63 46.32
N PHE E 304 11.37 22.70 47.19
CA PHE E 304 11.37 21.96 48.44
C PHE E 304 10.30 20.89 48.56
N GLY E 305 9.88 20.33 47.43
CA GLY E 305 8.97 19.21 47.46
C GLY E 305 7.58 19.32 46.91
N LEU E 306 7.04 20.57 46.73
CA LEU E 306 5.65 20.68 46.25
C LEU E 306 5.55 20.15 44.84
N ALA E 307 4.75 19.13 44.64
CA ALA E 307 4.63 18.48 43.33
C ALA E 307 3.24 18.64 42.72
N ARG E 308 3.17 18.95 41.42
CA ARG E 308 1.88 19.11 40.75
C ARG E 308 1.03 17.84 40.76
N GLU E 309 1.65 16.65 40.75
CA GLU E 309 0.86 15.41 40.80
C GLU E 309 0.23 15.18 42.21
N GLY E 310 0.67 15.92 43.21
CA GLY E 310 0.19 15.78 44.57
C GLY E 310 1.30 15.42 45.55
N ASN E 311 1.01 15.55 46.82
CA ASN E 311 1.92 15.25 47.92
C ASN E 311 1.13 14.56 49.01
N HIS E 312 1.74 13.60 49.69
CA HIS E 312 1.09 12.95 50.83
C HIS E 312 2.12 12.54 51.90
N LYS E 313 1.70 12.50 53.18
CA LYS E 313 2.52 12.07 54.33
C LYS E 313 2.69 10.54 54.32
N PRO E 314 3.70 9.96 55.01
CA PRO E 314 3.82 8.48 55.00
C PRO E 314 2.83 7.75 55.92
N ILE E 315 1.52 7.98 55.71
CA ILE E 315 0.41 7.38 56.46
C ILE E 315 -0.60 6.76 55.48
N ASP E 316 -1.50 5.90 55.98
CA ASP E 316 -2.51 5.28 55.15
C ASP E 316 -3.71 6.21 55.23
N TYR E 317 -4.02 6.91 54.14
CA TYR E 317 -5.16 7.84 54.11
C TYR E 317 -6.51 7.12 54.05
N LEU E 318 -6.53 5.84 53.64
CA LEU E 318 -7.78 5.07 53.56
C LEU E 318 -8.16 4.31 54.86
N ASN E 319 -7.26 4.30 55.83
CA ASN E 319 -7.43 3.66 57.13
C ASN E 319 -6.39 4.30 58.03
N PRO E 320 -6.61 5.56 58.45
CA PRO E 320 -5.60 6.25 59.26
C PRO E 320 -5.81 6.01 60.75
N SER F 5 -4.85 -58.18 -33.54
CA SER F 5 -5.04 -56.73 -33.51
C SER F 5 -4.37 -55.97 -34.66
N ARG F 6 -3.62 -56.66 -35.53
CA ARG F 6 -2.97 -56.06 -36.70
C ARG F 6 -3.35 -56.78 -38.02
N THR F 7 -4.43 -57.57 -38.01
CA THR F 7 -4.91 -58.28 -39.21
C THR F 7 -6.14 -57.50 -39.65
N ILE F 8 -6.03 -56.78 -40.75
CA ILE F 8 -7.00 -55.77 -41.23
C ILE F 8 -7.67 -56.09 -42.55
N GLY F 9 -8.95 -55.76 -42.64
CA GLY F 9 -9.76 -55.92 -43.85
C GLY F 9 -10.23 -54.54 -44.27
N ILE F 10 -9.63 -53.97 -45.32
CA ILE F 10 -9.94 -52.61 -45.78
C ILE F 10 -11.18 -52.54 -46.66
N ILE F 11 -12.09 -51.60 -46.38
CA ILE F 11 -13.28 -51.36 -47.18
C ILE F 11 -13.41 -49.87 -47.52
N GLY F 12 -13.39 -49.56 -48.80
CA GLY F 12 -13.57 -48.18 -49.26
C GLY F 12 -15.05 -47.92 -49.41
N ALA F 13 -15.54 -46.80 -48.88
CA ALA F 13 -16.97 -46.47 -49.01
C ALA F 13 -17.12 -45.04 -49.56
N PRO F 14 -16.95 -44.89 -50.89
CA PRO F 14 -17.00 -43.56 -51.50
C PRO F 14 -18.43 -43.03 -51.61
N PHE F 15 -18.99 -42.59 -50.49
CA PHE F 15 -20.37 -42.15 -50.42
C PHE F 15 -20.55 -40.76 -49.79
N SER F 16 -21.39 -39.89 -50.41
CA SER F 16 -21.59 -38.54 -49.89
C SER F 16 -23.05 -38.12 -49.63
N LYS F 17 -24.03 -38.85 -50.14
CA LYS F 17 -25.44 -38.44 -50.07
C LYS F 17 -26.06 -38.33 -48.66
N GLY F 18 -25.29 -38.63 -47.63
CA GLY F 18 -25.74 -38.43 -46.26
C GLY F 18 -25.57 -36.98 -45.80
N GLN F 19 -24.91 -36.14 -46.62
CA GLN F 19 -24.68 -34.73 -46.31
C GLN F 19 -24.70 -33.88 -47.60
N PRO F 20 -24.92 -32.55 -47.51
CA PRO F 20 -25.06 -31.75 -48.74
C PRO F 20 -23.80 -31.13 -49.35
N ARG F 21 -22.58 -31.66 -49.06
CA ARG F 21 -21.34 -31.07 -49.57
C ARG F 21 -20.51 -32.06 -50.38
N GLY F 22 -20.33 -31.79 -51.66
CA GLY F 22 -19.54 -32.66 -52.53
C GLY F 22 -18.10 -32.83 -52.08
N GLY F 23 -17.55 -34.01 -52.31
CA GLY F 23 -16.15 -34.26 -51.99
C GLY F 23 -15.85 -35.39 -51.04
N VAL F 24 -16.72 -35.65 -50.05
CA VAL F 24 -16.45 -36.68 -49.05
C VAL F 24 -16.38 -38.11 -49.68
N GLU F 25 -16.94 -38.28 -50.91
CA GLU F 25 -16.84 -39.50 -51.72
C GLU F 25 -15.36 -39.80 -52.01
N GLU F 26 -14.54 -38.75 -52.24
CA GLU F 26 -13.10 -38.89 -52.53
C GLU F 26 -12.22 -39.25 -51.31
N GLY F 27 -12.83 -39.35 -50.13
CA GLY F 27 -12.15 -39.70 -48.88
C GLY F 27 -11.26 -40.92 -48.97
N PRO F 28 -11.79 -42.10 -49.40
CA PRO F 28 -10.92 -43.29 -49.48
C PRO F 28 -9.80 -43.13 -50.50
N THR F 29 -10.02 -42.35 -51.57
CA THR F 29 -9.03 -42.15 -52.61
C THR F 29 -7.81 -41.39 -52.11
N VAL F 30 -8.00 -40.28 -51.39
CA VAL F 30 -6.87 -39.50 -50.87
C VAL F 30 -6.20 -40.22 -49.68
N LEU F 31 -6.97 -41.02 -48.91
CA LEU F 31 -6.39 -41.78 -47.81
C LEU F 31 -5.50 -42.87 -48.37
N ARG F 32 -5.94 -43.54 -49.46
CA ARG F 32 -5.14 -44.56 -50.14
C ARG F 32 -3.91 -43.93 -50.81
N LYS F 33 -4.09 -42.76 -51.48
CA LYS F 33 -3.00 -42.03 -52.15
C LYS F 33 -1.93 -41.57 -51.15
N ALA F 34 -2.30 -41.38 -49.87
CA ALA F 34 -1.33 -40.98 -48.85
C ALA F 34 -0.47 -42.15 -48.31
N GLY F 35 -0.60 -43.34 -48.91
CA GLY F 35 0.18 -44.52 -48.56
C GLY F 35 -0.30 -45.26 -47.31
N LEU F 36 -1.60 -45.21 -47.02
CA LEU F 36 -2.14 -45.87 -45.84
C LEU F 36 -1.85 -47.38 -45.79
N LEU F 37 -2.21 -48.16 -46.83
CA LEU F 37 -1.95 -49.62 -46.85
C LEU F 37 -0.47 -49.91 -46.70
N GLU F 38 0.37 -49.14 -47.42
CA GLU F 38 1.82 -49.29 -47.39
C GLU F 38 2.34 -49.06 -45.97
N LYS F 39 1.88 -48.00 -45.31
CA LYS F 39 2.26 -47.67 -43.92
C LYS F 39 1.80 -48.75 -42.94
N LEU F 40 0.59 -49.27 -43.12
CA LEU F 40 0.07 -50.35 -42.26
C LEU F 40 0.94 -51.59 -42.42
N LYS F 41 1.31 -51.93 -43.67
CA LYS F 41 2.17 -53.09 -43.91
C LYS F 41 3.60 -52.87 -43.36
N GLU F 42 4.09 -51.61 -43.31
CA GLU F 42 5.40 -51.27 -42.73
C GLU F 42 5.40 -51.57 -41.21
N GLN F 43 4.25 -51.42 -40.53
CA GLN F 43 4.19 -51.70 -39.09
C GLN F 43 3.75 -53.12 -38.78
N GLU F 44 4.16 -54.08 -39.64
CA GLU F 44 3.88 -55.50 -39.50
C GLU F 44 2.40 -55.90 -39.55
N CYS F 45 1.55 -55.11 -40.21
CA CYS F 45 0.14 -55.46 -40.33
C CYS F 45 -0.14 -56.41 -41.51
N ASP F 46 -1.12 -57.31 -41.31
CA ASP F 46 -1.62 -58.28 -42.29
C ASP F 46 -2.80 -57.57 -42.99
N VAL F 47 -2.52 -56.93 -44.12
CA VAL F 47 -3.54 -56.13 -44.79
C VAL F 47 -4.14 -56.77 -46.02
N LYS F 48 -5.46 -56.98 -46.00
CA LYS F 48 -6.18 -57.46 -47.17
C LYS F 48 -7.15 -56.36 -47.59
N ASP F 49 -7.04 -55.91 -48.84
CA ASP F 49 -7.87 -54.84 -49.37
C ASP F 49 -9.08 -55.43 -50.13
N TYR F 50 -10.30 -55.09 -49.66
CA TYR F 50 -11.56 -55.57 -50.25
C TYR F 50 -12.13 -54.61 -51.33
N GLY F 51 -11.38 -53.57 -51.68
CA GLY F 51 -11.74 -52.59 -52.69
C GLY F 51 -12.75 -51.54 -52.25
N ASP F 52 -13.12 -50.65 -53.18
CA ASP F 52 -14.13 -49.63 -52.92
C ASP F 52 -15.49 -50.19 -53.30
N LEU F 53 -16.51 -49.92 -52.48
CA LEU F 53 -17.86 -50.40 -52.76
C LEU F 53 -18.51 -49.61 -53.88
N PRO F 54 -19.12 -50.31 -54.85
CA PRO F 54 -19.80 -49.60 -55.95
C PRO F 54 -21.19 -49.13 -55.54
N PHE F 55 -21.37 -47.81 -55.44
CA PHE F 55 -22.67 -47.25 -55.05
C PHE F 55 -23.46 -46.77 -56.26
N ALA F 56 -24.46 -47.57 -56.67
CA ALA F 56 -25.30 -47.27 -57.83
C ALA F 56 -26.19 -46.05 -57.61
N ASP F 57 -26.15 -45.12 -58.58
CA ASP F 57 -26.90 -43.87 -58.58
C ASP F 57 -28.40 -44.13 -58.56
N ILE F 58 -29.13 -43.45 -57.65
CA ILE F 58 -30.59 -43.57 -57.54
C ILE F 58 -31.20 -42.20 -57.80
N PRO F 59 -31.39 -41.83 -59.08
CA PRO F 59 -31.95 -40.50 -59.38
C PRO F 59 -33.41 -40.30 -58.96
N ASN F 60 -34.16 -41.39 -58.80
CA ASN F 60 -35.56 -41.30 -58.35
C ASN F 60 -35.52 -41.46 -56.84
N ASP F 61 -35.12 -40.40 -56.13
CA ASP F 61 -34.98 -40.46 -54.69
C ASP F 61 -35.65 -39.29 -53.99
N SER F 62 -36.98 -39.38 -53.80
CA SER F 62 -37.74 -38.34 -53.13
C SER F 62 -37.50 -38.38 -51.63
N PRO F 63 -37.49 -37.21 -50.96
CA PRO F 63 -37.24 -37.21 -49.52
C PRO F 63 -38.34 -37.82 -48.66
N PHE F 64 -38.01 -38.18 -47.43
CA PHE F 64 -38.97 -38.68 -46.46
C PHE F 64 -39.19 -37.47 -45.55
N GLN F 65 -40.30 -36.73 -45.75
CA GLN F 65 -40.60 -35.49 -45.02
C GLN F 65 -39.46 -34.47 -45.34
N ILE F 66 -38.43 -34.33 -44.48
CA ILE F 66 -37.28 -33.47 -44.79
C ILE F 66 -35.98 -34.27 -45.03
N VAL F 67 -35.96 -35.56 -44.63
CA VAL F 67 -34.84 -36.49 -44.76
C VAL F 67 -34.43 -36.64 -46.22
N LYS F 68 -33.33 -36.02 -46.60
CA LYS F 68 -32.83 -36.03 -47.96
C LYS F 68 -32.15 -37.34 -48.32
N ASN F 69 -32.36 -37.78 -49.57
CA ASN F 69 -31.81 -38.99 -50.19
C ASN F 69 -31.95 -40.25 -49.31
N PRO F 70 -33.17 -40.57 -48.80
CA PRO F 70 -33.27 -41.73 -47.90
C PRO F 70 -32.91 -43.07 -48.53
N ARG F 71 -33.28 -43.29 -49.80
CA ARG F 71 -32.97 -44.55 -50.46
C ARG F 71 -31.47 -44.71 -50.82
N SER F 72 -30.81 -43.63 -51.27
CA SER F 72 -29.38 -43.69 -51.60
C SER F 72 -28.51 -43.99 -50.36
N VAL F 73 -28.82 -43.35 -49.22
CA VAL F 73 -28.10 -43.57 -47.96
C VAL F 73 -28.37 -44.95 -47.40
N GLY F 74 -29.63 -45.38 -47.49
CA GLY F 74 -30.06 -46.69 -47.03
C GLY F 74 -29.41 -47.86 -47.74
N LYS F 75 -29.30 -47.78 -49.08
CA LYS F 75 -28.69 -48.87 -49.85
C LYS F 75 -27.17 -48.91 -49.71
N ALA F 76 -26.52 -47.73 -49.60
CA ALA F 76 -25.08 -47.68 -49.37
C ALA F 76 -24.74 -48.32 -48.02
N SER F 77 -25.55 -48.06 -46.97
CA SER F 77 -25.30 -48.69 -45.66
C SER F 77 -25.65 -50.17 -45.69
N GLU F 78 -26.71 -50.55 -46.43
CA GLU F 78 -27.09 -51.95 -46.54
C GLU F 78 -25.99 -52.74 -47.21
N GLN F 79 -25.34 -52.16 -48.24
CA GLN F 79 -24.21 -52.77 -48.94
C GLN F 79 -23.00 -52.90 -48.00
N LEU F 80 -22.66 -51.81 -47.31
CA LEU F 80 -21.52 -51.81 -46.38
C LEU F 80 -21.70 -52.82 -45.26
N ALA F 81 -22.94 -53.02 -44.79
CA ALA F 81 -23.21 -53.99 -43.74
C ALA F 81 -22.82 -55.41 -44.17
N GLY F 82 -23.17 -55.76 -45.40
CA GLY F 82 -22.84 -57.07 -45.95
C GLY F 82 -21.35 -57.26 -46.11
N LYS F 83 -20.66 -56.19 -46.55
CA LYS F 83 -19.22 -56.21 -46.75
C LYS F 83 -18.44 -56.30 -45.44
N VAL F 84 -18.85 -55.54 -44.41
CA VAL F 84 -18.21 -55.60 -43.10
C VAL F 84 -18.39 -56.98 -42.48
N ALA F 85 -19.61 -57.57 -42.57
CA ALA F 85 -19.88 -58.90 -42.04
C ALA F 85 -18.98 -59.96 -42.69
N GLU F 86 -18.69 -59.80 -43.99
CA GLU F 86 -17.81 -60.70 -44.73
C GLU F 86 -16.40 -60.57 -44.17
N VAL F 87 -15.92 -59.33 -43.98
CA VAL F 87 -14.59 -59.08 -43.43
C VAL F 87 -14.43 -59.65 -42.02
N LYS F 88 -15.49 -59.54 -41.18
CA LYS F 88 -15.51 -60.07 -39.84
C LYS F 88 -15.58 -61.58 -39.81
N LYS F 89 -16.21 -62.21 -40.82
CA LYS F 89 -16.25 -63.68 -40.89
C LYS F 89 -14.88 -64.24 -41.30
N ASN F 90 -14.07 -63.42 -41.99
CA ASN F 90 -12.71 -63.76 -42.40
C ASN F 90 -11.65 -63.54 -41.27
N GLY F 91 -12.11 -63.20 -40.06
CA GLY F 91 -11.23 -62.99 -38.91
C GLY F 91 -10.38 -61.73 -39.02
N ARG F 92 -10.93 -60.68 -39.62
CA ARG F 92 -10.19 -59.42 -39.81
C ARG F 92 -10.87 -58.25 -39.14
N ILE F 93 -10.08 -57.23 -38.76
CA ILE F 93 -10.67 -56.02 -38.22
C ILE F 93 -11.11 -55.22 -39.43
N SER F 94 -12.41 -54.91 -39.56
CA SER F 94 -12.87 -54.11 -40.69
C SER F 94 -12.36 -52.68 -40.55
N LEU F 95 -11.83 -52.11 -41.62
CA LEU F 95 -11.39 -50.72 -41.62
C LEU F 95 -12.14 -50.01 -42.71
N VAL F 96 -13.13 -49.21 -42.33
CA VAL F 96 -13.98 -48.49 -43.26
C VAL F 96 -13.47 -47.09 -43.56
N LEU F 97 -13.22 -46.79 -44.83
CA LEU F 97 -12.79 -45.47 -45.24
C LEU F 97 -13.98 -44.69 -45.78
N GLY F 98 -14.37 -43.65 -45.07
CA GLY F 98 -15.47 -42.80 -45.50
C GLY F 98 -15.00 -41.70 -46.45
N GLY F 99 -15.94 -41.01 -47.08
CA GLY F 99 -17.37 -41.23 -46.92
C GLY F 99 -17.95 -40.48 -45.74
N ASP F 100 -19.24 -40.18 -45.80
CA ASP F 100 -19.92 -39.46 -44.71
C ASP F 100 -20.34 -40.42 -43.57
N HIS F 101 -20.74 -39.87 -42.41
CA HIS F 101 -21.01 -40.64 -41.20
C HIS F 101 -22.29 -41.47 -41.21
N SER F 102 -23.21 -41.27 -42.18
CA SER F 102 -24.40 -42.12 -42.24
C SER F 102 -24.01 -43.60 -42.48
N LEU F 103 -22.82 -43.85 -43.07
CA LEU F 103 -22.24 -45.17 -43.32
C LEU F 103 -22.02 -45.97 -42.03
N ALA F 104 -21.93 -45.31 -40.86
CA ALA F 104 -21.81 -46.06 -39.59
C ALA F 104 -23.06 -46.92 -39.31
N ILE F 105 -24.21 -46.64 -39.96
CA ILE F 105 -25.40 -47.52 -39.81
C ILE F 105 -25.04 -48.90 -40.36
N GLY F 106 -24.41 -48.93 -41.53
CA GLY F 106 -23.99 -50.16 -42.19
C GLY F 106 -22.77 -50.81 -41.55
N SER F 107 -21.75 -49.99 -41.23
CA SER F 107 -20.54 -50.52 -40.61
C SER F 107 -20.85 -51.18 -39.26
N ILE F 108 -21.66 -50.52 -38.40
CA ILE F 108 -21.97 -51.10 -37.10
C ILE F 108 -22.98 -52.25 -37.25
N SER F 109 -23.98 -52.12 -38.13
CA SER F 109 -24.94 -53.22 -38.35
C SER F 109 -24.23 -54.50 -38.82
N GLY F 110 -23.30 -54.37 -39.76
CA GLY F 110 -22.56 -55.51 -40.30
C GLY F 110 -21.62 -56.15 -39.30
N HIS F 111 -20.97 -55.32 -38.47
CA HIS F 111 -20.04 -55.79 -37.44
C HIS F 111 -20.85 -56.57 -36.38
N ALA F 112 -22.01 -56.03 -35.97
CA ALA F 112 -22.92 -56.59 -34.99
C ALA F 112 -23.52 -57.94 -35.39
N ARG F 113 -23.54 -58.24 -36.69
CA ARG F 113 -24.06 -59.50 -37.21
C ARG F 113 -23.15 -60.65 -36.81
N VAL F 114 -21.81 -60.43 -36.82
CA VAL F 114 -20.78 -61.41 -36.45
C VAL F 114 -20.44 -61.36 -34.98
N HIS F 115 -20.37 -60.15 -34.40
CA HIS F 115 -20.09 -59.98 -32.97
C HIS F 115 -21.19 -59.14 -32.32
N PRO F 116 -22.29 -59.78 -31.91
CA PRO F 116 -23.39 -59.03 -31.31
C PRO F 116 -23.11 -58.33 -30.00
N ASP F 117 -22.07 -58.77 -29.28
CA ASP F 117 -21.70 -58.19 -27.99
C ASP F 117 -20.77 -56.98 -28.08
N LEU F 118 -20.65 -56.35 -29.26
CA LEU F 118 -19.73 -55.23 -29.43
C LEU F 118 -20.09 -53.99 -28.59
N GLY F 119 -19.06 -53.20 -28.31
CA GLY F 119 -19.15 -51.90 -27.64
C GLY F 119 -18.69 -50.84 -28.62
N VAL F 120 -19.34 -49.67 -28.62
CA VAL F 120 -18.97 -48.61 -29.56
C VAL F 120 -18.28 -47.43 -28.86
N ILE F 121 -17.23 -46.89 -29.48
CA ILE F 121 -16.55 -45.68 -29.04
C ILE F 121 -16.73 -44.74 -30.21
N TRP F 122 -17.51 -43.66 -29.98
CA TRP F 122 -17.87 -42.69 -31.01
C TRP F 122 -17.14 -41.37 -30.75
N VAL F 123 -16.08 -41.14 -31.53
CA VAL F 123 -15.25 -39.95 -31.44
C VAL F 123 -15.74 -38.96 -32.47
N ASP F 124 -16.28 -37.84 -32.02
CA ASP F 124 -16.92 -36.88 -32.90
C ASP F 124 -17.21 -35.59 -32.14
N ALA F 125 -17.36 -34.48 -32.86
CA ALA F 125 -17.83 -33.25 -32.21
C ALA F 125 -19.36 -33.30 -31.95
N HIS F 126 -20.05 -34.22 -32.64
CA HIS F 126 -21.49 -34.34 -32.76
C HIS F 126 -22.02 -35.70 -32.27
N THR F 127 -23.24 -35.74 -31.69
CA THR F 127 -23.80 -37.01 -31.22
C THR F 127 -24.38 -37.85 -32.39
N ASP F 128 -24.77 -37.20 -33.52
CA ASP F 128 -25.34 -37.91 -34.69
C ASP F 128 -26.50 -38.85 -34.29
N ILE F 129 -27.30 -38.41 -33.32
CA ILE F 129 -28.39 -39.16 -32.72
C ILE F 129 -29.77 -38.54 -32.99
N ASN F 130 -29.86 -37.59 -33.96
CA ASN F 130 -31.16 -37.04 -34.34
C ASN F 130 -31.96 -38.17 -35.01
N THR F 131 -33.26 -38.18 -34.79
CA THR F 131 -34.14 -39.16 -35.41
C THR F 131 -34.68 -38.51 -36.71
N PRO F 132 -35.30 -39.29 -37.64
CA PRO F 132 -35.85 -38.66 -38.84
C PRO F 132 -36.95 -37.61 -38.54
N LEU F 133 -37.47 -37.58 -37.31
CA LEU F 133 -38.49 -36.63 -36.90
C LEU F 133 -37.89 -35.41 -36.18
N THR F 134 -36.85 -35.63 -35.34
CA THR F 134 -36.21 -34.51 -34.65
C THR F 134 -35.21 -33.75 -35.51
N THR F 135 -34.73 -34.34 -36.62
CA THR F 135 -33.78 -33.64 -37.47
C THR F 135 -34.38 -32.35 -38.04
N THR F 136 -33.63 -31.28 -37.98
CA THR F 136 -34.03 -30.01 -38.59
C THR F 136 -33.35 -29.83 -39.96
N SER F 137 -32.22 -30.52 -40.22
CA SER F 137 -31.50 -30.40 -41.47
C SER F 137 -31.93 -31.42 -42.53
N GLY F 138 -32.36 -32.60 -42.09
CA GLY F 138 -32.72 -33.69 -42.99
C GLY F 138 -31.55 -34.58 -43.38
N ASN F 139 -30.30 -34.13 -43.12
CA ASN F 139 -29.06 -34.86 -43.45
C ASN F 139 -28.85 -36.11 -42.62
N LEU F 140 -28.88 -37.28 -43.28
CA LEU F 140 -28.76 -38.57 -42.62
C LEU F 140 -27.44 -38.78 -41.86
N HIS F 141 -26.35 -38.05 -42.20
CA HIS F 141 -25.09 -38.22 -41.50
C HIS F 141 -25.13 -37.71 -40.02
N GLY F 142 -26.19 -37.00 -39.64
CA GLY F 142 -26.40 -36.56 -38.27
C GLY F 142 -27.45 -37.38 -37.54
N GLN F 143 -27.80 -38.54 -38.09
CA GLN F 143 -28.80 -39.45 -37.54
C GLN F 143 -28.35 -40.91 -37.32
N PRO F 144 -27.15 -41.39 -37.73
CA PRO F 144 -26.86 -42.82 -37.66
C PRO F 144 -27.13 -43.53 -36.34
N VAL F 145 -26.79 -42.92 -35.20
CA VAL F 145 -26.97 -43.52 -33.89
C VAL F 145 -28.42 -43.85 -33.54
N SER F 146 -29.38 -43.00 -33.97
CA SER F 146 -30.78 -43.24 -33.65
C SER F 146 -31.34 -44.50 -34.30
N PHE F 147 -30.85 -44.84 -35.50
CA PHE F 147 -31.26 -46.07 -36.19
C PHE F 147 -30.66 -47.33 -35.54
N LEU F 148 -29.54 -47.18 -34.81
CA LEU F 148 -28.83 -48.30 -34.21
C LEU F 148 -29.28 -48.68 -32.80
N LEU F 149 -29.87 -47.71 -32.05
CA LEU F 149 -30.23 -47.94 -30.65
C LEU F 149 -31.54 -48.66 -30.45
N LYS F 150 -31.50 -49.75 -29.67
CA LYS F 150 -32.68 -50.56 -29.35
C LYS F 150 -33.74 -49.78 -28.57
N GLU F 151 -33.30 -48.84 -27.71
CA GLU F 151 -34.24 -48.04 -26.92
C GLU F 151 -35.02 -47.01 -27.74
N LEU F 152 -34.61 -46.75 -28.99
CA LEU F 152 -35.30 -45.79 -29.83
C LEU F 152 -36.29 -46.44 -30.82
N LYS F 153 -36.79 -47.64 -30.49
CA LYS F 153 -37.78 -48.35 -31.30
C LYS F 153 -39.13 -47.70 -31.09
N GLY F 154 -39.86 -47.46 -32.18
CA GLY F 154 -41.14 -46.78 -32.09
C GLY F 154 -41.02 -45.28 -32.36
N LYS F 155 -39.83 -44.72 -32.12
CA LYS F 155 -39.52 -43.32 -32.39
C LYS F 155 -38.92 -43.13 -33.79
N ILE F 156 -38.42 -44.21 -34.41
CA ILE F 156 -37.84 -44.17 -35.75
C ILE F 156 -38.89 -44.63 -36.76
N PRO F 157 -39.35 -43.74 -37.64
CA PRO F 157 -40.36 -44.13 -38.64
C PRO F 157 -39.81 -45.06 -39.74
N ASP F 158 -40.70 -45.63 -40.56
CA ASP F 158 -40.29 -46.51 -41.64
C ASP F 158 -39.77 -45.66 -42.80
N VAL F 159 -38.47 -45.34 -42.79
CA VAL F 159 -37.83 -44.51 -43.81
C VAL F 159 -37.48 -45.34 -45.04
N PRO F 160 -37.90 -44.94 -46.26
CA PRO F 160 -37.57 -45.75 -47.45
C PRO F 160 -36.06 -45.96 -47.63
N GLY F 161 -35.67 -47.23 -47.65
CA GLY F 161 -34.25 -47.58 -47.79
C GLY F 161 -33.64 -48.24 -46.57
N PHE F 162 -34.36 -48.26 -45.45
CA PHE F 162 -33.84 -48.84 -44.22
C PHE F 162 -34.66 -50.00 -43.66
N SER F 163 -35.47 -50.70 -44.50
CA SER F 163 -36.28 -51.80 -43.99
C SER F 163 -35.44 -52.90 -43.34
N TRP F 164 -34.24 -53.13 -43.90
CA TRP F 164 -33.24 -54.12 -43.49
C TRP F 164 -32.62 -53.86 -42.10
N VAL F 165 -32.75 -52.64 -41.56
CA VAL F 165 -32.12 -52.28 -40.29
C VAL F 165 -32.79 -52.87 -39.07
N THR F 166 -31.97 -53.47 -38.20
CA THR F 166 -32.43 -54.01 -36.93
C THR F 166 -31.57 -53.37 -35.84
N PRO F 167 -32.17 -52.65 -34.86
CA PRO F 167 -31.38 -52.03 -33.78
C PRO F 167 -30.44 -53.04 -33.11
N CYS F 168 -29.13 -52.79 -33.19
CA CYS F 168 -28.16 -53.77 -32.72
C CYS F 168 -27.36 -53.36 -31.48
N ILE F 169 -27.52 -52.11 -30.99
CA ILE F 169 -26.81 -51.67 -29.78
C ILE F 169 -27.75 -51.00 -28.79
N SER F 170 -27.47 -51.15 -27.50
CA SER F 170 -28.25 -50.48 -26.47
C SER F 170 -27.51 -49.22 -25.99
N ALA F 171 -28.21 -48.32 -25.31
CA ALA F 171 -27.66 -47.07 -24.78
C ALA F 171 -26.39 -47.32 -23.95
N LYS F 172 -26.35 -48.42 -23.19
CA LYS F 172 -25.22 -48.78 -22.36
C LYS F 172 -24.00 -49.29 -23.13
N ASP F 173 -24.15 -49.55 -24.44
CA ASP F 173 -23.08 -50.10 -25.26
C ASP F 173 -22.32 -49.07 -26.09
N ILE F 174 -22.61 -47.76 -25.95
CA ILE F 174 -21.91 -46.74 -26.72
C ILE F 174 -21.30 -45.66 -25.79
N VAL F 175 -20.09 -45.21 -26.11
CA VAL F 175 -19.43 -44.15 -25.36
C VAL F 175 -19.06 -43.06 -26.34
N TYR F 176 -19.45 -41.80 -26.06
CA TYR F 176 -19.07 -40.67 -26.91
C TYR F 176 -17.84 -39.99 -26.35
N ILE F 177 -16.96 -39.49 -27.23
CA ILE F 177 -15.81 -38.69 -26.80
C ILE F 177 -15.63 -37.53 -27.80
N GLY F 178 -15.57 -36.29 -27.32
CA GLY F 178 -15.35 -35.13 -28.16
C GLY F 178 -16.49 -34.16 -28.38
N LEU F 179 -17.66 -34.42 -27.81
CA LEU F 179 -18.86 -33.62 -28.05
C LEU F 179 -18.71 -32.13 -27.77
N ARG F 180 -19.18 -31.29 -28.69
CA ARG F 180 -19.17 -29.84 -28.48
C ARG F 180 -20.19 -29.07 -29.32
N ASP F 181 -21.03 -29.78 -30.09
CA ASP F 181 -22.03 -29.15 -30.93
C ASP F 181 -23.19 -30.14 -31.04
N VAL F 182 -24.06 -30.12 -30.01
CA VAL F 182 -25.17 -31.04 -29.82
C VAL F 182 -26.55 -30.30 -29.83
N ASP F 183 -27.43 -30.68 -30.75
CA ASP F 183 -28.76 -30.07 -30.89
C ASP F 183 -29.62 -30.30 -29.64
N PRO F 184 -30.62 -29.44 -29.36
CA PRO F 184 -31.49 -29.66 -28.20
C PRO F 184 -32.18 -31.03 -28.14
N GLY F 185 -32.68 -31.52 -29.29
CA GLY F 185 -33.32 -32.81 -29.35
C GLY F 185 -32.34 -33.93 -29.05
N GLU F 186 -31.13 -33.80 -29.60
CA GLU F 186 -30.07 -34.76 -29.35
C GLU F 186 -29.69 -34.78 -27.89
N HIS F 187 -29.56 -33.60 -27.26
CA HIS F 187 -29.19 -33.52 -25.86
C HIS F 187 -30.26 -34.17 -24.98
N TYR F 188 -31.52 -33.97 -25.32
CA TYR F 188 -32.63 -34.60 -24.60
C TYR F 188 -32.53 -36.15 -24.72
N ILE F 189 -32.26 -36.67 -25.92
CA ILE F 189 -32.12 -38.10 -26.13
C ILE F 189 -30.93 -38.64 -25.34
N LEU F 190 -29.80 -37.95 -25.41
CA LEU F 190 -28.57 -38.33 -24.71
C LEU F 190 -28.78 -38.47 -23.20
N LYS F 191 -29.41 -37.45 -22.58
CA LYS F 191 -29.66 -37.46 -21.15
C LYS F 191 -30.76 -38.44 -20.73
N THR F 192 -31.81 -38.61 -21.55
CA THR F 192 -32.93 -39.49 -21.23
C THR F 192 -32.54 -40.96 -21.30
N LEU F 193 -31.73 -41.32 -22.30
CA LEU F 193 -31.28 -42.71 -22.43
C LEU F 193 -30.14 -43.09 -21.47
N GLY F 194 -29.54 -42.09 -20.81
CA GLY F 194 -28.45 -42.30 -19.87
C GLY F 194 -27.18 -42.78 -20.52
N ILE F 195 -26.94 -42.35 -21.78
CA ILE F 195 -25.75 -42.73 -22.51
C ILE F 195 -24.49 -42.14 -21.82
N LYS F 196 -23.38 -42.89 -21.80
CA LYS F 196 -22.13 -42.41 -21.21
C LYS F 196 -21.41 -41.52 -22.21
N TYR F 197 -20.98 -40.32 -21.78
CA TYR F 197 -20.29 -39.42 -22.70
C TYR F 197 -19.20 -38.61 -22.04
N PHE F 198 -18.26 -38.16 -22.86
CA PHE F 198 -17.19 -37.31 -22.40
C PHE F 198 -17.18 -36.18 -23.42
N SER F 199 -17.96 -35.13 -23.16
CA SER F 199 -17.96 -33.96 -24.04
C SER F 199 -16.60 -33.24 -23.87
N MET F 200 -16.35 -32.13 -24.62
CA MET F 200 -15.09 -31.40 -24.39
C MET F 200 -14.91 -30.93 -22.93
N THR F 201 -16.02 -30.66 -22.25
CA THR F 201 -16.03 -30.28 -20.84
C THR F 201 -15.42 -31.39 -19.98
N GLU F 202 -15.84 -32.65 -20.21
CA GLU F 202 -15.31 -33.77 -19.43
C GLU F 202 -13.83 -33.96 -19.75
N VAL F 203 -13.45 -33.83 -21.02
CA VAL F 203 -12.04 -33.96 -21.39
C VAL F 203 -11.17 -32.91 -20.69
N ASP F 204 -11.67 -31.68 -20.60
CA ASP F 204 -10.97 -30.57 -19.93
C ASP F 204 -10.84 -30.83 -18.45
N ARG F 205 -11.91 -31.35 -17.82
CA ARG F 205 -11.95 -31.61 -16.40
C ARG F 205 -11.01 -32.75 -16.01
N LEU F 206 -11.06 -33.85 -16.76
CA LEU F 206 -10.33 -35.06 -16.37
C LEU F 206 -8.98 -35.30 -17.04
N GLY F 207 -8.77 -34.71 -18.20
CA GLY F 207 -7.59 -35.04 -18.99
C GLY F 207 -7.92 -36.30 -19.82
N ILE F 208 -7.25 -36.46 -20.99
CA ILE F 208 -7.57 -37.60 -21.87
C ILE F 208 -7.20 -38.98 -21.24
N GLY F 209 -6.20 -39.03 -20.36
CA GLY F 209 -5.82 -40.27 -19.69
C GLY F 209 -6.93 -40.86 -18.84
N LYS F 210 -7.58 -40.03 -18.04
CA LYS F 210 -8.68 -40.46 -17.19
C LYS F 210 -9.91 -40.79 -18.06
N VAL F 211 -10.14 -40.01 -19.15
CA VAL F 211 -11.26 -40.25 -20.07
C VAL F 211 -11.16 -41.67 -20.64
N MET F 212 -9.95 -42.07 -21.10
CA MET F 212 -9.75 -43.41 -21.67
C MET F 212 -9.79 -44.47 -20.62
N GLU F 213 -9.30 -44.19 -19.40
CA GLU F 213 -9.36 -45.16 -18.31
C GLU F 213 -10.85 -45.44 -17.99
N GLU F 214 -11.64 -44.40 -17.90
CA GLU F 214 -13.08 -44.51 -17.61
C GLU F 214 -13.85 -45.13 -18.79
N THR F 215 -13.53 -44.74 -20.04
CA THR F 215 -14.17 -45.29 -21.24
C THR F 215 -13.96 -46.83 -21.32
N LEU F 216 -12.69 -47.28 -21.19
CA LEU F 216 -12.38 -48.70 -21.31
C LEU F 216 -12.90 -49.51 -20.14
N SER F 217 -12.84 -48.98 -18.90
CA SER F 217 -13.41 -49.68 -17.75
C SER F 217 -14.91 -49.85 -17.92
N TYR F 218 -15.60 -48.82 -18.45
CA TYR F 218 -17.05 -48.88 -18.69
C TYR F 218 -17.43 -49.96 -19.71
N LEU F 219 -16.78 -49.97 -20.87
CA LEU F 219 -17.11 -50.94 -21.91
C LEU F 219 -16.55 -52.35 -21.69
N LEU F 220 -15.37 -52.46 -21.08
CA LEU F 220 -14.68 -53.74 -20.93
C LEU F 220 -14.46 -54.20 -19.48
N GLY F 221 -15.28 -53.72 -18.56
CA GLY F 221 -15.14 -54.08 -17.16
C GLY F 221 -15.75 -55.43 -16.82
N ARG F 222 -17.06 -55.57 -17.07
CA ARG F 222 -17.82 -56.79 -16.79
C ARG F 222 -17.25 -58.02 -17.51
N LYS F 223 -16.74 -57.81 -18.75
CA LYS F 223 -16.16 -58.89 -19.55
C LYS F 223 -15.45 -58.35 -20.80
N LYS F 224 -14.55 -59.15 -21.38
CA LYS F 224 -13.85 -58.79 -22.60
C LYS F 224 -14.83 -58.90 -23.78
N ARG F 225 -14.80 -57.92 -24.68
CA ARG F 225 -15.68 -57.93 -25.85
C ARG F 225 -15.12 -57.03 -26.96
N PRO F 226 -15.55 -57.26 -28.23
CA PRO F 226 -15.00 -56.46 -29.33
C PRO F 226 -15.33 -54.97 -29.28
N ILE F 227 -14.41 -54.14 -29.79
CA ILE F 227 -14.59 -52.70 -29.84
C ILE F 227 -14.79 -52.19 -31.25
N HIS F 228 -15.82 -51.36 -31.44
CA HIS F 228 -16.04 -50.68 -32.69
C HIS F 228 -15.71 -49.22 -32.41
N LEU F 229 -14.78 -48.65 -33.14
CA LEU F 229 -14.41 -47.26 -32.98
C LEU F 229 -14.87 -46.53 -34.24
N SER F 230 -15.85 -45.63 -34.11
CA SER F 230 -16.33 -44.83 -35.24
C SER F 230 -15.76 -43.42 -35.10
N PHE F 231 -14.72 -43.15 -35.86
CA PHE F 231 -13.97 -41.91 -35.71
C PHE F 231 -14.27 -40.88 -36.76
N ASP F 232 -15.06 -39.86 -36.39
CA ASP F 232 -15.34 -38.73 -37.27
C ASP F 232 -14.15 -37.80 -37.11
N VAL F 233 -13.46 -37.46 -38.22
CA VAL F 233 -12.29 -36.56 -38.16
C VAL F 233 -12.59 -35.19 -37.56
N ASP F 234 -13.87 -34.78 -37.57
CA ASP F 234 -14.23 -33.50 -36.99
C ASP F 234 -14.23 -33.54 -35.45
N GLY F 235 -14.03 -34.71 -34.84
CA GLY F 235 -13.85 -34.85 -33.40
C GLY F 235 -12.61 -34.09 -32.96
N LEU F 236 -11.58 -34.05 -33.81
CA LEU F 236 -10.36 -33.29 -33.56
C LEU F 236 -10.60 -31.82 -33.96
N ASP F 237 -9.87 -30.91 -33.35
CA ASP F 237 -9.97 -29.48 -33.63
C ASP F 237 -9.71 -29.18 -35.11
N PRO F 238 -10.41 -28.18 -35.66
CA PRO F 238 -10.18 -27.80 -37.08
C PRO F 238 -8.77 -27.32 -37.41
N SER F 239 -7.91 -27.09 -36.41
CA SER F 239 -6.51 -26.74 -36.66
C SER F 239 -5.69 -27.99 -37.12
N PHE F 240 -6.25 -29.20 -36.97
CA PHE F 240 -5.64 -30.49 -37.33
C PHE F 240 -6.40 -31.12 -38.51
N THR F 241 -7.74 -31.05 -38.46
CA THR F 241 -8.58 -31.63 -39.50
C THR F 241 -9.56 -30.60 -40.10
N PRO F 242 -9.05 -29.55 -40.77
CA PRO F 242 -9.95 -28.50 -41.29
C PRO F 242 -10.75 -28.92 -42.53
N ALA F 243 -10.21 -29.84 -43.34
CA ALA F 243 -10.92 -30.29 -44.55
C ALA F 243 -12.04 -31.28 -44.19
N THR F 244 -13.13 -30.77 -43.61
CA THR F 244 -14.29 -31.53 -43.17
C THR F 244 -15.55 -30.65 -43.24
N GLY F 245 -16.70 -31.29 -43.40
CA GLY F 245 -17.98 -30.60 -43.59
C GLY F 245 -18.50 -29.77 -42.45
N THR F 246 -18.50 -30.30 -41.23
CA THR F 246 -18.99 -29.60 -40.08
C THR F 246 -17.89 -29.36 -39.01
N PRO F 247 -16.88 -28.49 -39.28
CA PRO F 247 -15.83 -28.26 -38.26
C PRO F 247 -16.33 -27.40 -37.09
N VAL F 248 -15.85 -27.72 -35.87
CA VAL F 248 -16.26 -27.01 -34.64
C VAL F 248 -14.99 -26.72 -33.87
N VAL F 249 -14.76 -25.47 -33.50
CA VAL F 249 -13.57 -25.09 -32.72
C VAL F 249 -13.58 -25.66 -31.30
N GLY F 250 -12.39 -25.71 -30.70
CA GLY F 250 -12.18 -26.20 -29.35
C GLY F 250 -12.27 -27.70 -29.25
N GLY F 251 -11.77 -28.40 -30.27
CA GLY F 251 -11.84 -29.85 -30.31
C GLY F 251 -10.68 -30.60 -29.69
N LEU F 252 -10.67 -31.91 -29.89
CA LEU F 252 -9.57 -32.74 -29.40
C LEU F 252 -8.28 -32.38 -30.13
N THR F 253 -7.16 -32.40 -29.44
CA THR F 253 -5.87 -32.07 -30.07
C THR F 253 -5.37 -33.29 -30.88
N TYR F 254 -4.28 -33.12 -31.65
CA TYR F 254 -3.64 -34.21 -32.39
C TYR F 254 -3.14 -35.25 -31.35
N ARG F 255 -2.53 -34.76 -30.24
CA ARG F 255 -2.04 -35.63 -29.17
C ARG F 255 -3.18 -36.44 -28.57
N GLU F 256 -4.34 -35.82 -28.29
CA GLU F 256 -5.46 -36.52 -27.67
C GLU F 256 -6.03 -37.57 -28.61
N GLY F 257 -6.08 -37.26 -29.91
CA GLY F 257 -6.52 -38.20 -30.94
C GLY F 257 -5.66 -39.44 -30.97
N LEU F 258 -4.31 -39.25 -30.93
CA LEU F 258 -3.39 -40.37 -30.89
C LEU F 258 -3.49 -41.11 -29.59
N TYR F 259 -3.69 -40.41 -28.47
CA TYR F 259 -3.82 -41.05 -27.18
C TYR F 259 -4.99 -42.03 -27.14
N ILE F 260 -6.16 -41.59 -27.63
CA ILE F 260 -7.38 -42.41 -27.66
C ILE F 260 -7.12 -43.72 -28.44
N THR F 261 -6.54 -43.57 -29.62
CA THR F 261 -6.32 -44.70 -30.52
C THR F 261 -5.21 -45.61 -30.01
N GLU F 262 -4.16 -45.05 -29.41
CA GLU F 262 -3.09 -45.87 -28.82
C GLU F 262 -3.65 -46.74 -27.67
N GLU F 263 -4.52 -46.17 -26.84
CA GLU F 263 -5.10 -46.92 -25.72
C GLU F 263 -6.03 -48.00 -26.23
N ILE F 264 -6.82 -47.69 -27.25
CA ILE F 264 -7.74 -48.66 -27.85
C ILE F 264 -6.95 -49.82 -28.45
N TYR F 265 -5.83 -49.53 -29.13
CA TYR F 265 -4.99 -50.61 -29.66
C TYR F 265 -4.50 -51.56 -28.57
N LYS F 266 -3.95 -50.98 -27.49
CA LYS F 266 -3.39 -51.73 -26.39
C LYS F 266 -4.37 -52.70 -25.71
N THR F 267 -5.70 -52.49 -25.87
CA THR F 267 -6.67 -53.43 -25.28
C THR F 267 -6.63 -54.80 -25.98
N GLY F 268 -6.20 -54.81 -27.24
CA GLY F 268 -6.20 -55.99 -28.11
C GLY F 268 -7.58 -56.34 -28.62
N LEU F 269 -8.59 -55.50 -28.35
CA LEU F 269 -9.97 -55.78 -28.65
C LEU F 269 -10.59 -54.99 -29.75
N LEU F 270 -9.82 -54.13 -30.46
CA LEU F 270 -10.38 -53.39 -31.58
C LEU F 270 -10.83 -54.40 -32.67
N SER F 271 -12.06 -54.27 -33.07
CA SER F 271 -12.68 -55.22 -33.99
C SER F 271 -13.26 -54.57 -35.26
N GLY F 272 -13.54 -53.28 -35.18
CA GLY F 272 -14.04 -52.51 -36.31
C GLY F 272 -13.65 -51.06 -36.16
N LEU F 273 -13.23 -50.45 -37.26
CA LEU F 273 -12.82 -49.06 -37.26
C LEU F 273 -13.46 -48.31 -38.46
N ASP F 274 -13.92 -47.07 -38.23
CA ASP F 274 -14.48 -46.19 -39.26
C ASP F 274 -13.64 -44.92 -39.25
N ILE F 275 -13.10 -44.51 -40.39
CA ILE F 275 -12.36 -43.25 -40.53
C ILE F 275 -13.26 -42.36 -41.43
N MET F 276 -14.12 -41.54 -40.82
CA MET F 276 -15.13 -40.78 -41.54
C MET F 276 -14.97 -39.25 -41.69
N GLU F 277 -15.65 -38.71 -42.73
CA GLU F 277 -15.87 -37.30 -42.99
C GLU F 277 -14.69 -36.50 -43.49
N VAL F 278 -13.65 -37.15 -44.02
CA VAL F 278 -12.54 -36.43 -44.64
C VAL F 278 -13.06 -35.91 -46.00
N ASN F 279 -13.04 -34.59 -46.21
CA ASN F 279 -13.53 -34.03 -47.49
C ASN F 279 -12.40 -33.28 -48.14
N PRO F 280 -11.73 -33.89 -49.13
CA PRO F 280 -10.60 -33.19 -49.78
C PRO F 280 -10.95 -31.96 -50.64
N SER F 281 -12.24 -31.63 -50.83
CA SER F 281 -12.61 -30.42 -51.56
C SER F 281 -12.99 -29.24 -50.63
N LEU F 282 -12.80 -29.38 -49.30
CA LEU F 282 -13.12 -28.31 -48.34
C LEU F 282 -11.94 -27.66 -47.64
N GLY F 283 -10.73 -27.88 -48.15
CA GLY F 283 -9.56 -27.22 -47.58
C GLY F 283 -9.46 -25.81 -48.13
N LYS F 284 -9.21 -24.81 -47.26
CA LYS F 284 -9.01 -23.41 -47.71
C LYS F 284 -7.81 -23.34 -48.70
N THR F 285 -6.80 -24.20 -48.46
CA THR F 285 -5.59 -24.36 -49.27
C THR F 285 -5.34 -25.86 -49.49
N PRO F 286 -4.40 -26.23 -50.40
CA PRO F 286 -4.06 -27.66 -50.52
C PRO F 286 -3.41 -28.17 -49.23
N GLU F 287 -2.71 -27.28 -48.48
CA GLU F 287 -2.04 -27.64 -47.22
C GLU F 287 -3.04 -28.13 -46.18
N GLU F 288 -4.24 -27.55 -46.15
CA GLU F 288 -5.27 -27.98 -45.22
C GLU F 288 -5.77 -29.37 -45.53
N VAL F 289 -5.83 -29.74 -46.83
CA VAL F 289 -6.22 -31.11 -47.20
C VAL F 289 -5.12 -32.04 -46.76
N THR F 290 -3.84 -31.77 -47.12
CA THR F 290 -2.72 -32.62 -46.71
C THR F 290 -2.64 -32.78 -45.20
N ARG F 291 -2.94 -31.74 -44.44
CA ARG F 291 -2.93 -31.81 -42.98
C ARG F 291 -4.01 -32.74 -42.47
N THR F 292 -5.22 -32.64 -43.07
CA THR F 292 -6.36 -33.45 -42.69
C THR F 292 -6.13 -34.91 -42.96
N VAL F 293 -5.64 -35.21 -44.19
CA VAL F 293 -5.35 -36.59 -44.60
C VAL F 293 -4.21 -37.18 -43.75
N ASN F 294 -3.14 -36.40 -43.53
CA ASN F 294 -2.02 -36.87 -42.72
C ASN F 294 -2.47 -37.17 -41.29
N THR F 295 -3.35 -36.32 -40.72
CA THR F 295 -3.86 -36.57 -39.36
C THR F 295 -4.69 -37.86 -39.33
N ALA F 296 -5.61 -38.03 -40.31
CA ALA F 296 -6.45 -39.25 -40.40
C ALA F 296 -5.64 -40.54 -40.58
N VAL F 297 -4.53 -40.47 -41.35
CA VAL F 297 -3.62 -41.60 -41.53
C VAL F 297 -2.95 -41.85 -40.17
N ALA F 298 -2.42 -40.81 -39.51
CA ALA F 298 -1.74 -40.99 -38.22
C ALA F 298 -2.66 -41.62 -37.18
N ILE F 299 -3.93 -41.20 -37.14
CA ILE F 299 -4.95 -41.78 -36.24
C ILE F 299 -5.17 -43.26 -36.54
N THR F 300 -5.30 -43.58 -37.82
CA THR F 300 -5.48 -44.97 -38.27
C THR F 300 -4.28 -45.83 -37.89
N LEU F 301 -3.05 -45.36 -38.15
CA LEU F 301 -1.83 -46.13 -37.80
C LEU F 301 -1.75 -46.45 -36.32
N ALA F 302 -2.14 -45.50 -35.45
CA ALA F 302 -2.17 -45.69 -33.99
C ALA F 302 -3.14 -46.82 -33.61
N CYS F 303 -4.33 -46.91 -34.28
CA CYS F 303 -5.30 -48.01 -34.03
C CYS F 303 -4.67 -49.37 -34.24
N PHE F 304 -3.69 -49.46 -35.15
CA PHE F 304 -3.09 -50.76 -35.48
C PHE F 304 -1.68 -50.94 -34.91
N GLY F 305 -1.34 -50.20 -33.85
CA GLY F 305 -0.10 -50.45 -33.13
C GLY F 305 1.04 -49.46 -33.17
N LEU F 306 0.95 -48.44 -34.05
CA LEU F 306 2.02 -47.45 -34.11
C LEU F 306 2.04 -46.62 -32.81
N ALA F 307 3.15 -46.69 -32.08
CA ALA F 307 3.27 -46.04 -30.78
C ALA F 307 4.27 -44.90 -30.80
N ARG F 308 3.93 -43.80 -30.12
CA ARG F 308 4.83 -42.67 -30.06
C ARG F 308 6.12 -42.99 -29.30
N GLU F 309 6.07 -43.94 -28.34
CA GLU F 309 7.30 -44.33 -27.63
C GLU F 309 8.27 -45.11 -28.54
N GLY F 310 7.76 -45.69 -29.63
CA GLY F 310 8.55 -46.46 -30.57
C GLY F 310 7.98 -47.85 -30.79
N ASN F 311 8.43 -48.51 -31.86
CA ASN F 311 8.03 -49.86 -32.23
C ASN F 311 9.24 -50.65 -32.66
N HIS F 312 9.29 -51.95 -32.37
CA HIS F 312 10.37 -52.81 -32.85
C HIS F 312 9.89 -54.25 -33.01
N LYS F 313 10.51 -54.99 -33.93
CA LYS F 313 10.21 -56.42 -34.18
C LYS F 313 10.77 -57.29 -33.02
N PRO F 314 10.33 -58.57 -32.83
CA PRO F 314 10.89 -59.36 -31.72
C PRO F 314 12.29 -59.95 -31.95
N ILE F 315 13.25 -59.11 -32.38
CA ILE F 315 14.65 -59.47 -32.69
C ILE F 315 15.65 -58.65 -31.85
N ASP F 316 16.88 -59.15 -31.72
CA ASP F 316 17.92 -58.45 -30.96
C ASP F 316 18.62 -57.50 -31.91
N TYR F 317 18.31 -56.20 -31.79
CA TYR F 317 18.85 -55.13 -32.64
C TYR F 317 20.33 -54.85 -32.42
N LEU F 318 20.87 -55.20 -31.24
CA LEU F 318 22.27 -55.00 -30.93
C LEU F 318 23.17 -56.13 -31.47
N ASN F 319 22.60 -57.33 -31.68
CA ASN F 319 23.31 -58.48 -32.23
C ASN F 319 22.42 -59.16 -33.27
N PRO F 320 22.33 -58.61 -34.49
CA PRO F 320 21.45 -59.22 -35.51
C PRO F 320 22.09 -60.42 -36.20
#